data_6TXZ
#
_entry.id   6TXZ
#
_cell.length_a   119.350
_cell.length_b   270.115
_cell.length_c   197.889
_cell.angle_alpha   90.000
_cell.angle_beta   90.000
_cell.angle_gamma   90.000
#
_symmetry.space_group_name_H-M   'C 2 2 21'
#
loop_
_entity.id
_entity.type
_entity.pdbx_description
1 polymer 'Hepatitis A virus cellular receptor 2'
2 polymer 'Fab H'
3 polymer 'Fab L'
#
loop_
_entity_poly.entity_id
_entity_poly.type
_entity_poly.pdbx_seq_one_letter_code
_entity_poly.pdbx_strand_id
1 'polypeptide(L)'
;MSEVEYRAEVGQNAYLPCFYTPAAPGNLVPVCWGKGACPVFECGNVVLRTDERDVNYWTSRYWLNGDFRKGDVSLTIENV
TLADSGIYCCRIQIPGIMNDEKFNLKLVIK
;
A,B,C,D
2 'polypeptide(L)'
;EVQLVESGGGLVQPGGSLRLSCAASGFTFSSYAMSWVRQAPGKGLEWVSAISVSGGSTYYADSVKGRFTISRDNSKNTLY
LQMNSLRAEDTAVYYCAKANWGFFDYWGQGTLVTVSSASTKGPSVFPLAPSSKSTSGGTAALGCLVKDYFPEPVTVSWNS
GALTSGVHTFPAVLQSSGLYSLSSVVTVPSSSLGTQTYICNVNHKPSNTKVDKKVEPKSCAAAHHHHHH
;
H,I,J,K
3 'polypeptide(L)'
;QSALTQPRSVSGSPGQSVTISCTGTSSDVGGYNYVSWYQQHPGKAPKLMIYDVSKRPSGVPDRFSGSKSGNTASLTISGL
QAEDEADYYCSSYADSVVFGGGTKVTVLGQPKAAPSVTLFPPSSEELQANKATLVCLISDFYPGAVTVAWKADSSPVKAG
VETTTPSKQSNNKYAASSYLSLTPEQWKSHKSYSCQVTHEGSTVEKTVAPTECS
;
L,M,N,O
#
# COMPACT_ATOMS: atom_id res chain seq x y z
N SER A 2 11.93 -18.61 -31.13
CA SER A 2 12.17 -17.17 -30.92
C SER A 2 13.58 -16.88 -30.35
N GLU A 3 14.23 -15.78 -30.83
CA GLU A 3 15.55 -15.31 -30.38
C GLU A 3 15.57 -14.80 -28.92
N VAL A 4 14.42 -14.87 -28.22
CA VAL A 4 14.20 -14.37 -26.88
C VAL A 4 15.04 -15.09 -25.80
N GLU A 5 15.86 -14.29 -25.12
CA GLU A 5 16.74 -14.74 -24.07
C GLU A 5 16.49 -13.90 -22.81
N TYR A 6 16.92 -14.46 -21.68
CA TYR A 6 16.91 -13.84 -20.38
C TYR A 6 18.32 -14.02 -19.87
N ARG A 7 18.97 -12.91 -19.53
CA ARG A 7 20.39 -12.92 -19.17
C ARG A 7 20.69 -12.61 -17.71
N ALA A 8 21.89 -13.02 -17.26
CA ALA A 8 22.41 -12.85 -15.91
C ALA A 8 23.91 -13.14 -15.90
N GLU A 9 24.63 -12.40 -15.07
CA GLU A 9 26.06 -12.65 -14.86
C GLU A 9 26.12 -13.57 -13.64
N VAL A 10 27.17 -14.42 -13.57
CA VAL A 10 27.39 -15.35 -12.43
C VAL A 10 27.33 -14.53 -11.13
N GLY A 11 26.44 -14.93 -10.23
CA GLY A 11 26.27 -14.25 -8.94
C GLY A 11 24.96 -13.49 -8.80
N GLN A 12 24.43 -12.95 -9.94
CA GLN A 12 23.18 -12.19 -9.96
C GLN A 12 21.99 -13.15 -9.80
N ASN A 13 20.79 -12.59 -9.70
CA ASN A 13 19.57 -13.38 -9.64
C ASN A 13 19.01 -13.38 -11.07
N ALA A 14 18.50 -14.52 -11.56
CA ALA A 14 17.93 -14.59 -12.89
C ALA A 14 16.43 -14.39 -12.75
N TYR A 15 15.83 -13.68 -13.69
CA TYR A 15 14.40 -13.40 -13.63
C TYR A 15 13.76 -13.85 -14.93
N LEU A 16 13.07 -15.02 -14.89
CA LEU A 16 12.37 -15.61 -16.03
C LEU A 16 10.86 -15.37 -15.86
N PRO A 17 10.18 -14.74 -16.83
CA PRO A 17 8.77 -14.38 -16.64
C PRO A 17 7.75 -15.42 -17.05
N CYS A 18 6.62 -15.46 -16.34
CA CYS A 18 5.55 -16.40 -16.67
C CYS A 18 4.23 -15.91 -16.13
N PHE A 19 3.22 -15.88 -16.99
CA PHE A 19 1.93 -15.35 -16.57
C PHE A 19 0.72 -16.08 -17.13
N TYR A 20 -0.38 -16.01 -16.35
CA TYR A 20 -1.71 -16.48 -16.69
C TYR A 20 -2.75 -15.54 -16.08
N THR A 21 -3.99 -15.62 -16.57
CA THR A 21 -5.07 -14.82 -16.02
C THR A 21 -6.13 -15.78 -15.46
N PRO A 22 -6.31 -15.84 -14.10
CA PRO A 22 -7.33 -16.72 -13.52
C PRO A 22 -8.74 -16.40 -14.07
N ALA A 23 -9.49 -17.48 -14.46
CA ALA A 23 -10.83 -17.41 -15.02
C ALA A 23 -11.79 -16.60 -14.17
N ALA A 24 -11.53 -16.59 -12.85
CA ALA A 24 -12.26 -15.88 -11.82
C ALA A 24 -11.25 -15.48 -10.76
N PRO A 25 -11.48 -14.38 -9.98
CA PRO A 25 -10.53 -14.04 -8.91
C PRO A 25 -10.50 -15.14 -7.84
N GLY A 26 -9.30 -15.55 -7.45
CA GLY A 26 -9.14 -16.61 -6.47
C GLY A 26 -8.96 -17.99 -7.06
N ASN A 27 -9.41 -18.26 -8.31
CA ASN A 27 -9.24 -19.59 -8.94
C ASN A 27 -7.82 -19.69 -9.47
N LEU A 28 -6.91 -20.31 -8.70
CA LEU A 28 -5.53 -20.47 -9.17
C LEU A 28 -5.44 -21.70 -10.08
N VAL A 29 -4.51 -21.71 -11.04
CA VAL A 29 -4.30 -22.88 -11.88
C VAL A 29 -2.95 -23.45 -11.44
N PRO A 30 -2.80 -24.80 -11.31
CA PRO A 30 -1.50 -25.36 -10.87
C PRO A 30 -0.41 -25.02 -11.87
N VAL A 31 0.76 -24.67 -11.38
CA VAL A 31 1.87 -24.28 -12.25
C VAL A 31 3.12 -25.06 -11.84
N CYS A 32 3.95 -25.44 -12.80
CA CYS A 32 5.22 -26.04 -12.43
C CYS A 32 6.37 -25.43 -13.23
N TRP A 33 7.56 -25.42 -12.62
CA TRP A 33 8.79 -24.92 -13.21
C TRP A 33 9.80 -26.05 -13.17
N GLY A 34 10.53 -26.21 -14.25
CA GLY A 34 11.56 -27.22 -14.31
C GLY A 34 12.66 -26.82 -15.24
N LYS A 35 13.86 -27.42 -15.05
CA LYS A 35 15.03 -27.17 -15.89
C LYS A 35 14.94 -28.10 -17.11
N GLY A 36 14.82 -27.49 -18.30
CA GLY A 36 14.68 -28.19 -19.57
C GLY A 36 13.30 -27.93 -20.13
N ALA A 37 13.16 -28.02 -21.47
CA ALA A 37 11.92 -27.76 -22.18
C ALA A 37 10.70 -28.60 -21.71
N CYS A 38 9.47 -28.07 -21.84
CA CYS A 38 8.28 -28.77 -21.37
C CYS A 38 8.07 -30.13 -22.04
N PRO A 39 8.01 -31.21 -21.22
CA PRO A 39 7.76 -32.56 -21.77
C PRO A 39 6.25 -32.87 -21.99
N VAL A 40 5.82 -34.18 -22.13
CA VAL A 40 4.39 -34.56 -22.33
C VAL A 40 3.53 -33.92 -21.29
N PHE A 41 3.92 -34.11 -20.02
CA PHE A 41 3.22 -33.58 -18.87
C PHE A 41 4.17 -33.23 -17.78
N GLU A 42 3.70 -32.36 -16.84
CA GLU A 42 4.47 -31.88 -15.71
C GLU A 42 5.77 -31.22 -16.17
N CYS A 43 6.78 -31.17 -15.31
CA CYS A 43 8.04 -30.49 -15.58
C CYS A 43 9.23 -31.40 -15.55
N GLY A 44 10.09 -31.20 -16.53
CA GLY A 44 11.34 -31.94 -16.59
C GLY A 44 12.23 -31.33 -15.54
N ASN A 45 12.75 -32.18 -14.63
CA ASN A 45 13.64 -31.82 -13.52
C ASN A 45 13.07 -30.64 -12.74
N VAL A 46 11.85 -30.82 -12.17
CA VAL A 46 11.05 -29.86 -11.39
C VAL A 46 11.89 -29.14 -10.36
N VAL A 47 11.64 -27.84 -10.18
CA VAL A 47 12.29 -27.01 -9.16
C VAL A 47 11.20 -26.35 -8.27
N LEU A 48 9.98 -26.22 -8.80
CA LEU A 48 8.86 -25.58 -8.12
C LEU A 48 7.54 -26.01 -8.71
N ARG A 49 6.52 -26.14 -7.85
CA ARG A 49 5.16 -26.55 -8.23
C ARG A 49 4.10 -25.92 -7.31
N THR A 50 2.99 -25.51 -7.90
CA THR A 50 1.85 -24.95 -7.18
C THR A 50 0.62 -25.77 -7.53
N ASP A 51 -0.43 -25.64 -6.74
CA ASP A 51 -1.70 -26.26 -7.01
C ASP A 51 -2.78 -25.14 -7.11
N GLU A 52 -4.05 -25.53 -6.91
CA GLU A 52 -5.21 -24.67 -6.94
C GLU A 52 -5.32 -23.85 -5.65
N ARG A 53 -4.50 -24.21 -4.59
CA ARG A 53 -4.41 -23.52 -3.29
C ARG A 53 -3.11 -22.68 -3.19
N ASP A 54 -1.93 -23.36 -3.09
CA ASP A 54 -0.63 -22.68 -2.86
C ASP A 54 0.54 -23.48 -3.49
N VAL A 55 1.77 -23.32 -2.97
CA VAL A 55 2.99 -23.95 -3.46
C VAL A 55 3.14 -25.33 -2.81
N ASN A 56 3.06 -26.41 -3.59
CA ASN A 56 3.19 -27.75 -3.02
C ASN A 56 4.66 -28.30 -3.04
N TYR A 57 5.49 -27.93 -4.03
CA TYR A 57 6.89 -28.37 -4.12
C TYR A 57 7.76 -27.16 -4.31
N TRP A 58 8.79 -27.08 -3.49
CA TRP A 58 9.73 -25.96 -3.58
C TRP A 58 11.17 -26.42 -3.46
N THR A 59 12.07 -25.58 -4.00
CA THR A 59 13.50 -25.81 -3.92
C THR A 59 14.18 -24.48 -3.62
N SER A 60 15.27 -24.53 -2.86
CA SER A 60 16.04 -23.33 -2.53
C SER A 60 16.65 -22.71 -3.80
N ARG A 61 16.64 -21.37 -3.83
CA ARG A 61 17.10 -20.49 -4.93
C ARG A 61 15.99 -20.25 -5.92
N TYR A 62 15.07 -21.21 -6.10
CA TYR A 62 13.98 -21.07 -7.06
C TYR A 62 12.67 -20.64 -6.34
N TRP A 63 12.28 -19.34 -6.47
CA TRP A 63 11.11 -18.73 -5.81
C TRP A 63 10.13 -17.99 -6.75
N LEU A 64 8.84 -17.96 -6.35
CA LEU A 64 7.80 -17.20 -7.05
C LEU A 64 7.60 -15.95 -6.19
N ASN A 65 8.33 -14.88 -6.53
CA ASN A 65 8.29 -13.69 -5.69
C ASN A 65 7.28 -12.63 -6.17
N GLY A 66 6.56 -12.94 -7.24
CA GLY A 66 5.52 -12.05 -7.79
C GLY A 66 4.19 -12.36 -7.12
N ASP A 67 3.10 -11.70 -7.55
CA ASP A 67 1.81 -12.06 -6.97
C ASP A 67 1.30 -13.28 -7.76
N PHE A 68 1.72 -14.49 -7.32
CA PHE A 68 1.32 -15.72 -7.98
C PHE A 68 -0.18 -15.96 -7.87
N ARG A 69 -0.78 -15.36 -6.84
CA ARG A 69 -2.21 -15.45 -6.61
C ARG A 69 -2.99 -14.70 -7.67
N LYS A 70 -2.32 -13.76 -8.37
CA LYS A 70 -2.97 -12.96 -9.41
C LYS A 70 -2.53 -13.40 -10.83
N GLY A 71 -1.83 -14.53 -10.91
CA GLY A 71 -1.39 -15.10 -12.19
C GLY A 71 0.04 -14.83 -12.55
N ASP A 72 0.78 -14.07 -11.69
CA ASP A 72 2.22 -13.77 -11.90
C ASP A 72 3.10 -14.87 -11.31
N VAL A 73 3.30 -15.93 -12.12
CA VAL A 73 4.11 -17.07 -11.73
C VAL A 73 5.59 -16.95 -12.24
N SER A 74 6.13 -15.70 -12.38
CA SER A 74 7.52 -15.48 -12.80
C SER A 74 8.49 -16.04 -11.74
N LEU A 75 9.58 -16.67 -12.23
CA LEU A 75 10.61 -17.30 -11.39
C LEU A 75 11.81 -16.39 -11.14
N THR A 76 12.41 -16.59 -9.95
CA THR A 76 13.61 -15.92 -9.46
C THR A 76 14.60 -17.04 -9.09
N ILE A 77 15.76 -17.08 -9.78
CA ILE A 77 16.79 -18.07 -9.47
C ILE A 77 17.86 -17.24 -8.80
N GLU A 78 18.04 -17.39 -7.49
CA GLU A 78 19.04 -16.54 -6.86
C GLU A 78 20.44 -17.16 -6.93
N ASN A 79 21.48 -16.28 -6.93
CA ASN A 79 22.90 -16.60 -7.02
C ASN A 79 23.16 -17.67 -8.08
N VAL A 80 23.14 -17.25 -9.35
CA VAL A 80 23.31 -18.12 -10.52
C VAL A 80 24.79 -18.51 -10.75
N THR A 81 24.96 -19.72 -11.32
CA THR A 81 26.25 -20.30 -11.73
C THR A 81 26.11 -20.59 -13.22
N LEU A 82 27.24 -20.83 -13.92
CA LEU A 82 27.20 -21.16 -15.34
C LEU A 82 26.37 -22.41 -15.62
N ALA A 83 26.19 -23.26 -14.59
CA ALA A 83 25.41 -24.50 -14.59
C ALA A 83 23.91 -24.26 -14.76
N ASP A 84 23.45 -23.06 -14.36
CA ASP A 84 22.05 -22.64 -14.45
C ASP A 84 21.59 -22.26 -15.86
N SER A 85 22.55 -22.01 -16.79
CA SER A 85 22.26 -21.69 -18.19
C SER A 85 21.41 -22.79 -18.79
N GLY A 86 20.47 -22.41 -19.65
CA GLY A 86 19.63 -23.36 -20.37
C GLY A 86 18.17 -23.00 -20.48
N ILE A 87 17.38 -23.95 -21.00
CA ILE A 87 15.94 -23.75 -21.16
C ILE A 87 15.26 -24.13 -19.87
N TYR A 88 14.19 -23.41 -19.53
CA TYR A 88 13.37 -23.60 -18.34
C TYR A 88 11.94 -23.70 -18.77
N CYS A 89 11.21 -24.64 -18.19
CA CYS A 89 9.82 -24.85 -18.50
C CYS A 89 8.94 -24.21 -17.46
N CYS A 90 7.93 -23.49 -17.92
CA CYS A 90 6.87 -22.96 -17.08
C CYS A 90 5.58 -23.50 -17.68
N ARG A 91 4.97 -24.45 -16.97
CA ARG A 91 3.76 -25.12 -17.40
C ARG A 91 2.57 -24.55 -16.62
N ILE A 92 1.64 -23.89 -17.35
CA ILE A 92 0.43 -23.35 -16.75
C ILE A 92 -0.63 -24.45 -16.98
N GLN A 93 -0.99 -25.15 -15.92
CA GLN A 93 -1.90 -26.28 -16.04
C GLN A 93 -3.36 -25.87 -16.00
N ILE A 94 -3.78 -25.17 -17.07
CA ILE A 94 -5.17 -24.76 -17.30
C ILE A 94 -6.00 -26.06 -17.18
N PRO A 95 -7.01 -26.04 -16.26
CA PRO A 95 -7.82 -27.25 -16.03
C PRO A 95 -8.46 -27.85 -17.26
N GLY A 96 -8.58 -29.17 -17.24
CA GLY A 96 -9.21 -29.92 -18.32
C GLY A 96 -8.28 -30.71 -19.22
N ILE A 97 -8.92 -31.36 -20.21
CA ILE A 97 -8.30 -32.23 -21.19
C ILE A 97 -7.40 -31.48 -22.18
N MET A 98 -6.07 -31.62 -21.98
CA MET A 98 -4.98 -31.11 -22.84
C MET A 98 -5.10 -29.63 -23.20
N ASN A 99 -5.15 -28.79 -22.16
CA ASN A 99 -5.36 -27.34 -22.16
C ASN A 99 -4.13 -26.57 -21.71
N ASP A 100 -3.05 -27.28 -21.38
CA ASP A 100 -1.87 -26.66 -20.79
C ASP A 100 -1.14 -25.67 -21.67
N GLU A 101 -0.67 -24.58 -21.05
CA GLU A 101 0.12 -23.53 -21.68
C GLU A 101 1.59 -23.80 -21.32
N LYS A 102 2.35 -24.33 -22.30
CA LYS A 102 3.77 -24.65 -22.12
C LYS A 102 4.68 -23.47 -22.54
N PHE A 103 5.48 -22.90 -21.60
CA PHE A 103 6.41 -21.80 -21.90
C PHE A 103 7.87 -22.22 -21.71
N ASN A 104 8.64 -22.22 -22.81
CA ASN A 104 10.06 -22.52 -22.75
C ASN A 104 10.80 -21.19 -22.71
N LEU A 105 11.64 -20.98 -21.67
CA LEU A 105 12.36 -19.73 -21.45
C LEU A 105 13.85 -19.95 -21.44
N LYS A 106 14.59 -19.23 -22.28
CA LYS A 106 16.06 -19.38 -22.42
C LYS A 106 16.83 -18.48 -21.47
N LEU A 107 17.59 -19.10 -20.55
CA LEU A 107 18.43 -18.41 -19.60
C LEU A 107 19.89 -18.54 -20.04
N VAL A 108 20.60 -17.39 -20.10
CA VAL A 108 21.99 -17.33 -20.50
C VAL A 108 22.87 -16.71 -19.40
N ILE A 109 23.76 -17.52 -18.81
CA ILE A 109 24.69 -17.10 -17.75
C ILE A 109 26.11 -16.83 -18.34
N LYS A 110 26.76 -15.73 -17.89
CA LYS A 110 28.08 -15.29 -18.34
C LYS A 110 29.01 -14.92 -17.17
N SER B 2 9.91 -4.54 -7.03
CA SER B 2 10.62 -5.81 -7.21
C SER B 2 12.02 -5.62 -7.80
N GLU B 3 13.02 -6.43 -7.33
CA GLU B 3 14.42 -6.40 -7.80
C GLU B 3 14.59 -6.97 -9.24
N VAL B 4 13.46 -7.25 -9.91
CA VAL B 4 13.39 -7.81 -11.26
C VAL B 4 13.99 -6.90 -12.34
N GLU B 5 15.01 -7.43 -13.02
CA GLU B 5 15.72 -6.79 -14.10
C GLU B 5 15.71 -7.63 -15.33
N TYR B 6 15.94 -6.98 -16.48
CA TYR B 6 16.09 -7.57 -17.80
C TYR B 6 17.42 -7.00 -18.31
N ARG B 7 18.34 -7.90 -18.69
CA ARG B 7 19.70 -7.52 -19.05
C ARG B 7 20.04 -7.71 -20.54
N ALA B 8 21.06 -6.96 -21.00
CA ALA B 8 21.60 -6.94 -22.37
C ALA B 8 22.94 -6.25 -22.40
N GLU B 9 23.84 -6.74 -23.25
CA GLU B 9 25.13 -6.12 -23.46
C GLU B 9 24.94 -5.17 -24.64
N VAL B 10 25.72 -4.06 -24.69
CA VAL B 10 25.66 -3.09 -25.78
C VAL B 10 25.82 -3.85 -27.12
N GLY B 11 24.87 -3.67 -28.03
CA GLY B 11 24.87 -4.34 -29.33
C GLY B 11 23.81 -5.42 -29.48
N GLN B 12 23.47 -6.11 -28.37
CA GLN B 12 22.43 -7.17 -28.35
C GLN B 12 21.04 -6.54 -28.49
N ASN B 13 20.02 -7.40 -28.60
CA ASN B 13 18.63 -6.99 -28.62
C ASN B 13 18.09 -7.18 -27.20
N ALA B 14 17.31 -6.24 -26.68
CA ALA B 14 16.77 -6.36 -25.32
C ALA B 14 15.38 -6.97 -25.44
N TYR B 15 15.03 -7.87 -24.52
CA TYR B 15 13.73 -8.53 -24.57
C TYR B 15 13.01 -8.33 -23.25
N LEU B 16 12.03 -7.39 -23.23
CA LEU B 16 11.21 -7.04 -22.08
C LEU B 16 9.83 -7.70 -22.27
N PRO B 17 9.37 -8.53 -21.30
CA PRO B 17 8.11 -9.26 -21.50
C PRO B 17 6.83 -8.56 -21.06
N CYS B 18 5.72 -8.80 -21.78
CA CYS B 18 4.43 -8.23 -21.43
C CYS B 18 3.31 -9.07 -21.98
N PHE B 19 2.35 -9.43 -21.12
CA PHE B 19 1.28 -10.31 -21.56
C PHE B 19 -0.10 -10.00 -20.99
N TYR B 20 -1.12 -10.36 -21.78
CA TYR B 20 -2.53 -10.33 -21.44
C TYR B 20 -3.20 -11.52 -22.12
N THR B 21 -4.37 -11.89 -21.65
CA THR B 21 -5.09 -13.01 -22.24
C THR B 21 -6.40 -12.44 -22.77
N PRO B 22 -6.59 -12.39 -24.12
CA PRO B 22 -7.87 -11.88 -24.66
C PRO B 22 -9.06 -12.72 -24.18
N ALA B 23 -10.15 -12.06 -23.72
CA ALA B 23 -11.37 -12.69 -23.20
C ALA B 23 -11.93 -13.76 -24.14
N ALA B 24 -11.64 -13.62 -25.42
CA ALA B 24 -12.02 -14.52 -26.51
C ALA B 24 -10.98 -14.31 -27.62
N PRO B 25 -10.73 -15.28 -28.51
CA PRO B 25 -9.79 -15.03 -29.63
C PRO B 25 -10.25 -13.86 -30.52
N GLY B 26 -9.31 -12.97 -30.88
CA GLY B 26 -9.59 -11.80 -31.71
C GLY B 26 -9.96 -10.58 -30.90
N ASN B 27 -10.48 -10.81 -29.67
CA ASN B 27 -10.90 -9.81 -28.69
C ASN B 27 -9.64 -9.13 -28.10
N LEU B 28 -8.99 -8.25 -28.91
CA LEU B 28 -7.76 -7.53 -28.55
C LEU B 28 -8.02 -6.24 -27.81
N VAL B 29 -7.07 -5.83 -26.93
CA VAL B 29 -7.14 -4.56 -26.17
C VAL B 29 -6.00 -3.62 -26.61
N PRO B 30 -6.13 -2.27 -26.43
CA PRO B 30 -5.04 -1.37 -26.81
C PRO B 30 -3.89 -1.46 -25.82
N VAL B 31 -2.66 -1.43 -26.32
CA VAL B 31 -1.46 -1.54 -25.49
C VAL B 31 -0.51 -0.40 -25.86
N CYS B 32 0.20 0.17 -24.89
CA CYS B 32 1.25 1.12 -25.22
C CYS B 32 2.54 0.80 -24.45
N TRP B 33 3.69 1.14 -25.07
CA TRP B 33 5.01 0.99 -24.50
C TRP B 33 5.66 2.36 -24.46
N GLY B 34 6.34 2.67 -23.38
CA GLY B 34 7.06 3.94 -23.29
C GLY B 34 8.31 3.82 -22.44
N LYS B 35 9.25 4.76 -22.61
CA LYS B 35 10.47 4.81 -21.83
C LYS B 35 10.14 5.60 -20.55
N GLY B 36 10.23 4.92 -19.40
CA GLY B 36 9.89 5.47 -18.09
C GLY B 36 8.66 4.78 -17.53
N ALA B 37 8.56 4.73 -16.18
CA ALA B 37 7.48 4.04 -15.46
C ALA B 37 6.08 4.48 -15.87
N CYS B 38 5.07 3.62 -15.72
CA CYS B 38 3.71 3.98 -16.13
C CYS B 38 3.15 5.18 -15.36
N PRO B 39 2.80 6.28 -16.09
CA PRO B 39 2.25 7.46 -15.43
C PRO B 39 0.73 7.31 -15.13
N VAL B 40 0.00 8.45 -14.85
CA VAL B 40 -1.44 8.42 -14.55
C VAL B 40 -2.18 7.67 -15.62
N PHE B 41 -1.93 8.03 -16.89
CA PHE B 41 -2.54 7.45 -18.07
C PHE B 41 -1.60 7.44 -19.23
N GLU B 42 -1.86 6.57 -20.23
CA GLU B 42 -1.03 6.41 -21.42
C GLU B 42 0.42 6.07 -21.05
N CYS B 43 1.36 6.38 -21.95
CA CYS B 43 2.75 6.04 -21.77
C CYS B 43 3.64 7.21 -21.77
N GLY B 44 4.58 7.19 -20.86
CA GLY B 44 5.59 8.23 -20.77
C GLY B 44 6.57 7.98 -21.88
N ASN B 45 6.78 9.00 -22.75
CA ASN B 45 7.69 8.97 -23.90
C ASN B 45 7.48 7.71 -24.75
N VAL B 46 6.24 7.57 -25.26
CA VAL B 46 5.74 6.45 -26.08
C VAL B 46 6.72 6.05 -27.16
N VAL B 47 6.87 4.74 -27.37
CA VAL B 47 7.72 4.16 -28.42
C VAL B 47 6.88 3.27 -29.33
N LEU B 48 5.76 2.76 -28.81
CA LEU B 48 4.87 1.84 -29.52
C LEU B 48 3.48 1.85 -28.93
N ARG B 49 2.47 1.70 -29.80
CA ARG B 49 1.05 1.66 -29.42
C ARG B 49 0.24 0.78 -30.36
N THR B 50 -0.73 0.04 -29.80
CA THR B 50 -1.66 -0.83 -30.54
C THR B 50 -3.10 -0.42 -30.20
N ASP B 51 -4.06 -0.87 -31.02
CA ASP B 51 -5.47 -0.69 -30.79
C ASP B 51 -6.07 -2.10 -30.64
N GLU B 52 -7.15 -2.45 -31.35
CA GLU B 52 -7.73 -3.78 -31.25
C GLU B 52 -7.68 -4.52 -32.57
N ARG B 53 -7.09 -3.87 -33.58
CA ARG B 53 -6.90 -4.44 -34.91
C ARG B 53 -5.42 -4.66 -35.15
N ASP B 54 -4.60 -3.58 -35.12
CA ASP B 54 -3.15 -3.64 -35.33
C ASP B 54 -2.38 -2.66 -34.42
N VAL B 55 -1.18 -2.24 -34.87
CA VAL B 55 -0.25 -1.31 -34.26
C VAL B 55 -0.47 0.07 -34.91
N ASN B 56 -0.86 1.09 -34.12
CA ASN B 56 -1.05 2.45 -34.64
C ASN B 56 0.32 3.09 -34.76
N TYR B 57 0.96 3.29 -33.60
CA TYR B 57 2.22 4.02 -33.45
C TYR B 57 3.42 3.10 -33.27
N TRP B 58 4.49 3.35 -34.04
CA TRP B 58 5.72 2.57 -34.00
C TRP B 58 6.92 3.45 -34.25
N THR B 59 8.04 3.10 -33.62
CA THR B 59 9.33 3.81 -33.74
C THR B 59 10.40 2.82 -34.21
N SER B 60 11.51 3.35 -34.78
CA SER B 60 12.67 2.57 -35.20
C SER B 60 13.28 1.91 -33.95
N ARG B 61 13.71 0.62 -34.10
CA ARG B 61 14.34 -0.21 -33.06
C ARG B 61 13.36 -0.92 -32.11
N TYR B 62 12.18 -0.32 -31.84
CA TYR B 62 11.18 -0.88 -30.90
C TYR B 62 10.13 -1.72 -31.66
N TRP B 63 10.06 -3.07 -31.41
CA TRP B 63 9.12 -3.98 -32.08
C TRP B 63 8.38 -4.97 -31.16
N LEU B 64 7.18 -5.39 -31.60
CA LEU B 64 6.39 -6.42 -30.95
C LEU B 64 6.60 -7.63 -31.84
N ASN B 65 7.60 -8.47 -31.48
CA ASN B 65 7.96 -9.64 -32.29
C ASN B 65 7.27 -10.94 -31.87
N GLY B 66 6.49 -10.88 -30.78
CA GLY B 66 5.71 -12.02 -30.31
C GLY B 66 4.36 -12.07 -31.01
N ASP B 67 3.51 -13.05 -30.65
CA ASP B 67 2.18 -13.08 -31.24
C ASP B 67 1.31 -12.12 -30.44
N PHE B 68 1.31 -10.83 -30.81
CA PHE B 68 0.53 -9.81 -30.10
C PHE B 68 -0.96 -10.04 -30.26
N ARG B 69 -1.32 -10.74 -31.32
CA ARG B 69 -2.70 -11.10 -31.63
C ARG B 69 -3.22 -12.15 -30.64
N LYS B 70 -2.30 -12.84 -29.93
CA LYS B 70 -2.65 -13.85 -28.92
C LYS B 70 -2.37 -13.33 -27.49
N GLY B 71 -2.11 -12.02 -27.38
CA GLY B 71 -1.89 -11.39 -26.09
C GLY B 71 -0.45 -11.18 -25.69
N ASP B 72 0.53 -11.68 -26.51
CA ASP B 72 1.98 -11.52 -26.25
C ASP B 72 2.48 -10.20 -26.78
N VAL B 73 2.38 -9.16 -25.94
CA VAL B 73 2.82 -7.82 -26.32
C VAL B 73 4.28 -7.52 -25.82
N SER B 74 5.16 -8.56 -25.71
CA SER B 74 6.56 -8.39 -25.30
C SER B 74 7.32 -7.55 -26.33
N LEU B 75 8.18 -6.64 -25.83
CA LEU B 75 8.97 -5.72 -26.64
C LEU B 75 10.39 -6.24 -26.95
N THR B 76 10.91 -5.84 -28.10
CA THR B 76 12.25 -6.17 -28.59
C THR B 76 12.89 -4.84 -28.99
N ILE B 77 13.96 -4.44 -28.29
CA ILE B 77 14.69 -3.21 -28.59
C ILE B 77 15.96 -3.67 -29.32
N GLU B 78 16.13 -3.32 -30.62
CA GLU B 78 17.30 -3.85 -31.31
C GLU B 78 18.52 -2.95 -31.13
N ASN B 79 19.73 -3.55 -31.20
CA ASN B 79 21.07 -2.94 -31.08
C ASN B 79 21.14 -1.85 -30.00
N VAL B 80 21.02 -2.30 -28.75
CA VAL B 80 20.98 -1.44 -27.57
C VAL B 80 22.29 -0.66 -27.31
N THR B 81 22.15 0.52 -26.70
CA THR B 81 23.22 1.42 -26.28
C THR B 81 23.02 1.62 -24.79
N LEU B 82 24.04 2.13 -24.09
CA LEU B 82 23.93 2.39 -22.65
C LEU B 82 22.80 3.35 -22.31
N ALA B 83 22.39 4.17 -23.29
CA ALA B 83 21.30 5.15 -23.24
C ALA B 83 19.92 4.51 -23.11
N ASP B 84 19.79 3.22 -23.52
CA ASP B 84 18.56 2.47 -23.46
C ASP B 84 18.23 1.93 -22.08
N SER B 85 19.22 1.94 -21.16
CA SER B 85 19.06 1.50 -19.77
C SER B 85 17.95 2.31 -19.11
N GLY B 86 17.15 1.65 -18.28
CA GLY B 86 16.08 2.32 -17.55
C GLY B 86 14.79 1.55 -17.44
N ILE B 87 13.75 2.20 -16.90
CA ILE B 87 12.44 1.57 -16.74
C ILE B 87 11.66 1.78 -18.01
N TYR B 88 10.85 0.78 -18.37
CA TYR B 88 9.97 0.78 -19.54
C TYR B 88 8.57 0.44 -19.11
N CYS B 89 7.59 1.18 -19.63
CA CYS B 89 6.20 0.93 -19.30
C CYS B 89 5.53 0.08 -20.35
N CYS B 90 4.70 -0.87 -19.91
CA CYS B 90 3.83 -1.65 -20.78
C CYS B 90 2.44 -1.55 -20.15
N ARG B 91 1.56 -0.74 -20.79
CA ARG B 91 0.21 -0.47 -20.32
C ARG B 91 -0.80 -1.28 -21.12
N ILE B 92 -1.48 -2.22 -20.48
CA ILE B 92 -2.52 -3.05 -21.09
C ILE B 92 -3.83 -2.33 -20.77
N GLN B 93 -4.43 -1.66 -21.77
CA GLN B 93 -5.59 -0.81 -21.55
C GLN B 93 -6.90 -1.59 -21.58
N ILE B 94 -7.08 -2.43 -20.54
CA ILE B 94 -8.29 -3.21 -20.26
C ILE B 94 -9.43 -2.16 -20.21
N PRO B 95 -10.48 -2.36 -21.04
CA PRO B 95 -11.58 -1.37 -21.10
C PRO B 95 -12.24 -1.07 -19.76
N GLY B 96 -12.68 0.17 -19.62
CA GLY B 96 -13.38 0.62 -18.42
C GLY B 96 -12.63 1.53 -17.49
N ILE B 97 -13.31 1.93 -16.41
CA ILE B 97 -12.84 2.82 -15.37
C ILE B 97 -11.72 2.22 -14.53
N MET B 98 -10.48 2.74 -14.73
CA MET B 98 -9.25 2.42 -13.99
C MET B 98 -9.00 0.92 -13.81
N ASN B 99 -8.96 0.21 -14.96
CA ASN B 99 -8.81 -1.24 -15.12
C ASN B 99 -7.47 -1.59 -15.72
N ASP B 100 -6.67 -0.59 -16.06
CA ASP B 100 -5.41 -0.81 -16.76
C ASP B 100 -4.41 -1.63 -15.99
N GLU B 101 -3.71 -2.51 -16.72
CA GLU B 101 -2.64 -3.34 -16.20
C GLU B 101 -1.31 -2.65 -16.52
N LYS B 102 -0.71 -1.98 -15.52
CA LYS B 102 0.55 -1.26 -15.67
C LYS B 102 1.75 -2.18 -15.31
N PHE B 103 2.65 -2.43 -16.28
CA PHE B 103 3.86 -3.24 -16.06
C PHE B 103 5.15 -2.41 -16.25
N ASN B 104 5.92 -2.23 -15.17
CA ASN B 104 7.20 -1.53 -15.23
C ASN B 104 8.27 -2.59 -15.37
N LEU B 105 9.12 -2.48 -16.41
CA LEU B 105 10.16 -3.45 -16.68
C LEU B 105 11.52 -2.76 -16.72
N LYS B 106 12.43 -3.14 -15.79
CA LYS B 106 13.77 -2.56 -15.65
C LYS B 106 14.76 -3.16 -16.61
N LEU B 107 15.31 -2.34 -17.51
CA LEU B 107 16.31 -2.74 -18.48
C LEU B 107 17.67 -2.24 -18.04
N VAL B 108 18.65 -3.16 -18.01
CA VAL B 108 20.04 -2.86 -17.62
C VAL B 108 21.05 -3.21 -18.75
N ILE B 109 21.65 -2.18 -19.34
CA ILE B 109 22.63 -2.30 -20.41
C ILE B 109 24.08 -2.20 -19.84
N LYS B 110 24.99 -3.11 -20.31
CA LYS B 110 26.38 -3.19 -19.87
C LYS B 110 27.40 -3.21 -21.05
N SER C 2 2.13 13.32 35.04
CA SER C 2 1.70 11.96 34.68
C SER C 2 2.81 10.92 34.92
N GLU C 3 2.42 9.70 35.39
CA GLU C 3 3.32 8.59 35.66
C GLU C 3 3.89 7.94 34.36
N VAL C 4 3.66 8.57 33.20
CA VAL C 4 4.03 8.07 31.87
C VAL C 4 5.55 7.95 31.67
N GLU C 5 5.98 6.72 31.38
CA GLU C 5 7.38 6.35 31.14
C GLU C 5 7.51 5.62 29.82
N TYR C 6 8.75 5.62 29.32
CA TYR C 6 9.20 4.89 28.13
C TYR C 6 10.42 4.10 28.59
N ARG C 7 10.39 2.77 28.42
CA ARG C 7 11.43 1.89 28.95
C ARG C 7 12.32 1.20 27.92
N ALA C 8 13.52 0.77 28.36
CA ALA C 8 14.56 0.11 27.57
C ALA C 8 15.61 -0.49 28.48
N GLU C 9 16.16 -1.63 28.08
CA GLU C 9 17.26 -2.27 28.82
C GLU C 9 18.53 -1.74 28.16
N VAL C 10 19.63 -1.64 28.93
CA VAL C 10 20.95 -1.22 28.44
C VAL C 10 21.31 -2.07 27.19
N GLY C 11 21.61 -1.41 26.08
CA GLY C 11 21.92 -2.05 24.81
C GLY C 11 20.83 -1.91 23.75
N GLN C 12 19.53 -1.85 24.16
CA GLN C 12 18.40 -1.73 23.25
C GLN C 12 18.33 -0.30 22.73
N ASN C 13 17.42 -0.05 21.79
CA ASN C 13 17.18 1.30 21.33
C ASN C 13 15.98 1.78 22.12
N ALA C 14 15.92 3.08 22.43
CA ALA C 14 14.80 3.68 23.15
C ALA C 14 13.90 4.36 22.12
N TYR C 15 12.58 4.27 22.30
CA TYR C 15 11.65 4.86 21.36
C TYR C 15 10.69 5.77 22.09
N LEU C 16 10.94 7.09 22.00
CA LEU C 16 10.16 8.16 22.63
C LEU C 16 9.27 8.82 21.57
N PRO C 17 7.94 8.87 21.80
CA PRO C 17 7.03 9.38 20.77
C PRO C 17 6.77 10.88 20.75
N CYS C 18 6.57 11.44 19.55
CA CYS C 18 6.25 12.85 19.40
C CYS C 18 5.51 13.08 18.11
N PHE C 19 4.36 13.77 18.20
CA PHE C 19 3.55 13.98 17.02
C PHE C 19 2.95 15.35 16.89
N TYR C 20 2.74 15.74 15.65
CA TYR C 20 2.02 16.95 15.28
C TYR C 20 1.21 16.68 14.05
N THR C 21 0.20 17.51 13.80
CA THR C 21 -0.62 17.34 12.62
C THR C 21 -0.42 18.59 11.78
N PRO C 22 0.27 18.48 10.61
CA PRO C 22 0.48 19.70 9.81
C PRO C 22 -0.84 20.37 9.43
N ALA C 23 -0.90 21.72 9.52
CA ALA C 23 -2.09 22.53 9.22
C ALA C 23 -2.75 22.17 7.88
N ALA C 24 -1.94 21.68 6.94
CA ALA C 24 -2.28 21.19 5.61
C ALA C 24 -1.26 20.10 5.30
N PRO C 25 -1.58 19.02 4.54
CA PRO C 25 -0.57 17.98 4.32
C PRO C 25 0.73 18.51 3.70
N GLY C 26 1.86 18.06 4.27
CA GLY C 26 3.20 18.45 3.86
C GLY C 26 3.74 19.74 4.46
N ASN C 27 2.86 20.60 5.02
CA ASN C 27 3.26 21.88 5.62
C ASN C 27 3.93 21.65 6.97
N LEU C 28 5.19 21.19 6.92
CA LEU C 28 6.01 20.86 8.08
C LEU C 28 6.39 22.03 8.98
N VAL C 29 6.71 21.74 10.26
CA VAL C 29 7.15 22.75 11.22
C VAL C 29 8.50 22.33 11.84
N PRO C 30 9.37 23.30 12.24
CA PRO C 30 10.65 22.91 12.82
C PRO C 30 10.44 22.24 14.17
N VAL C 31 11.21 21.20 14.44
CA VAL C 31 11.10 20.45 15.68
C VAL C 31 12.50 20.30 16.28
N CYS C 32 12.61 20.33 17.60
CA CYS C 32 13.88 20.03 18.23
C CYS C 32 13.71 19.05 19.38
N TRP C 33 14.74 18.25 19.62
CA TRP C 33 14.82 17.27 20.70
C TRP C 33 16.03 17.62 21.56
N GLY C 34 15.88 17.56 22.86
CA GLY C 34 16.97 17.83 23.77
C GLY C 34 16.83 16.95 24.99
N LYS C 35 17.94 16.77 25.72
CA LYS C 35 17.98 16.01 26.98
C LYS C 35 17.64 17.05 28.08
N GLY C 36 16.48 16.91 28.70
CA GLY C 36 16.03 17.85 29.73
C GLY C 36 14.67 18.37 29.36
N ALA C 37 13.88 18.76 30.36
CA ALA C 37 12.54 19.30 30.10
C ALA C 37 12.56 20.59 29.28
N CYS C 38 11.50 20.87 28.48
CA CYS C 38 11.48 22.04 27.60
C CYS C 38 11.63 23.38 28.34
N PRO C 39 12.69 24.15 27.97
CA PRO C 39 12.89 25.49 28.58
C PRO C 39 12.06 26.60 27.91
N VAL C 40 12.37 27.94 28.13
CA VAL C 40 11.59 29.06 27.52
C VAL C 40 11.46 28.87 26.05
N PHE C 41 12.59 28.63 25.37
CA PHE C 41 12.66 28.41 23.93
C PHE C 41 13.72 27.42 23.58
N GLU C 42 13.61 26.83 22.37
CA GLU C 42 14.53 25.82 21.86
C GLU C 42 14.58 24.61 22.80
N CYS C 43 15.66 23.82 22.71
CA CYS C 43 15.84 22.60 23.48
C CYS C 43 17.03 22.67 24.39
N GLY C 44 16.81 22.21 25.61
CA GLY C 44 17.90 22.11 26.57
C GLY C 44 18.75 20.94 26.12
N ASN C 45 20.07 21.19 25.94
CA ASN C 45 21.07 20.22 25.52
C ASN C 45 20.60 19.45 24.28
N VAL C 46 20.35 20.20 23.18
CA VAL C 46 19.88 19.72 21.86
C VAL C 46 20.65 18.52 21.41
N VAL C 47 19.92 17.55 20.87
CA VAL C 47 20.44 16.31 20.32
C VAL C 47 20.04 16.17 18.85
N LEU C 48 18.94 16.82 18.44
CA LEU C 48 18.39 16.75 17.09
C LEU C 48 17.48 17.94 16.80
N ARG C 49 17.48 18.41 15.54
CA ARG C 49 16.68 19.53 15.08
C ARG C 49 16.29 19.38 13.62
N THR C 50 15.04 19.79 13.28
CA THR C 50 14.51 19.78 11.91
C THR C 50 14.04 21.18 11.54
N ASP C 51 13.80 21.40 10.26
CA ASP C 51 13.20 22.64 9.76
C ASP C 51 11.90 22.28 8.99
N GLU C 52 11.47 23.14 8.04
CA GLU C 52 10.28 22.89 7.24
C GLU C 52 10.57 21.82 6.18
N ARG C 53 11.86 21.61 5.85
CA ARG C 53 12.29 20.67 4.80
C ARG C 53 12.74 19.33 5.39
N ASP C 54 13.88 19.33 6.14
CA ASP C 54 14.49 18.11 6.67
C ASP C 54 15.18 18.34 8.03
N VAL C 55 16.08 17.42 8.41
CA VAL C 55 16.85 17.43 9.66
C VAL C 55 18.12 18.30 9.48
N ASN C 56 18.24 19.45 10.19
CA ASN C 56 19.41 20.33 10.04
C ASN C 56 20.53 20.03 11.09
N TYR C 57 20.19 19.55 12.31
CA TYR C 57 21.15 19.16 13.36
C TYR C 57 20.89 17.72 13.81
N TRP C 58 21.92 16.87 13.78
CA TRP C 58 21.87 15.48 14.23
C TRP C 58 23.13 15.08 14.99
N THR C 59 22.97 14.14 15.93
CA THR C 59 24.06 13.60 16.73
C THR C 59 24.07 12.10 16.46
N SER C 60 25.21 11.43 16.70
CA SER C 60 25.31 9.98 16.59
C SER C 60 24.51 9.42 17.77
N ARG C 61 23.66 8.41 17.48
CA ARG C 61 22.74 7.67 18.36
C ARG C 61 21.30 8.14 18.27
N TYR C 62 21.08 9.40 17.88
CA TYR C 62 19.74 10.02 17.79
C TYR C 62 19.22 10.14 16.35
N TRP C 63 17.94 9.79 16.11
CA TRP C 63 17.27 9.95 14.81
C TRP C 63 15.76 9.78 14.84
N LEU C 64 15.11 10.15 13.75
CA LEU C 64 13.67 10.09 13.54
C LEU C 64 13.40 8.93 12.57
N ASN C 65 12.88 7.79 13.05
CA ASN C 65 12.60 6.68 12.13
C ASN C 65 11.17 6.73 11.54
N GLY C 66 10.34 7.64 12.06
CA GLY C 66 8.96 7.76 11.62
C GLY C 66 8.79 8.60 10.38
N ASP C 67 7.53 8.75 9.92
CA ASP C 67 7.28 9.60 8.77
C ASP C 67 7.15 11.02 9.30
N PHE C 68 8.30 11.72 9.42
CA PHE C 68 8.30 13.09 9.94
C PHE C 68 7.58 14.05 9.00
N ARG C 69 7.48 13.66 7.74
CA ARG C 69 6.78 14.41 6.71
C ARG C 69 5.25 14.37 6.92
N LYS C 70 4.77 13.42 7.75
CA LYS C 70 3.36 13.31 8.09
C LYS C 70 3.09 13.77 9.55
N GLY C 71 4.11 14.40 10.16
CA GLY C 71 4.03 14.90 11.53
C GLY C 71 4.52 13.97 12.61
N ASP C 72 5.03 12.74 12.26
CA ASP C 72 5.58 11.79 13.21
C ASP C 72 7.07 12.08 13.47
N VAL C 73 7.33 12.93 14.46
CA VAL C 73 8.68 13.30 14.85
C VAL C 73 9.20 12.48 16.07
N SER C 74 8.76 11.20 16.22
CA SER C 74 9.21 10.31 17.31
C SER C 74 10.72 10.04 17.18
N LEU C 75 11.43 9.99 18.33
CA LEU C 75 12.88 9.77 18.44
C LEU C 75 13.26 8.33 18.72
N THR C 76 14.42 7.95 18.24
CA THR C 76 15.04 6.66 18.44
C THR C 76 16.45 6.97 18.98
N ILE C 77 16.80 6.39 20.13
CA ILE C 77 18.13 6.53 20.73
C ILE C 77 18.78 5.14 20.62
N GLU C 78 19.94 4.98 19.93
CA GLU C 78 20.54 3.65 19.82
C GLU C 78 21.58 3.35 20.91
N ASN C 79 21.82 2.05 21.22
CA ASN C 79 22.76 1.52 22.24
C ASN C 79 22.64 2.36 23.51
N VAL C 80 21.46 2.26 24.16
CA VAL C 80 21.26 3.04 25.38
C VAL C 80 22.17 2.55 26.54
N THR C 81 22.56 3.51 27.38
CA THR C 81 23.35 3.31 28.60
C THR C 81 22.51 3.84 29.74
N LEU C 82 22.84 3.48 30.99
CA LEU C 82 22.09 3.99 32.15
C LEU C 82 22.11 5.52 32.22
N ALA C 83 23.10 6.15 31.56
CA ALA C 83 23.30 7.59 31.45
C ALA C 83 22.22 8.28 30.63
N ASP C 84 21.55 7.51 29.74
CA ASP C 84 20.50 8.02 28.87
C ASP C 84 19.14 8.21 29.58
N SER C 85 18.99 7.61 30.79
CA SER C 85 17.80 7.76 31.62
C SER C 85 17.52 9.23 31.90
N GLY C 86 16.23 9.63 31.87
CA GLY C 86 15.84 11.00 32.16
C GLY C 86 14.73 11.56 31.29
N ILE C 87 14.45 12.87 31.45
CA ILE C 87 13.43 13.59 30.68
C ILE C 87 14.04 14.08 29.39
N TYR C 88 13.24 14.03 28.31
CA TYR C 88 13.60 14.44 26.96
C TYR C 88 12.55 15.42 26.47
N CYS C 89 12.99 16.51 25.86
CA CYS C 89 12.09 17.53 25.32
C CYS C 89 11.89 17.34 23.84
N CYS C 90 10.63 17.44 23.40
CA CYS C 90 10.28 17.46 22.00
C CYS C 90 9.46 18.71 21.81
N ARG C 91 10.06 19.71 21.14
CA ARG C 91 9.45 21.02 20.90
C ARG C 91 8.97 21.12 19.47
N ILE C 92 7.65 21.23 19.29
CA ILE C 92 7.03 21.37 17.98
C ILE C 92 6.86 22.87 17.79
N GLN C 93 7.69 23.49 16.92
CA GLN C 93 7.71 24.94 16.75
C GLN C 93 6.67 25.42 15.75
N ILE C 94 5.40 25.29 16.15
CA ILE C 94 4.22 25.76 15.42
C ILE C 94 4.48 27.27 15.16
N PRO C 95 4.41 27.68 13.88
CA PRO C 95 4.69 29.08 13.52
C PRO C 95 3.84 30.10 14.25
N GLY C 96 4.47 31.26 14.51
CA GLY C 96 3.84 32.38 15.19
C GLY C 96 4.22 32.60 16.63
N ILE C 97 3.57 33.62 17.20
CA ILE C 97 3.78 34.11 18.56
C ILE C 97 3.30 33.12 19.62
N MET C 98 4.28 32.48 20.29
CA MET C 98 4.14 31.57 21.44
C MET C 98 3.02 30.49 21.27
N ASN C 99 3.19 29.69 20.21
CA ASN C 99 2.33 28.63 19.69
C ASN C 99 2.95 27.26 19.88
N ASP C 100 4.18 27.19 20.41
CA ASP C 100 4.93 25.95 20.51
C ASP C 100 4.29 24.89 21.38
N GLU C 101 4.37 23.64 20.91
CA GLU C 101 3.87 22.46 21.59
C GLU C 101 5.07 21.78 22.28
N LYS C 102 5.16 21.94 23.60
CA LYS C 102 6.26 21.35 24.40
C LYS C 102 5.86 19.97 24.97
N PHE C 103 6.60 18.91 24.61
CA PHE C 103 6.37 17.53 25.10
C PHE C 103 7.55 17.00 25.92
N ASN C 104 7.32 16.73 27.20
CA ASN C 104 8.35 16.16 28.07
C ASN C 104 8.13 14.66 28.15
N LEU C 105 9.18 13.89 27.81
CA LEU C 105 9.10 12.43 27.74
C LEU C 105 10.11 11.72 28.70
N LYS C 106 9.59 10.85 29.60
CA LYS C 106 10.43 10.18 30.60
C LYS C 106 11.00 8.84 30.10
N LEU C 107 12.31 8.76 30.00
CA LEU C 107 13.01 7.55 29.59
C LEU C 107 13.63 6.88 30.81
N VAL C 108 13.39 5.56 30.95
CA VAL C 108 13.91 4.75 32.06
C VAL C 108 14.75 3.54 31.54
N ILE C 109 16.06 3.58 31.81
CA ILE C 109 17.01 2.54 31.42
C ILE C 109 17.32 1.60 32.61
N LYS C 110 17.35 0.27 32.34
CA LYS C 110 17.59 -0.78 33.36
C LYS C 110 18.70 -1.79 32.94
N SER D 2 8.54 -0.53 11.06
CA SER D 2 9.35 0.13 12.09
C SER D 2 9.61 -0.76 13.32
N GLU D 3 10.89 -0.77 13.79
CA GLU D 3 11.32 -1.52 14.97
C GLU D 3 10.80 -0.91 16.31
N VAL D 4 9.83 0.01 16.22
CA VAL D 4 9.26 0.73 17.36
C VAL D 4 8.46 -0.18 18.31
N GLU D 5 8.92 -0.22 19.57
CA GLU D 5 8.34 -1.00 20.64
C GLU D 5 8.06 -0.10 21.84
N TYR D 6 7.14 -0.56 22.68
CA TYR D 6 6.78 0.03 23.96
C TYR D 6 6.94 -1.11 24.96
N ARG D 7 7.79 -0.90 25.99
CA ARG D 7 8.14 -1.95 26.94
C ARG D 7 7.58 -1.78 28.34
N ALA D 8 7.48 -2.92 29.07
CA ALA D 8 6.98 -3.04 30.43
C ALA D 8 7.36 -4.39 31.01
N GLU D 9 7.66 -4.41 32.31
CA GLU D 9 7.92 -5.65 33.01
C GLU D 9 6.58 -6.06 33.58
N VAL D 10 6.35 -7.38 33.77
CA VAL D 10 5.12 -7.91 34.37
C VAL D 10 4.88 -7.19 35.72
N GLY D 11 3.70 -6.57 35.85
CA GLY D 11 3.30 -5.83 37.05
C GLY D 11 3.24 -4.33 36.85
N GLN D 12 4.12 -3.79 35.99
CA GLN D 12 4.15 -2.34 35.70
C GLN D 12 2.93 -1.95 34.89
N ASN D 13 2.76 -0.66 34.66
CA ASN D 13 1.71 -0.12 33.81
C ASN D 13 2.33 0.11 32.41
N ALA D 14 1.62 -0.24 31.34
CA ALA D 14 2.16 -0.03 30.00
C ALA D 14 1.61 1.28 29.49
N TYR D 15 2.43 2.03 28.76
CA TYR D 15 2.02 3.33 28.27
C TYR D 15 2.24 3.38 26.78
N LEU D 16 1.14 3.23 25.99
CA LEU D 16 1.14 3.25 24.53
C LEU D 16 0.59 4.60 24.08
N PRO D 17 1.35 5.37 23.25
CA PRO D 17 0.90 6.74 22.89
C PRO D 17 0.00 6.84 21.68
N CYS D 18 -0.91 7.84 21.69
CA CYS D 18 -1.79 8.09 20.54
C CYS D 18 -2.29 9.51 20.57
N PHE D 19 -2.16 10.23 19.44
CA PHE D 19 -2.56 11.63 19.41
C PHE D 19 -3.21 12.08 18.10
N TYR D 20 -4.04 13.12 18.25
CA TYR D 20 -4.70 13.88 17.18
C TYR D 20 -4.85 15.33 17.64
N THR D 21 -5.12 16.26 16.71
CA THR D 21 -5.33 17.66 17.05
C THR D 21 -6.74 18.04 16.63
N PRO D 22 -7.67 18.29 17.60
CA PRO D 22 -9.05 18.69 17.23
C PRO D 22 -9.09 19.96 16.39
N ALA D 23 -9.88 19.94 15.29
CA ALA D 23 -10.05 21.06 14.37
C ALA D 23 -10.42 22.36 15.08
N ALA D 24 -11.05 22.26 16.24
CA ALA D 24 -11.42 23.38 17.09
C ALA D 24 -11.49 22.81 18.51
N PRO D 25 -11.37 23.63 19.58
CA PRO D 25 -11.53 23.06 20.95
C PRO D 25 -12.97 22.53 21.16
N GLY D 26 -13.07 21.33 21.72
CA GLY D 26 -14.36 20.69 21.95
C GLY D 26 -14.79 19.82 20.79
N ASN D 27 -14.24 20.11 19.59
CA ASN D 27 -14.52 19.39 18.35
C ASN D 27 -13.73 18.10 18.32
N LEU D 28 -14.20 17.15 19.12
CA LEU D 28 -13.57 15.87 19.30
C LEU D 28 -13.96 14.88 18.23
N VAL D 29 -13.05 13.92 17.95
CA VAL D 29 -13.33 12.82 17.03
C VAL D 29 -13.43 11.50 17.81
N PRO D 30 -14.22 10.51 17.34
CA PRO D 30 -14.30 9.24 18.08
C PRO D 30 -13.03 8.43 17.95
N VAL D 31 -12.60 7.80 19.04
CA VAL D 31 -11.37 7.01 19.04
C VAL D 31 -11.65 5.63 19.64
N CYS D 32 -11.00 4.60 19.11
CA CYS D 32 -11.13 3.29 19.74
C CYS D 32 -9.77 2.61 19.90
N TRP D 33 -9.66 1.79 20.94
CA TRP D 33 -8.47 1.01 21.27
C TRP D 33 -8.88 -0.45 21.31
N GLY D 34 -8.06 -1.31 20.72
CA GLY D 34 -8.31 -2.74 20.74
C GLY D 34 -7.02 -3.52 20.72
N LYS D 35 -7.08 -4.77 21.16
CA LYS D 35 -5.94 -5.67 21.18
C LYS D 35 -5.89 -6.36 19.81
N GLY D 36 -4.80 -6.13 19.08
CA GLY D 36 -4.61 -6.63 17.72
C GLY D 36 -4.69 -5.49 16.72
N ALA D 37 -3.95 -5.63 15.59
CA ALA D 37 -3.83 -4.63 14.53
C ALA D 37 -5.16 -4.08 14.01
N CYS D 38 -5.18 -2.81 13.54
CA CYS D 38 -6.43 -2.21 13.07
C CYS D 38 -7.08 -2.95 11.90
N PRO D 39 -8.34 -3.43 12.08
CA PRO D 39 -9.04 -4.13 10.99
C PRO D 39 -9.74 -3.17 10.01
N VAL D 40 -10.74 -3.65 9.18
CA VAL D 40 -11.48 -2.82 8.19
C VAL D 40 -12.00 -1.56 8.82
N PHE D 41 -12.71 -1.72 9.93
CA PHE D 41 -13.31 -0.62 10.69
C PHE D 41 -13.34 -0.99 12.15
N GLU D 42 -13.47 0.05 13.00
CA GLU D 42 -13.50 -0.11 14.44
C GLU D 42 -12.23 -0.80 14.96
N CYS D 43 -12.30 -1.44 16.13
CA CYS D 43 -11.17 -2.08 16.78
C CYS D 43 -11.37 -3.56 16.99
N GLY D 44 -10.32 -4.30 16.70
CA GLY D 44 -10.31 -5.73 16.96
C GLY D 44 -10.16 -5.88 18.45
N ASN D 45 -11.08 -6.65 19.05
CA ASN D 45 -11.15 -6.96 20.47
C ASN D 45 -11.03 -5.68 21.29
N VAL D 46 -11.99 -4.74 21.07
CA VAL D 46 -12.10 -3.41 21.68
C VAL D 46 -11.92 -3.50 23.19
N VAL D 47 -11.21 -2.51 23.76
CA VAL D 47 -10.98 -2.37 25.20
C VAL D 47 -11.50 -1.02 25.66
N LEU D 48 -11.55 -0.04 24.74
CA LEU D 48 -11.95 1.34 25.03
C LEU D 48 -12.40 2.06 23.78
N ARG D 49 -13.41 2.94 23.93
CA ARG D 49 -13.98 3.72 22.83
C ARG D 49 -14.51 5.05 23.34
N THR D 50 -14.35 6.11 22.53
CA THR D 50 -14.85 7.46 22.78
C THR D 50 -15.72 7.91 21.60
N ASP D 51 -16.47 8.98 21.80
CA ASP D 51 -17.23 9.63 20.75
C ASP D 51 -16.78 11.12 20.66
N GLU D 52 -17.68 12.00 20.16
CA GLU D 52 -17.46 13.44 19.98
C GLU D 52 -17.73 14.20 21.31
N ARG D 53 -18.15 13.45 22.36
CA ARG D 53 -18.46 13.97 23.69
C ARG D 53 -17.55 13.35 24.75
N ASP D 54 -17.69 12.04 25.03
CA ASP D 54 -16.92 11.36 26.08
C ASP D 54 -16.58 9.89 25.72
N VAL D 55 -16.27 9.07 26.74
CA VAL D 55 -15.92 7.66 26.64
C VAL D 55 -17.23 6.82 26.68
N ASN D 56 -17.57 6.13 25.57
CA ASN D 56 -18.80 5.33 25.55
C ASN D 56 -18.57 3.83 25.89
N TYR D 57 -17.37 3.27 25.66
CA TYR D 57 -17.05 1.89 26.03
C TYR D 57 -15.75 1.86 26.80
N TRP D 58 -15.74 1.11 27.90
CA TRP D 58 -14.60 1.00 28.79
C TRP D 58 -14.54 -0.37 29.41
N THR D 59 -13.31 -0.86 29.58
CA THR D 59 -12.95 -2.14 30.20
C THR D 59 -12.06 -1.90 31.42
N SER D 60 -12.23 -2.72 32.44
CA SER D 60 -11.40 -2.67 33.63
C SER D 60 -9.94 -3.03 33.27
N ARG D 61 -8.97 -2.19 33.74
CA ARG D 61 -7.50 -2.29 33.60
C ARG D 61 -6.94 -1.30 32.58
N TYR D 62 -7.81 -0.78 31.69
CA TYR D 62 -7.50 0.14 30.61
C TYR D 62 -8.03 1.59 30.84
N TRP D 63 -7.17 2.61 30.62
CA TRP D 63 -7.51 4.02 30.79
C TRP D 63 -6.92 4.94 29.74
N LEU D 64 -7.63 6.06 29.52
CA LEU D 64 -7.16 7.21 28.78
C LEU D 64 -6.90 8.20 29.89
N ASN D 65 -5.64 8.22 30.38
CA ASN D 65 -5.29 9.08 31.52
C ASN D 65 -4.72 10.45 31.11
N GLY D 66 -4.56 10.66 29.80
CA GLY D 66 -4.11 11.93 29.25
C GLY D 66 -5.28 12.87 29.04
N ASP D 67 -5.03 14.07 28.51
CA ASP D 67 -6.13 14.99 28.25
C ASP D 67 -6.71 14.58 26.92
N PHE D 68 -7.66 13.61 26.93
CA PHE D 68 -8.29 13.13 25.69
C PHE D 68 -9.13 14.21 25.02
N ARG D 69 -9.57 15.17 25.84
CA ARG D 69 -10.36 16.31 25.41
C ARG D 69 -9.52 17.28 24.57
N LYS D 70 -8.19 17.16 24.66
CA LYS D 70 -7.26 17.98 23.88
C LYS D 70 -6.56 17.11 22.80
N GLY D 71 -7.05 15.89 22.60
CA GLY D 71 -6.55 14.97 21.59
C GLY D 71 -5.62 13.87 22.06
N ASP D 72 -5.12 13.99 23.29
CA ASP D 72 -4.20 12.98 23.84
C ASP D 72 -4.95 11.74 24.23
N VAL D 73 -5.10 10.82 23.26
CA VAL D 73 -5.79 9.56 23.47
C VAL D 73 -4.82 8.40 23.80
N SER D 74 -3.64 8.69 24.46
CA SER D 74 -2.68 7.65 24.86
C SER D 74 -3.31 6.70 25.89
N LEU D 75 -3.03 5.39 25.77
CA LEU D 75 -3.54 4.34 26.65
C LEU D 75 -2.59 3.98 27.81
N THR D 76 -3.17 3.57 28.94
CA THR D 76 -2.49 3.14 30.15
C THR D 76 -3.07 1.78 30.50
N ILE D 77 -2.27 0.70 30.42
CA ILE D 77 -2.74 -0.65 30.76
C ILE D 77 -2.15 -0.90 32.13
N GLU D 78 -2.98 -1.05 33.19
CA GLU D 78 -2.42 -1.26 34.53
C GLU D 78 -2.14 -2.72 34.82
N ASN D 79 -1.08 -2.99 35.62
CA ASN D 79 -0.62 -4.31 36.07
C ASN D 79 -0.65 -5.36 34.99
N VAL D 80 0.27 -5.21 34.03
CA VAL D 80 0.42 -6.04 32.85
C VAL D 80 0.88 -7.47 33.17
N THR D 81 0.47 -8.40 32.32
CA THR D 81 0.81 -9.84 32.35
C THR D 81 1.46 -10.15 31.03
N LEU D 82 2.17 -11.29 30.91
CA LEU D 82 2.79 -11.68 29.64
C LEU D 82 1.76 -11.79 28.50
N ALA D 83 0.47 -12.00 28.89
CA ALA D 83 -0.70 -12.11 28.01
C ALA D 83 -1.02 -10.81 27.28
N ASP D 84 -0.58 -9.67 27.85
CA ASP D 84 -0.80 -8.33 27.32
C ASP D 84 0.12 -7.96 26.19
N SER D 85 1.22 -8.73 25.99
CA SER D 85 2.17 -8.53 24.90
C SER D 85 1.45 -8.58 23.57
N GLY D 86 1.86 -7.73 22.65
CA GLY D 86 1.29 -7.75 21.31
C GLY D 86 1.03 -6.42 20.70
N ILE D 87 0.35 -6.43 19.54
CA ILE D 87 -0.01 -5.21 18.83
C ILE D 87 -1.33 -4.69 19.39
N TYR D 88 -1.45 -3.36 19.46
CA TYR D 88 -2.62 -2.64 19.93
C TYR D 88 -3.00 -1.63 18.89
N CYS D 89 -4.30 -1.54 18.60
CA CYS D 89 -4.82 -0.60 17.63
C CYS D 89 -5.38 0.63 18.29
N CYS D 90 -5.01 1.80 17.74
CA CYS D 90 -5.55 3.09 18.14
C CYS D 90 -6.07 3.68 16.86
N ARG D 91 -7.40 3.74 16.75
CA ARG D 91 -8.10 4.22 15.55
C ARG D 91 -8.67 5.60 15.82
N ILE D 92 -8.14 6.61 15.11
CA ILE D 92 -8.62 8.00 15.22
C ILE D 92 -9.65 8.12 14.07
N GLN D 93 -10.94 8.15 14.43
CA GLN D 93 -12.01 8.13 13.43
C GLN D 93 -12.33 9.51 12.89
N ILE D 94 -11.36 10.06 12.11
CA ILE D 94 -11.46 11.34 11.42
C ILE D 94 -12.74 11.24 10.58
N PRO D 95 -13.69 12.19 10.76
CA PRO D 95 -14.97 12.10 10.04
C PRO D 95 -14.84 12.02 8.52
N GLY D 96 -15.74 11.29 7.90
CA GLY D 96 -15.74 11.14 6.46
C GLY D 96 -15.35 9.78 5.92
N ILE D 97 -15.36 9.71 4.58
CA ILE D 97 -15.14 8.52 3.78
C ILE D 97 -13.71 8.01 3.86
N MET D 98 -13.52 6.88 4.59
CA MET D 98 -12.27 6.09 4.74
C MET D 98 -10.98 6.97 4.89
N ASN D 99 -10.99 7.79 5.93
CA ASN D 99 -9.89 8.72 6.21
C ASN D 99 -9.45 8.61 7.67
N ASP D 100 -9.74 7.47 8.29
CA ASP D 100 -9.31 7.11 9.62
C ASP D 100 -7.79 6.99 9.71
N GLU D 101 -7.26 7.40 10.88
CA GLU D 101 -5.83 7.32 11.21
C GLU D 101 -5.64 6.05 12.06
N LYS D 102 -5.13 4.98 11.44
CA LYS D 102 -4.91 3.71 12.12
C LYS D 102 -3.47 3.63 12.67
N PHE D 103 -3.31 3.50 14.01
CA PHE D 103 -2.00 3.36 14.65
C PHE D 103 -1.82 1.97 15.32
N ASN D 104 -0.85 1.17 14.82
CA ASN D 104 -0.54 -0.15 15.39
C ASN D 104 0.65 0.04 16.29
N LEU D 105 0.50 -0.37 17.56
CA LEU D 105 1.49 -0.18 18.61
C LEU D 105 1.93 -1.48 19.21
N LYS D 106 3.26 -1.71 19.20
CA LYS D 106 3.85 -2.95 19.70
C LYS D 106 4.20 -2.84 21.19
N LEU D 107 3.53 -3.65 21.99
CA LEU D 107 3.77 -3.76 23.42
C LEU D 107 4.53 -5.04 23.71
N VAL D 108 5.64 -4.92 24.46
CA VAL D 108 6.51 -6.05 24.82
C VAL D 108 6.64 -6.21 26.35
N ILE D 109 6.06 -7.32 26.86
CA ILE D 109 6.08 -7.65 28.29
C ILE D 109 7.20 -8.70 28.59
N LYS D 110 7.95 -8.48 29.71
CA LYS D 110 9.04 -9.36 30.18
C LYS D 110 8.93 -9.68 31.69
N GLU E 1 9.20 -52.05 -1.92
CA GLU E 1 8.39 -51.15 -1.09
C GLU E 1 7.34 -50.37 -1.88
N VAL E 2 7.66 -49.93 -3.12
CA VAL E 2 6.69 -49.23 -3.97
C VAL E 2 5.78 -50.27 -4.58
N GLN E 3 4.47 -50.04 -4.43
CA GLN E 3 3.48 -50.97 -4.91
C GLN E 3 2.35 -50.25 -5.61
N LEU E 4 1.87 -50.86 -6.70
CA LEU E 4 0.74 -50.40 -7.52
C LEU E 4 -0.10 -51.64 -7.83
N VAL E 5 -1.39 -51.65 -7.43
CA VAL E 5 -2.25 -52.83 -7.63
C VAL E 5 -3.54 -52.48 -8.38
N GLU E 6 -3.54 -52.90 -9.65
CA GLU E 6 -4.61 -52.72 -10.61
C GLU E 6 -5.72 -53.71 -10.29
N SER E 7 -6.94 -53.22 -10.32
CA SER E 7 -8.16 -54.00 -10.07
C SER E 7 -9.23 -53.52 -11.05
N GLY E 8 -10.26 -54.31 -11.29
CA GLY E 8 -11.38 -53.85 -12.12
C GLY E 8 -11.51 -54.37 -13.51
N GLY E 9 -10.54 -55.16 -13.97
CA GLY E 9 -10.57 -55.74 -15.31
C GLY E 9 -11.34 -57.04 -15.38
N GLY E 10 -11.82 -57.35 -16.57
CA GLY E 10 -12.60 -58.55 -16.82
C GLY E 10 -13.16 -58.59 -18.22
N LEU E 11 -14.35 -59.20 -18.38
CA LEU E 11 -14.93 -59.33 -19.70
C LEU E 11 -16.05 -58.36 -19.86
N VAL E 12 -15.93 -57.52 -20.89
CA VAL E 12 -16.97 -56.55 -21.23
C VAL E 12 -17.43 -56.83 -22.65
N GLN E 13 -18.73 -56.65 -22.89
CA GLN E 13 -19.37 -56.76 -24.18
C GLN E 13 -18.90 -55.54 -25.01
N PRO E 14 -18.74 -55.63 -26.35
CA PRO E 14 -18.38 -54.43 -27.11
C PRO E 14 -19.48 -53.37 -26.93
N GLY E 15 -19.05 -52.14 -26.64
CA GLY E 15 -19.95 -50.99 -26.41
C GLY E 15 -20.19 -50.73 -24.94
N GLY E 16 -19.80 -51.69 -24.12
CA GLY E 16 -19.94 -51.67 -22.67
C GLY E 16 -19.00 -50.71 -21.97
N SER E 17 -19.07 -50.72 -20.63
CA SER E 17 -18.29 -49.87 -19.75
C SER E 17 -17.56 -50.65 -18.67
N LEU E 18 -16.41 -50.13 -18.20
CA LEU E 18 -15.60 -50.75 -17.17
C LEU E 18 -14.74 -49.70 -16.44
N ARG E 19 -14.60 -49.82 -15.09
CA ARG E 19 -13.82 -48.89 -14.25
C ARG E 19 -12.62 -49.57 -13.58
N LEU E 20 -11.42 -49.13 -13.95
CA LEU E 20 -10.21 -49.69 -13.37
C LEU E 20 -9.76 -48.83 -12.21
N SER E 21 -9.17 -49.47 -11.19
CA SER E 21 -8.63 -48.80 -10.01
C SER E 21 -7.20 -49.22 -9.84
N CYS E 22 -6.41 -48.34 -9.25
CA CYS E 22 -5.02 -48.65 -8.98
C CYS E 22 -4.68 -48.11 -7.61
N ALA E 23 -4.35 -49.02 -6.67
CA ALA E 23 -4.01 -48.66 -5.28
C ALA E 23 -2.51 -48.43 -5.13
N ALA E 24 -2.15 -47.20 -4.80
CA ALA E 24 -0.76 -46.84 -4.66
C ALA E 24 -0.29 -46.78 -3.20
N SER E 25 0.90 -47.37 -2.98
CA SER E 25 1.59 -47.42 -1.70
C SER E 25 3.11 -47.34 -1.92
N GLY E 26 3.86 -47.04 -0.86
CA GLY E 26 5.31 -46.98 -0.92
C GLY E 26 5.92 -45.68 -1.38
N PHE E 27 5.07 -44.68 -1.71
CA PHE E 27 5.55 -43.37 -2.17
C PHE E 27 4.53 -42.26 -1.96
N THR E 28 4.97 -41.02 -2.11
CA THR E 28 4.06 -39.89 -1.99
C THR E 28 3.31 -39.72 -3.31
N PHE E 29 2.17 -40.41 -3.41
CA PHE E 29 1.29 -40.42 -4.59
C PHE E 29 0.82 -39.00 -4.93
N SER E 30 0.54 -38.21 -3.90
CA SER E 30 0.10 -36.81 -3.97
C SER E 30 1.02 -35.91 -4.79
N SER E 31 2.29 -36.31 -4.98
CA SER E 31 3.28 -35.47 -5.66
C SER E 31 3.83 -36.02 -6.98
N TYR E 32 3.16 -37.02 -7.57
CA TYR E 32 3.58 -37.58 -8.86
C TYR E 32 2.43 -37.66 -9.83
N ALA E 33 2.71 -37.40 -11.13
CA ALA E 33 1.70 -37.58 -12.17
C ALA E 33 1.54 -39.10 -12.35
N MET E 34 0.41 -39.53 -12.83
CA MET E 34 0.18 -40.97 -12.97
C MET E 34 -0.38 -41.26 -14.34
N SER E 35 -0.20 -42.48 -14.84
CA SER E 35 -0.79 -42.83 -16.12
C SER E 35 -1.12 -44.30 -16.23
N TRP E 36 -1.81 -44.64 -17.30
CA TRP E 36 -2.22 -45.99 -17.65
C TRP E 36 -1.55 -46.30 -18.98
N VAL E 37 -0.95 -47.49 -19.08
CA VAL E 37 -0.27 -47.97 -20.28
C VAL E 37 -0.86 -49.36 -20.56
N ARG E 38 -1.30 -49.61 -21.79
CA ARG E 38 -1.88 -50.91 -22.12
C ARG E 38 -1.03 -51.72 -23.07
N GLN E 39 -1.23 -53.06 -23.04
CA GLN E 39 -0.49 -53.99 -23.89
C GLN E 39 -1.41 -55.09 -24.42
N ALA E 40 -1.75 -55.02 -25.73
CA ALA E 40 -2.58 -56.05 -26.38
C ALA E 40 -1.81 -57.36 -26.32
N PRO E 41 -2.49 -58.53 -26.07
CA PRO E 41 -1.74 -59.78 -25.91
C PRO E 41 -0.82 -60.11 -27.09
N GLY E 42 0.46 -60.33 -26.76
CA GLY E 42 1.54 -60.64 -27.70
C GLY E 42 1.97 -59.44 -28.54
N LYS E 43 1.48 -58.25 -28.17
CA LYS E 43 1.80 -57.01 -28.86
C LYS E 43 2.66 -56.10 -27.95
N GLY E 44 2.92 -54.89 -28.42
CA GLY E 44 3.72 -53.91 -27.70
C GLY E 44 2.91 -52.97 -26.81
N LEU E 45 3.65 -52.00 -26.24
CA LEU E 45 3.15 -50.99 -25.29
C LEU E 45 2.53 -49.78 -25.98
N GLU E 46 1.41 -49.31 -25.43
CA GLU E 46 0.68 -48.14 -25.92
C GLU E 46 0.22 -47.32 -24.72
N TRP E 47 0.68 -46.05 -24.64
CA TRP E 47 0.24 -45.18 -23.55
C TRP E 47 -1.24 -44.83 -23.76
N VAL E 48 -2.04 -44.89 -22.69
CA VAL E 48 -3.48 -44.65 -22.75
C VAL E 48 -3.87 -43.23 -22.33
N SER E 49 -3.54 -42.85 -21.08
CA SER E 49 -3.88 -41.55 -20.51
C SER E 49 -3.01 -41.22 -19.29
N ALA E 50 -2.95 -39.93 -18.89
CA ALA E 50 -2.21 -39.47 -17.72
C ALA E 50 -2.98 -38.37 -17.03
N ILE E 51 -2.62 -38.12 -15.78
CA ILE E 51 -3.23 -37.10 -14.91
C ILE E 51 -2.14 -36.29 -14.20
N SER E 52 -2.32 -34.95 -14.11
CA SER E 52 -1.40 -34.05 -13.44
C SER E 52 -1.31 -34.38 -11.96
N VAL E 53 -0.26 -33.88 -11.30
CA VAL E 53 0.00 -34.08 -9.86
C VAL E 53 -1.25 -33.65 -9.06
N SER E 54 -1.79 -32.44 -9.37
CA SER E 54 -2.99 -31.86 -8.75
C SER E 54 -4.26 -32.64 -9.08
N GLY E 55 -4.31 -33.28 -10.26
CA GLY E 55 -5.47 -34.01 -10.74
C GLY E 55 -6.31 -33.19 -11.71
N GLY E 56 -6.06 -31.89 -11.72
CA GLY E 56 -6.78 -30.91 -12.53
C GLY E 56 -6.64 -31.00 -14.03
N SER E 57 -5.47 -31.44 -14.55
CA SER E 57 -5.28 -31.59 -15.98
C SER E 57 -5.07 -33.04 -16.37
N THR E 58 -5.79 -33.52 -17.42
CA THR E 58 -5.71 -34.90 -17.94
C THR E 58 -5.26 -34.90 -19.37
N TYR E 59 -4.55 -35.96 -19.78
CA TYR E 59 -3.94 -36.11 -21.11
C TYR E 59 -4.27 -37.52 -21.62
N TYR E 60 -4.65 -37.65 -22.92
CA TYR E 60 -5.11 -38.91 -23.53
C TYR E 60 -4.54 -39.16 -24.91
N ALA E 61 -4.42 -40.45 -25.26
CA ALA E 61 -4.01 -40.94 -26.57
C ALA E 61 -5.23 -40.75 -27.49
N ASP E 62 -5.02 -40.46 -28.81
CA ASP E 62 -6.15 -40.26 -29.72
C ASP E 62 -7.11 -41.45 -29.79
N SER E 63 -6.56 -42.68 -29.69
CA SER E 63 -7.31 -43.94 -29.69
C SER E 63 -8.39 -44.05 -28.61
N VAL E 64 -8.17 -43.43 -27.43
CA VAL E 64 -9.12 -43.48 -26.33
C VAL E 64 -9.83 -42.14 -26.04
N LYS E 65 -9.37 -40.99 -26.61
CA LYS E 65 -9.96 -39.68 -26.34
C LYS E 65 -11.46 -39.68 -26.51
N GLY E 66 -12.15 -39.22 -25.47
CA GLY E 66 -13.60 -39.12 -25.48
C GLY E 66 -14.33 -40.29 -24.84
N ARG E 67 -13.72 -41.48 -24.89
CA ARG E 67 -14.27 -42.72 -24.34
C ARG E 67 -13.75 -43.05 -22.94
N PHE E 68 -12.47 -42.74 -22.64
CA PHE E 68 -11.85 -43.02 -21.34
C PHE E 68 -11.62 -41.75 -20.54
N THR E 69 -11.76 -41.84 -19.20
CA THR E 69 -11.54 -40.71 -18.28
C THR E 69 -10.72 -41.12 -17.07
N ILE E 70 -9.49 -40.57 -16.99
CA ILE E 70 -8.57 -40.79 -15.89
C ILE E 70 -8.91 -39.80 -14.75
N SER E 71 -8.86 -40.26 -13.49
CA SER E 71 -9.16 -39.51 -12.28
C SER E 71 -8.31 -40.02 -11.13
N ARG E 72 -8.04 -39.15 -10.13
CA ARG E 72 -7.26 -39.55 -8.96
C ARG E 72 -7.91 -39.11 -7.68
N ASP E 73 -7.70 -39.88 -6.60
CA ASP E 73 -8.21 -39.60 -5.25
C ASP E 73 -7.00 -39.62 -4.33
N ASN E 74 -6.30 -38.46 -4.21
CA ASN E 74 -5.07 -38.35 -3.42
C ASN E 74 -5.29 -38.75 -1.97
N SER E 75 -6.53 -38.61 -1.45
CA SER E 75 -6.92 -38.98 -0.08
C SER E 75 -7.01 -40.51 0.12
N LYS E 76 -7.33 -41.25 -0.94
CA LYS E 76 -7.45 -42.71 -0.91
C LYS E 76 -6.23 -43.36 -1.62
N ASN E 77 -5.28 -42.52 -2.11
CA ASN E 77 -4.08 -42.94 -2.85
C ASN E 77 -4.45 -43.94 -3.96
N THR E 78 -5.48 -43.55 -4.75
CA THR E 78 -6.06 -44.37 -5.82
C THR E 78 -6.15 -43.61 -7.15
N LEU E 79 -5.89 -44.34 -8.25
CA LEU E 79 -5.97 -43.84 -9.62
C LEU E 79 -7.09 -44.62 -10.30
N TYR E 80 -7.92 -43.93 -11.08
CA TYR E 80 -9.02 -44.60 -11.76
C TYR E 80 -9.00 -44.36 -13.25
N LEU E 81 -9.51 -45.35 -14.00
CA LEU E 81 -9.74 -45.25 -15.42
C LEU E 81 -11.17 -45.69 -15.76
N GLN E 82 -12.03 -44.75 -16.17
CA GLN E 82 -13.39 -45.08 -16.56
C GLN E 82 -13.38 -45.26 -18.07
N MET E 83 -13.56 -46.53 -18.50
CA MET E 83 -13.58 -46.89 -19.91
C MET E 83 -15.03 -47.09 -20.37
N ASN E 84 -15.51 -46.25 -21.29
CA ASN E 84 -16.85 -46.35 -21.86
C ASN E 84 -16.73 -46.64 -23.35
N SER E 85 -17.84 -47.08 -23.98
CA SER E 85 -17.94 -47.38 -25.41
C SER E 85 -16.74 -48.22 -25.92
N LEU E 86 -16.45 -49.31 -25.18
CA LEU E 86 -15.34 -50.22 -25.45
C LEU E 86 -15.44 -50.98 -26.78
N ARG E 87 -14.27 -51.37 -27.31
CA ARG E 87 -14.15 -52.11 -28.56
C ARG E 87 -13.09 -53.20 -28.40
N ALA E 88 -13.13 -54.23 -29.25
CA ALA E 88 -12.18 -55.35 -29.26
C ALA E 88 -10.73 -54.88 -29.24
N GLU E 89 -10.41 -53.76 -29.93
CA GLU E 89 -9.09 -53.14 -30.01
C GLU E 89 -8.58 -52.75 -28.60
N ASP E 90 -9.51 -52.42 -27.69
CA ASP E 90 -9.17 -52.08 -26.32
C ASP E 90 -8.80 -53.33 -25.47
N THR E 91 -8.97 -54.57 -26.01
CA THR E 91 -8.56 -55.78 -25.29
C THR E 91 -7.04 -55.73 -25.10
N ALA E 92 -6.63 -55.62 -23.84
CA ALA E 92 -5.23 -55.49 -23.46
C ALA E 92 -5.04 -55.70 -21.95
N VAL E 93 -3.78 -55.76 -21.52
CA VAL E 93 -3.41 -55.77 -20.11
C VAL E 93 -3.17 -54.30 -19.77
N TYR E 94 -3.92 -53.77 -18.82
CA TYR E 94 -3.83 -52.37 -18.45
C TYR E 94 -2.95 -52.21 -17.24
N TYR E 95 -1.78 -51.59 -17.45
CA TYR E 95 -0.84 -51.32 -16.40
C TYR E 95 -1.07 -49.94 -15.90
N CYS E 96 -0.92 -49.77 -14.61
CA CYS E 96 -1.03 -48.51 -13.93
C CYS E 96 0.41 -48.15 -13.62
N ALA E 97 0.83 -46.95 -13.97
CA ALA E 97 2.22 -46.57 -13.73
C ALA E 97 2.43 -45.18 -13.15
N LYS E 98 3.57 -44.97 -12.50
CA LYS E 98 4.01 -43.71 -11.94
C LYS E 98 4.70 -43.00 -13.09
N ALA E 99 4.00 -42.05 -13.73
CA ALA E 99 4.50 -41.26 -14.86
C ALA E 99 5.22 -40.10 -14.27
N ASN E 100 6.39 -39.79 -14.68
CA ASN E 100 6.98 -38.68 -13.96
C ASN E 100 6.75 -37.42 -14.74
N TRP E 101 7.55 -37.21 -15.77
CA TRP E 101 7.36 -36.15 -16.71
C TRP E 101 7.35 -36.81 -18.08
N GLY E 102 6.82 -38.05 -18.13
CA GLY E 102 6.70 -38.84 -19.34
C GLY E 102 7.32 -40.24 -19.31
N PHE E 103 7.91 -40.62 -18.18
CA PHE E 103 8.53 -41.94 -18.08
C PHE E 103 7.98 -42.70 -16.89
N PHE E 104 7.93 -44.03 -16.99
CA PHE E 104 7.29 -44.87 -16.00
C PHE E 104 8.27 -45.74 -15.25
N ASP E 105 8.66 -45.27 -14.03
CA ASP E 105 9.63 -45.96 -13.19
C ASP E 105 9.03 -47.14 -12.46
N TYR E 106 7.80 -46.98 -11.93
CA TYR E 106 7.09 -48.04 -11.22
C TYR E 106 5.82 -48.44 -11.95
N TRP E 107 5.58 -49.73 -12.08
CA TRP E 107 4.41 -50.28 -12.76
C TRP E 107 3.79 -51.34 -11.86
N GLY E 108 2.50 -51.53 -11.92
CA GLY E 108 1.88 -52.64 -11.21
C GLY E 108 1.87 -53.87 -12.10
N GLN E 109 1.44 -55.03 -11.59
CA GLN E 109 1.25 -56.24 -12.41
C GLN E 109 -0.15 -55.99 -12.92
N GLY E 110 -0.28 -55.73 -14.23
CA GLY E 110 -1.55 -55.29 -14.83
C GLY E 110 -2.80 -56.11 -14.63
N THR E 111 -3.93 -55.54 -15.04
CA THR E 111 -5.26 -56.16 -15.04
C THR E 111 -5.71 -56.43 -16.48
N LEU E 112 -6.25 -57.61 -16.76
CA LEU E 112 -6.66 -57.91 -18.12
C LEU E 112 -8.08 -57.47 -18.40
N VAL E 113 -8.26 -56.74 -19.51
CA VAL E 113 -9.56 -56.28 -19.97
C VAL E 113 -9.75 -56.98 -21.29
N THR E 114 -10.81 -57.80 -21.37
CA THR E 114 -11.18 -58.60 -22.54
C THR E 114 -12.52 -58.07 -23.05
N VAL E 115 -12.55 -57.56 -24.30
CA VAL E 115 -13.75 -57.00 -24.94
C VAL E 115 -14.14 -57.94 -26.08
N SER E 116 -15.16 -58.78 -25.81
CA SER E 116 -15.71 -59.78 -26.74
C SER E 116 -17.22 -59.93 -26.60
N SER E 117 -17.88 -60.27 -27.71
CA SER E 117 -19.33 -60.54 -27.74
C SER E 117 -19.59 -61.93 -27.19
N ALA E 118 -18.49 -62.67 -26.89
CA ALA E 118 -18.43 -64.00 -26.29
C ALA E 118 -18.76 -63.85 -24.82
N SER E 119 -19.32 -64.93 -24.25
CA SER E 119 -19.68 -64.99 -22.84
C SER E 119 -18.70 -65.87 -22.14
N THR E 120 -18.45 -65.60 -20.83
CA THR E 120 -17.53 -66.41 -20.02
C THR E 120 -17.96 -67.88 -19.98
N LYS E 121 -16.97 -68.77 -19.86
CA LYS E 121 -17.16 -70.22 -19.76
C LYS E 121 -16.15 -70.75 -18.76
N GLY E 122 -16.66 -71.42 -17.75
CA GLY E 122 -15.84 -72.02 -16.71
C GLY E 122 -15.21 -73.30 -17.21
N PRO E 123 -14.04 -73.69 -16.64
CA PRO E 123 -13.38 -74.91 -17.11
C PRO E 123 -13.89 -76.22 -16.53
N SER E 124 -13.63 -77.32 -17.25
CA SER E 124 -13.91 -78.67 -16.79
C SER E 124 -12.54 -79.17 -16.30
N VAL E 125 -12.44 -79.60 -15.01
CA VAL E 125 -11.17 -80.05 -14.46
C VAL E 125 -11.14 -81.56 -14.35
N PHE E 126 -10.09 -82.18 -14.94
CA PHE E 126 -9.88 -83.65 -14.94
C PHE E 126 -8.54 -83.99 -14.31
N PRO E 127 -8.45 -85.11 -13.55
CA PRO E 127 -7.17 -85.47 -12.96
C PRO E 127 -6.24 -86.16 -13.93
N LEU E 128 -4.98 -85.74 -13.97
CA LEU E 128 -3.96 -86.38 -14.78
C LEU E 128 -3.21 -87.28 -13.79
N ALA E 129 -3.67 -88.55 -13.70
CA ALA E 129 -3.18 -89.56 -12.78
C ALA E 129 -1.72 -89.93 -12.96
N PRO E 130 -1.02 -90.11 -11.81
CA PRO E 130 0.43 -90.37 -11.85
C PRO E 130 0.91 -91.67 -12.46
N SER E 131 2.13 -91.56 -13.04
CA SER E 131 3.04 -92.57 -13.58
C SER E 131 4.42 -91.90 -13.81
N SER E 132 5.51 -92.61 -13.37
CA SER E 132 6.93 -92.22 -13.46
C SER E 132 7.55 -92.58 -14.84
N LYS E 133 6.68 -92.61 -15.89
CA LYS E 133 6.96 -92.91 -17.29
C LYS E 133 8.09 -92.06 -17.90
N SER E 134 8.12 -90.74 -17.57
CA SER E 134 9.08 -89.73 -18.03
C SER E 134 10.04 -89.15 -16.94
N THR E 135 9.88 -89.55 -15.64
CA THR E 135 10.65 -89.06 -14.47
C THR E 135 11.74 -90.02 -13.92
N SER E 136 12.99 -89.49 -13.90
CA SER E 136 14.19 -90.14 -13.39
C SER E 136 14.14 -90.10 -11.87
N GLY E 137 14.43 -91.23 -11.25
CA GLY E 137 14.42 -91.34 -9.80
C GLY E 137 13.08 -91.74 -9.21
N GLY E 138 12.96 -91.45 -7.91
CA GLY E 138 11.83 -91.82 -7.09
C GLY E 138 10.71 -90.82 -7.09
N THR E 139 10.57 -90.07 -8.20
CA THR E 139 9.51 -89.09 -8.45
C THR E 139 8.61 -89.63 -9.54
N ALA E 140 7.35 -89.29 -9.43
CA ALA E 140 6.23 -89.53 -10.32
C ALA E 140 5.63 -88.17 -10.62
N ALA E 141 5.06 -88.01 -11.83
CA ALA E 141 4.39 -86.79 -12.26
C ALA E 141 2.89 -87.02 -12.39
N LEU E 142 2.11 -86.14 -11.75
CA LEU E 142 0.65 -86.10 -11.76
C LEU E 142 0.21 -84.65 -12.00
N GLY E 143 -1.02 -84.45 -12.43
CA GLY E 143 -1.51 -83.10 -12.69
C GLY E 143 -3.00 -82.89 -12.85
N CYS E 144 -3.37 -81.75 -13.46
CA CYS E 144 -4.76 -81.38 -13.70
C CYS E 144 -4.95 -80.84 -15.09
N LEU E 145 -5.97 -81.35 -15.79
CA LEU E 145 -6.30 -80.83 -17.09
C LEU E 145 -7.43 -79.84 -16.85
N VAL E 146 -7.19 -78.56 -17.20
CA VAL E 146 -8.17 -77.48 -17.04
C VAL E 146 -8.66 -77.19 -18.47
N LYS E 147 -9.71 -77.89 -18.87
CA LYS E 147 -10.24 -77.88 -20.23
C LYS E 147 -11.31 -76.84 -20.48
N ASP E 148 -11.32 -76.27 -21.73
CA ASP E 148 -12.26 -75.30 -22.31
C ASP E 148 -12.79 -74.25 -21.34
N TYR E 149 -12.11 -73.11 -21.29
CA TYR E 149 -12.49 -72.00 -20.45
C TYR E 149 -12.24 -70.70 -21.17
N PHE E 150 -12.99 -69.65 -20.81
CA PHE E 150 -12.83 -68.33 -21.41
C PHE E 150 -13.32 -67.23 -20.44
N PRO E 151 -12.64 -66.05 -20.34
CA PRO E 151 -11.35 -65.68 -20.94
C PRO E 151 -10.24 -66.11 -20.00
N GLU E 152 -9.01 -65.69 -20.27
CA GLU E 152 -7.90 -65.93 -19.36
C GLU E 152 -8.12 -64.93 -18.16
N PRO E 153 -7.68 -65.23 -16.93
CA PRO E 153 -6.81 -66.30 -16.47
C PRO E 153 -7.45 -67.36 -15.56
N VAL E 154 -6.71 -68.46 -15.40
CA VAL E 154 -7.04 -69.56 -14.48
C VAL E 154 -5.89 -69.66 -13.48
N THR E 155 -6.20 -69.90 -12.21
CA THR E 155 -5.14 -70.05 -11.23
C THR E 155 -5.17 -71.43 -10.63
N VAL E 156 -4.04 -72.15 -10.74
CA VAL E 156 -3.92 -73.47 -10.15
C VAL E 156 -2.95 -73.40 -8.95
N SER E 157 -3.37 -74.01 -7.85
CA SER E 157 -2.57 -74.16 -6.65
C SER E 157 -2.62 -75.64 -6.29
N TRP E 158 -1.72 -76.12 -5.42
CA TRP E 158 -1.74 -77.53 -5.05
C TRP E 158 -1.74 -77.67 -3.57
N ASN E 159 -2.67 -78.52 -3.06
CA ASN E 159 -2.88 -78.79 -1.63
C ASN E 159 -3.06 -77.48 -0.87
N SER E 160 -3.87 -76.59 -1.45
CA SER E 160 -4.20 -75.28 -0.94
C SER E 160 -2.94 -74.40 -0.70
N GLY E 161 -2.05 -74.41 -1.69
CA GLY E 161 -0.80 -73.65 -1.66
C GLY E 161 0.33 -74.22 -0.82
N ALA E 162 0.05 -75.27 -0.02
CA ALA E 162 1.02 -75.96 0.82
C ALA E 162 2.09 -76.67 -0.02
N LEU E 163 1.72 -77.08 -1.25
CA LEU E 163 2.62 -77.76 -2.22
C LEU E 163 3.02 -76.74 -3.29
N THR E 164 4.31 -76.44 -3.30
CA THR E 164 4.88 -75.40 -4.13
C THR E 164 6.01 -75.90 -4.96
N SER E 165 6.85 -76.75 -4.37
CA SER E 165 8.00 -77.25 -5.09
C SER E 165 7.62 -78.34 -6.08
N GLY E 166 8.14 -78.23 -7.30
CA GLY E 166 7.90 -79.20 -8.36
C GLY E 166 6.66 -78.95 -9.20
N VAL E 167 5.97 -77.84 -8.90
CA VAL E 167 4.77 -77.44 -9.62
C VAL E 167 5.16 -76.67 -10.90
N HIS E 168 4.50 -76.99 -12.00
CA HIS E 168 4.66 -76.31 -13.28
C HIS E 168 3.30 -76.14 -13.95
N THR E 169 2.70 -74.94 -13.81
CA THR E 169 1.44 -74.63 -14.48
C THR E 169 1.85 -74.11 -15.84
N PHE E 170 1.49 -74.88 -16.86
CA PHE E 170 1.82 -74.60 -18.25
C PHE E 170 1.00 -73.46 -18.82
N PRO E 171 1.58 -72.70 -19.81
CA PRO E 171 0.79 -71.66 -20.49
C PRO E 171 -0.32 -72.31 -21.29
N ALA E 172 -1.49 -71.67 -21.28
CA ALA E 172 -2.68 -72.17 -21.93
C ALA E 172 -2.59 -72.21 -23.44
N VAL E 173 -3.25 -73.20 -24.04
CA VAL E 173 -3.38 -73.33 -25.49
C VAL E 173 -4.68 -72.61 -25.87
N LEU E 174 -4.65 -71.82 -26.97
CA LEU E 174 -5.88 -71.18 -27.42
C LEU E 174 -6.38 -72.02 -28.60
N GLN E 175 -7.31 -72.95 -28.29
CA GLN E 175 -7.93 -73.88 -29.23
C GLN E 175 -8.71 -73.12 -30.29
N SER E 176 -8.95 -73.78 -31.45
CA SER E 176 -9.70 -73.24 -32.58
C SER E 176 -11.11 -72.73 -32.17
N SER E 177 -11.74 -73.40 -31.16
CA SER E 177 -13.06 -73.06 -30.59
C SER E 177 -13.12 -71.68 -29.89
N GLY E 178 -11.98 -71.01 -29.75
CA GLY E 178 -11.88 -69.72 -29.07
C GLY E 178 -11.66 -69.87 -27.57
N LEU E 179 -11.67 -71.12 -27.08
CA LEU E 179 -11.53 -71.50 -25.69
C LEU E 179 -10.11 -71.92 -25.32
N TYR E 180 -9.72 -71.54 -24.11
CA TYR E 180 -8.41 -71.85 -23.55
C TYR E 180 -8.44 -73.20 -22.81
N SER E 181 -7.27 -73.85 -22.68
CA SER E 181 -7.04 -75.11 -21.99
C SER E 181 -5.60 -75.12 -21.49
N LEU E 182 -5.38 -75.48 -20.21
CA LEU E 182 -4.04 -75.55 -19.65
C LEU E 182 -3.89 -76.77 -18.78
N SER E 183 -2.66 -77.07 -18.41
CA SER E 183 -2.33 -78.18 -17.54
C SER E 183 -1.35 -77.75 -16.48
N SER E 184 -1.55 -78.24 -15.25
CA SER E 184 -0.62 -78.00 -14.17
C SER E 184 -0.08 -79.36 -13.70
N VAL E 185 1.25 -79.53 -13.65
CA VAL E 185 1.84 -80.77 -13.19
C VAL E 185 2.71 -80.55 -11.99
N VAL E 186 2.74 -81.54 -11.13
CA VAL E 186 3.59 -81.53 -9.96
C VAL E 186 4.37 -82.86 -9.92
N THR E 187 5.71 -82.76 -9.70
CA THR E 187 6.58 -83.94 -9.59
C THR E 187 6.75 -84.24 -8.10
N VAL E 188 6.26 -85.39 -7.67
CA VAL E 188 6.22 -85.77 -6.26
C VAL E 188 6.90 -87.11 -6.00
N PRO E 189 7.26 -87.44 -4.73
CA PRO E 189 7.88 -88.74 -4.48
C PRO E 189 6.92 -89.88 -4.77
N SER E 190 7.43 -90.94 -5.43
CA SER E 190 6.66 -92.12 -5.78
C SER E 190 6.28 -92.87 -4.51
N SER E 191 7.18 -92.87 -3.51
CA SER E 191 6.99 -93.53 -2.22
C SER E 191 5.78 -92.99 -1.43
N SER E 192 5.61 -91.64 -1.41
CA SER E 192 4.52 -90.89 -0.72
C SER E 192 3.15 -91.27 -1.28
N LEU E 193 3.07 -91.69 -2.61
CA LEU E 193 1.79 -92.08 -3.24
C LEU E 193 1.15 -93.15 -2.38
N GLY E 194 -0.15 -93.18 -2.30
CA GLY E 194 -0.70 -94.17 -1.37
C GLY E 194 -0.90 -93.66 0.05
N THR E 195 -0.23 -92.56 0.46
CA THR E 195 -0.47 -91.88 1.75
C THR E 195 -0.80 -90.41 1.53
N GLN E 196 0.12 -89.69 0.91
CA GLN E 196 0.03 -88.30 0.56
C GLN E 196 -1.08 -88.08 -0.48
N THR E 197 -2.01 -87.18 -0.16
CA THR E 197 -3.13 -86.81 -1.04
C THR E 197 -2.75 -85.58 -1.83
N TYR E 198 -3.10 -85.55 -3.12
CA TYR E 198 -2.76 -84.41 -3.96
C TYR E 198 -4.04 -83.82 -4.57
N ILE E 199 -4.34 -82.55 -4.28
CA ILE E 199 -5.52 -81.83 -4.79
C ILE E 199 -5.09 -80.56 -5.51
N CYS E 200 -5.64 -80.33 -6.70
CA CYS E 200 -5.37 -79.10 -7.41
C CYS E 200 -6.53 -78.16 -7.24
N ASN E 201 -6.21 -76.92 -6.93
CA ASN E 201 -7.23 -75.92 -6.67
C ASN E 201 -7.28 -74.91 -7.81
N VAL E 202 -8.21 -75.16 -8.72
CA VAL E 202 -8.44 -74.38 -9.93
C VAL E 202 -9.43 -73.25 -9.64
N ASN E 203 -9.04 -72.03 -10.04
CA ASN E 203 -9.91 -70.87 -9.87
C ASN E 203 -10.01 -70.04 -11.16
N HIS E 204 -11.24 -69.96 -11.70
CA HIS E 204 -11.56 -69.14 -12.86
C HIS E 204 -12.51 -68.02 -12.35
N LYS E 205 -11.93 -66.87 -11.92
CA LYS E 205 -12.69 -65.70 -11.43
C LYS E 205 -13.68 -65.18 -12.49
N PRO E 206 -13.31 -65.12 -13.80
CA PRO E 206 -14.27 -64.60 -14.79
C PRO E 206 -15.64 -65.28 -14.86
N SER E 207 -15.77 -66.52 -14.37
CA SER E 207 -17.03 -67.30 -14.36
C SER E 207 -17.40 -67.83 -12.95
N ASN E 208 -16.74 -67.34 -11.88
CA ASN E 208 -16.95 -67.79 -10.50
C ASN E 208 -16.80 -69.32 -10.35
N THR E 209 -15.76 -69.89 -11.02
CA THR E 209 -15.51 -71.32 -10.97
C THR E 209 -14.37 -71.64 -10.00
N LYS E 210 -14.71 -72.39 -8.94
CA LYS E 210 -13.75 -72.87 -7.95
C LYS E 210 -13.91 -74.38 -7.97
N VAL E 211 -12.83 -75.09 -8.37
CA VAL E 211 -12.82 -76.55 -8.47
C VAL E 211 -11.60 -77.08 -7.72
N ASP E 212 -11.79 -78.17 -6.96
CA ASP E 212 -10.75 -78.85 -6.20
C ASP E 212 -10.71 -80.28 -6.65
N LYS E 213 -9.71 -80.67 -7.44
CA LYS E 213 -9.66 -82.05 -7.94
C LYS E 213 -8.65 -82.89 -7.25
N LYS E 214 -9.10 -84.00 -6.67
CA LYS E 214 -8.18 -84.95 -6.04
C LYS E 214 -7.61 -85.85 -7.18
N VAL E 215 -6.29 -85.81 -7.37
CA VAL E 215 -5.68 -86.63 -8.40
C VAL E 215 -4.96 -87.80 -7.66
N GLU E 216 -5.51 -89.02 -7.87
CA GLU E 216 -5.14 -90.29 -7.28
C GLU E 216 -4.55 -91.21 -8.34
N PRO E 217 -3.76 -92.27 -7.99
CA PRO E 217 -3.31 -93.23 -9.02
C PRO E 217 -4.46 -94.16 -9.45
N LYS E 218 -4.58 -94.49 -10.76
CA LYS E 218 -5.65 -95.36 -11.27
C LYS E 218 -5.23 -96.80 -11.03
N SER E 219 -6.16 -97.80 -11.19
CA SER E 219 -5.85 -99.23 -11.14
C SER E 219 -5.10 -99.63 -12.46
N GLU F 1 -3.50 28.38 -33.35
CA GLU F 1 -4.07 27.32 -34.20
C GLU F 1 -4.78 26.23 -33.39
N VAL F 2 -4.20 25.83 -32.24
CA VAL F 2 -4.84 24.81 -31.38
C VAL F 2 -5.94 25.51 -30.58
N GLN F 3 -7.17 24.98 -30.66
CA GLN F 3 -8.30 25.55 -29.95
C GLN F 3 -9.10 24.50 -29.21
N LEU F 4 -9.47 24.80 -27.96
CA LEU F 4 -10.32 23.99 -27.11
C LEU F 4 -11.38 24.94 -26.55
N VAL F 5 -12.67 24.65 -26.84
CA VAL F 5 -13.77 25.51 -26.39
C VAL F 5 -14.82 24.76 -25.58
N GLU F 6 -14.78 25.05 -24.27
CA GLU F 6 -15.66 24.51 -23.26
C GLU F 6 -17.00 25.17 -23.35
N SER F 7 -18.04 24.36 -23.31
CA SER F 7 -19.43 24.79 -23.35
C SER F 7 -20.20 24.00 -22.31
N GLY F 8 -21.39 24.51 -22.04
CA GLY F 8 -22.23 24.05 -20.95
C GLY F 8 -21.74 24.91 -19.80
N GLY F 9 -22.14 24.56 -18.62
CA GLY F 9 -21.71 25.35 -17.48
C GLY F 9 -22.73 26.41 -17.15
N GLY F 10 -23.07 26.48 -15.87
CA GLY F 10 -24.04 27.44 -15.35
C GLY F 10 -24.39 27.18 -13.90
N LEU F 11 -25.59 27.61 -13.50
CA LEU F 11 -26.03 27.38 -12.12
C LEU F 11 -26.90 26.14 -12.03
N VAL F 12 -26.47 25.19 -11.18
CA VAL F 12 -27.18 23.93 -10.92
C VAL F 12 -27.56 23.90 -9.43
N GLN F 13 -28.58 23.12 -9.10
CA GLN F 13 -29.04 22.93 -7.74
C GLN F 13 -28.23 21.77 -7.16
N PRO F 14 -27.91 21.75 -5.84
CA PRO F 14 -27.19 20.59 -5.28
C PRO F 14 -28.01 19.31 -5.48
N GLY F 15 -27.36 18.29 -6.03
CA GLY F 15 -27.99 17.02 -6.36
C GLY F 15 -28.35 16.87 -7.83
N GLY F 16 -28.31 18.00 -8.53
CA GLY F 16 -28.62 18.08 -9.95
C GLY F 16 -27.57 17.48 -10.86
N SER F 17 -27.80 17.64 -12.18
CA SER F 17 -26.95 17.14 -13.24
C SER F 17 -26.57 18.19 -14.26
N LEU F 18 -25.40 18.04 -14.89
CA LEU F 18 -24.89 18.96 -15.89
C LEU F 18 -23.93 18.26 -16.82
N ARG F 19 -23.99 18.58 -18.10
CA ARG F 19 -23.12 17.97 -19.10
C ARG F 19 -22.26 19.05 -19.76
N LEU F 20 -20.93 18.84 -19.76
CA LEU F 20 -19.99 19.78 -20.38
C LEU F 20 -19.44 19.21 -21.70
N SER F 21 -19.17 20.09 -22.66
CA SER F 21 -18.63 19.71 -23.97
C SER F 21 -17.38 20.52 -24.25
N CYS F 22 -16.47 19.95 -25.02
CA CYS F 22 -15.24 20.63 -25.37
C CYS F 22 -14.95 20.34 -26.82
N ALA F 23 -14.96 21.40 -27.67
CA ALA F 23 -14.71 21.27 -29.10
C ALA F 23 -13.23 21.45 -29.40
N ALA F 24 -12.60 20.37 -29.90
CA ALA F 24 -11.18 20.37 -30.23
C ALA F 24 -10.89 20.57 -31.72
N SER F 25 -9.91 21.43 -31.99
CA SER F 25 -9.43 21.78 -33.34
C SER F 25 -7.94 22.12 -33.26
N GLY F 26 -7.29 22.16 -34.43
CA GLY F 26 -5.87 22.50 -34.54
C GLY F 26 -4.88 21.38 -34.27
N PHE F 27 -5.37 20.16 -33.94
CA PHE F 27 -4.51 19.00 -33.67
C PHE F 27 -5.20 17.68 -33.91
N THR F 28 -4.42 16.59 -33.94
CA THR F 28 -4.98 15.27 -34.11
C THR F 28 -5.53 14.78 -32.76
N PHE F 29 -6.79 15.14 -32.46
CA PHE F 29 -7.51 14.80 -31.25
C PHE F 29 -7.55 13.28 -31.05
N SER F 30 -7.75 12.53 -32.15
CA SER F 30 -7.81 11.07 -32.22
C SER F 30 -6.60 10.35 -31.61
N SER F 31 -5.45 11.04 -31.51
CA SER F 31 -4.22 10.41 -31.01
C SER F 31 -3.67 10.99 -29.67
N TYR F 32 -4.51 11.71 -28.90
CA TYR F 32 -4.09 12.23 -27.60
C TYR F 32 -5.11 11.91 -26.52
N ALA F 33 -4.64 11.65 -25.29
CA ALA F 33 -5.54 11.45 -24.17
C ALA F 33 -6.07 12.84 -23.80
N MET F 34 -7.22 12.92 -23.17
CA MET F 34 -7.78 14.23 -22.83
C MET F 34 -8.24 14.23 -21.40
N SER F 35 -8.32 15.41 -20.77
CA SER F 35 -8.82 15.47 -19.40
C SER F 35 -9.50 16.79 -19.07
N TRP F 36 -10.14 16.83 -17.90
CA TRP F 36 -10.89 17.93 -17.32
C TRP F 36 -10.17 18.28 -16.05
N VAL F 37 -9.85 19.56 -15.85
CA VAL F 37 -9.16 20.09 -14.67
C VAL F 37 -10.03 21.23 -14.16
N ARG F 38 -10.35 21.24 -12.85
CA ARG F 38 -11.20 22.29 -12.30
C ARG F 38 -10.46 23.19 -11.35
N GLN F 39 -10.98 24.43 -11.18
CA GLN F 39 -10.42 25.44 -10.27
C GLN F 39 -11.52 26.16 -9.50
N ALA F 40 -11.65 25.85 -8.19
CA ALA F 40 -12.63 26.52 -7.32
C ALA F 40 -12.26 28.01 -7.27
N PRO F 41 -13.23 28.94 -7.28
CA PRO F 41 -12.87 30.37 -7.33
C PRO F 41 -11.96 30.81 -6.18
N GLY F 42 -10.83 31.42 -6.55
CA GLY F 42 -9.80 31.91 -5.63
C GLY F 42 -8.93 30.80 -5.06
N LYS F 43 -9.13 29.57 -5.57
CA LYS F 43 -8.40 28.39 -5.13
C LYS F 43 -7.48 27.86 -6.24
N GLY F 44 -6.86 26.71 -6.00
CA GLY F 44 -5.93 26.10 -6.93
C GLY F 44 -6.54 25.09 -7.88
N LEU F 45 -5.66 24.44 -8.66
CA LEU F 45 -6.01 23.45 -9.67
C LEU F 45 -6.18 22.03 -9.12
N GLU F 46 -7.22 21.33 -9.57
CA GLU F 46 -7.53 19.96 -9.18
C GLU F 46 -7.91 19.16 -10.41
N TRP F 47 -7.15 18.09 -10.70
CA TRP F 47 -7.49 17.24 -11.84
C TRP F 47 -8.78 16.47 -11.53
N VAL F 48 -9.73 16.43 -12.48
CA VAL F 48 -11.04 15.80 -12.33
C VAL F 48 -11.08 14.38 -12.92
N SER F 49 -10.84 14.25 -14.23
CA SER F 49 -10.89 12.96 -14.95
C SER F 49 -10.15 13.00 -16.28
N ALA F 50 -9.82 11.83 -16.83
CA ALA F 50 -9.14 11.69 -18.12
C ALA F 50 -9.67 10.49 -18.86
N ILE F 51 -9.43 10.46 -20.19
CA ILE F 51 -9.87 9.40 -21.11
C ILE F 51 -8.70 8.99 -22.00
N SER F 52 -8.56 7.67 -22.24
CA SER F 52 -7.52 7.10 -23.09
C SER F 52 -7.67 7.58 -24.52
N VAL F 53 -6.60 7.45 -25.32
CA VAL F 53 -6.57 7.83 -26.74
C VAL F 53 -7.75 7.16 -27.47
N SER F 54 -7.93 5.84 -27.26
CA SER F 54 -9.02 5.04 -27.85
C SER F 54 -10.43 5.42 -27.32
N GLY F 55 -10.48 5.90 -26.08
CA GLY F 55 -11.74 6.24 -25.41
C GLY F 55 -12.23 5.14 -24.49
N GLY F 56 -11.67 3.95 -24.67
CA GLY F 56 -12.01 2.74 -23.94
C GLY F 56 -11.75 2.73 -22.44
N SER F 57 -10.66 3.41 -21.98
CA SER F 57 -10.35 3.47 -20.56
C SER F 57 -10.47 4.89 -20.02
N THR F 58 -11.15 5.05 -18.86
CA THR F 58 -11.35 6.34 -18.19
C THR F 58 -10.72 6.31 -16.80
N TYR F 59 -10.25 7.48 -16.34
CA TYR F 59 -9.55 7.68 -15.06
C TYR F 59 -10.14 8.89 -14.33
N TYR F 60 -10.37 8.78 -13.00
CA TYR F 60 -11.01 9.82 -12.21
C TYR F 60 -10.34 10.09 -10.85
N ALA F 61 -10.51 11.34 -10.34
CA ALA F 61 -10.10 11.74 -8.99
C ALA F 61 -11.07 11.06 -8.02
N ASP F 62 -10.66 10.82 -6.76
CA ASP F 62 -11.58 10.19 -5.80
C ASP F 62 -12.79 11.06 -5.50
N SER F 63 -12.62 12.40 -5.50
CA SER F 63 -13.65 13.40 -5.25
C SER F 63 -14.85 13.32 -6.20
N VAL F 64 -14.62 12.91 -7.46
CA VAL F 64 -15.69 12.80 -8.44
C VAL F 64 -16.07 11.33 -8.83
N LYS F 65 -15.24 10.33 -8.48
CA LYS F 65 -15.51 8.94 -8.87
C LYS F 65 -16.93 8.50 -8.52
N GLY F 66 -17.62 7.97 -9.52
CA GLY F 66 -18.98 7.47 -9.37
C GLY F 66 -20.06 8.44 -9.81
N ARG F 67 -19.76 9.76 -9.69
CA ARG F 67 -20.68 10.84 -10.02
C ARG F 67 -20.44 11.45 -11.41
N PHE F 68 -19.18 11.52 -11.84
CA PHE F 68 -18.84 12.11 -13.14
C PHE F 68 -18.40 11.06 -14.14
N THR F 69 -18.69 11.29 -15.44
CA THR F 69 -18.30 10.40 -16.53
C THR F 69 -17.75 11.16 -17.74
N ILE F 70 -16.46 10.95 -18.02
CA ILE F 70 -15.78 11.53 -19.17
C ILE F 70 -15.99 10.59 -20.39
N SER F 71 -16.19 11.19 -21.58
CA SER F 71 -16.44 10.47 -22.84
C SER F 71 -15.89 11.28 -24.01
N ARG F 72 -15.54 10.61 -25.12
CA ARG F 72 -15.03 11.29 -26.30
C ARG F 72 -15.68 10.80 -27.58
N ASP F 73 -15.80 11.68 -28.58
CA ASP F 73 -16.35 11.40 -29.90
C ASP F 73 -15.30 11.84 -30.90
N ASN F 74 -14.35 10.92 -31.20
CA ASN F 74 -13.24 11.19 -32.11
C ASN F 74 -13.69 11.65 -33.50
N SER F 75 -14.90 11.22 -33.93
CA SER F 75 -15.51 11.59 -35.20
C SER F 75 -16.00 13.05 -35.21
N LYS F 76 -16.43 13.58 -34.04
CA LYS F 76 -16.92 14.95 -33.90
C LYS F 76 -15.85 15.85 -33.23
N ASN F 77 -14.66 15.26 -32.90
CA ASN F 77 -13.54 15.92 -32.21
C ASN F 77 -14.03 16.68 -30.97
N THR F 78 -14.84 15.98 -30.14
CA THR F 78 -15.48 16.52 -28.94
C THR F 78 -15.21 15.66 -27.71
N LEU F 79 -15.03 16.32 -26.56
CA LEU F 79 -14.84 15.71 -25.25
C LEU F 79 -16.04 16.08 -24.39
N TYR F 80 -16.58 15.12 -23.64
CA TYR F 80 -17.74 15.38 -22.80
C TYR F 80 -17.47 15.04 -21.34
N LEU F 81 -18.20 15.72 -20.44
CA LEU F 81 -18.14 15.46 -19.01
C LEU F 81 -19.54 15.49 -18.41
N GLN F 82 -20.08 14.31 -18.09
CA GLN F 82 -21.41 14.20 -17.49
C GLN F 82 -21.26 14.22 -15.96
N MET F 83 -21.72 15.32 -15.34
CA MET F 83 -21.67 15.51 -13.90
C MET F 83 -23.03 15.25 -13.30
N ASN F 84 -23.16 14.21 -12.48
CA ASN F 84 -24.42 13.88 -11.80
C ASN F 84 -24.20 14.04 -10.31
N SER F 85 -25.31 14.11 -9.53
CA SER F 85 -25.29 14.20 -8.07
C SER F 85 -24.29 15.28 -7.56
N LEU F 86 -24.36 16.47 -8.15
CA LEU F 86 -23.48 17.61 -7.86
C LEU F 86 -23.59 18.17 -6.44
N ARG F 87 -22.51 18.80 -5.96
CA ARG F 87 -22.41 19.38 -4.62
C ARG F 87 -21.70 20.72 -4.72
N ALA F 88 -21.89 21.59 -3.71
CA ALA F 88 -21.26 22.91 -3.61
C ALA F 88 -19.73 22.87 -3.84
N GLU F 89 -19.06 21.80 -3.35
CA GLU F 89 -17.62 21.55 -3.52
C GLU F 89 -17.23 21.51 -5.00
N ASP F 90 -18.16 21.04 -5.87
CA ASP F 90 -17.94 20.97 -7.30
C ASP F 90 -17.99 22.36 -7.98
N THR F 91 -18.37 23.43 -7.23
CA THR F 91 -18.39 24.79 -7.80
C THR F 91 -16.96 25.15 -8.17
N ALA F 92 -16.71 25.30 -9.49
CA ALA F 92 -15.40 25.60 -10.04
C ALA F 92 -15.47 25.99 -11.51
N VAL F 93 -14.34 26.44 -12.06
CA VAL F 93 -14.19 26.71 -13.49
C VAL F 93 -13.64 25.40 -14.05
N TYR F 94 -14.35 24.80 -15.00
CA TYR F 94 -13.95 23.52 -15.57
C TYR F 94 -13.20 23.71 -16.88
N TYR F 95 -11.91 23.42 -16.85
CA TYR F 95 -11.06 23.51 -18.02
C TYR F 95 -10.99 22.17 -18.66
N CYS F 96 -10.99 22.19 -19.96
CA CYS F 96 -10.82 21.01 -20.76
C CYS F 96 -9.37 21.12 -21.21
N ALA F 97 -8.61 20.03 -21.19
CA ALA F 97 -7.20 20.09 -21.58
C ALA F 97 -6.68 18.87 -22.31
N LYS F 98 -5.61 19.06 -23.08
CA LYS F 98 -4.91 18.01 -23.81
C LYS F 98 -3.93 17.43 -22.79
N ALA F 99 -4.35 16.33 -22.14
CA ALA F 99 -3.55 15.59 -21.16
C ALA F 99 -2.65 14.70 -21.95
N ASN F 100 -1.35 14.71 -21.72
CA ASN F 100 -0.55 13.84 -22.58
C ASN F 100 -0.36 12.50 -21.94
N TRP F 101 0.55 12.44 -20.98
CA TRP F 101 0.71 11.30 -20.14
C TRP F 101 0.67 11.81 -18.72
N GLY F 102 -0.12 12.87 -18.50
CA GLY F 102 -0.31 13.49 -17.19
C GLY F 102 -0.06 14.99 -17.13
N PHE F 103 0.28 15.62 -18.25
CA PHE F 103 0.54 17.07 -18.29
C PHE F 103 -0.31 17.73 -19.36
N PHE F 104 -0.68 18.98 -19.12
CA PHE F 104 -1.61 19.69 -19.96
C PHE F 104 -0.97 20.85 -20.71
N ASP F 105 -0.64 20.61 -21.99
CA ASP F 105 0.01 21.61 -22.84
C ASP F 105 -0.96 22.65 -23.39
N TYR F 106 -2.17 22.20 -23.82
CA TYR F 106 -3.22 23.08 -24.34
C TYR F 106 -4.44 23.04 -23.44
N TRP F 107 -5.01 24.22 -23.14
CA TRP F 107 -6.15 24.33 -22.25
C TRP F 107 -7.39 24.95 -22.82
N GLY F 108 -7.44 26.24 -23.02
CA GLY F 108 -8.72 26.80 -23.41
C GLY F 108 -9.44 27.34 -22.18
N GLN F 109 -10.17 28.43 -22.39
CA GLN F 109 -10.79 29.25 -21.37
C GLN F 109 -12.01 28.54 -20.86
N GLY F 110 -11.92 28.09 -19.61
CA GLY F 110 -12.94 27.26 -18.97
C GLY F 110 -14.36 27.76 -18.90
N THR F 111 -15.28 26.85 -18.49
CA THR F 111 -16.70 27.12 -18.27
C THR F 111 -17.01 27.10 -16.77
N LEU F 112 -17.78 28.07 -16.28
CA LEU F 112 -18.06 28.12 -14.84
C LEU F 112 -19.27 27.27 -14.48
N VAL F 113 -19.11 26.41 -13.48
CA VAL F 113 -20.19 25.58 -12.93
C VAL F 113 -20.39 26.06 -11.48
N THR F 114 -21.60 26.52 -11.15
CA THR F 114 -21.94 27.05 -9.83
C THR F 114 -23.03 26.16 -9.25
N VAL F 115 -22.74 25.50 -8.14
CA VAL F 115 -23.70 24.61 -7.50
C VAL F 115 -24.14 25.25 -6.21
N SER F 116 -25.35 25.85 -6.21
CA SER F 116 -25.93 26.47 -5.02
C SER F 116 -27.41 26.23 -4.89
N SER F 117 -27.85 25.95 -3.63
CA SER F 117 -29.24 25.74 -3.21
C SER F 117 -29.85 27.09 -2.86
N ALA F 118 -28.98 28.13 -2.75
CA ALA F 118 -29.34 29.51 -2.44
C ALA F 118 -30.16 30.13 -3.56
N SER F 119 -31.14 30.97 -3.16
CA SER F 119 -32.00 31.75 -4.06
C SER F 119 -31.39 33.17 -4.06
N THR F 120 -32.21 34.20 -3.87
CA THR F 120 -31.68 35.56 -3.75
C THR F 120 -31.80 35.95 -2.29
N LYS F 121 -30.69 35.91 -1.55
CA LYS F 121 -30.74 36.28 -0.13
C LYS F 121 -30.13 37.63 0.12
N GLY F 122 -30.84 38.42 0.91
CA GLY F 122 -30.40 39.71 1.38
C GLY F 122 -29.52 39.53 2.60
N PRO F 123 -28.59 40.47 2.85
CA PRO F 123 -27.70 40.32 4.00
C PRO F 123 -28.26 40.76 5.36
N SER F 124 -27.66 40.25 6.43
CA SER F 124 -27.93 40.63 7.81
C SER F 124 -26.74 41.56 8.13
N VAL F 125 -27.02 42.79 8.54
CA VAL F 125 -25.97 43.77 8.82
C VAL F 125 -25.82 43.94 10.33
N PHE F 126 -24.56 43.76 10.82
CA PHE F 126 -24.20 43.88 12.24
C PHE F 126 -23.13 44.95 12.43
N PRO F 127 -23.17 45.73 13.53
CA PRO F 127 -22.15 46.75 13.73
C PRO F 127 -20.85 46.20 14.31
N LEU F 128 -19.73 46.62 13.73
CA LEU F 128 -18.42 46.25 14.24
C LEU F 128 -17.99 47.48 15.03
N ALA F 129 -18.31 47.47 16.33
CA ALA F 129 -18.12 48.57 17.29
C ALA F 129 -16.67 48.93 17.53
N PRO F 130 -16.39 50.24 17.79
CA PRO F 130 -14.99 50.65 18.04
C PRO F 130 -14.47 50.36 19.46
N SER F 131 -13.23 49.82 19.55
CA SER F 131 -12.51 49.46 20.78
C SER F 131 -11.87 50.70 21.48
N SER F 132 -10.93 50.47 22.46
CA SER F 132 -10.15 51.49 23.20
C SER F 132 -8.73 51.00 23.62
N GLY F 137 -4.29 54.23 18.42
CA GLY F 137 -3.56 55.10 19.34
C GLY F 137 -3.76 56.58 19.05
N GLY F 138 -5.01 57.03 19.23
CA GLY F 138 -5.50 58.38 18.95
C GLY F 138 -6.73 58.32 18.06
N THR F 139 -6.71 57.37 17.09
CA THR F 139 -7.78 56.99 16.15
C THR F 139 -8.41 55.63 16.54
N ALA F 140 -9.61 55.40 16.03
CA ALA F 140 -10.37 54.19 16.27
C ALA F 140 -10.96 53.65 14.96
N ALA F 141 -11.04 52.32 14.85
CA ALA F 141 -11.61 51.65 13.69
C ALA F 141 -12.94 51.00 14.07
N LEU F 142 -13.97 51.29 13.26
CA LEU F 142 -15.32 50.75 13.38
C LEU F 142 -15.79 50.31 11.98
N GLY F 143 -16.80 49.43 11.93
CA GLY F 143 -17.28 48.93 10.66
C GLY F 143 -18.61 48.23 10.64
N CYS F 144 -18.87 47.48 9.56
CA CYS F 144 -20.11 46.75 9.36
C CYS F 144 -19.89 45.36 8.85
N LEU F 145 -20.51 44.39 9.50
CA LEU F 145 -20.45 43.02 9.03
C LEU F 145 -21.68 42.79 8.19
N VAL F 146 -21.49 42.49 6.90
CA VAL F 146 -22.56 42.26 5.94
C VAL F 146 -22.54 40.76 5.74
N LYS F 147 -23.24 40.05 6.66
CA LYS F 147 -23.28 38.58 6.73
C LYS F 147 -24.32 37.95 5.83
N ASP F 148 -23.97 36.75 5.28
CA ASP F 148 -24.77 35.83 4.47
C ASP F 148 -25.70 36.49 3.46
N TYR F 149 -25.20 36.67 2.25
CA TYR F 149 -25.97 37.23 1.15
C TYR F 149 -25.62 36.52 -0.16
N PHE F 150 -26.59 36.49 -1.12
CA PHE F 150 -26.43 35.86 -2.42
C PHE F 150 -27.36 36.50 -3.47
N PRO F 151 -26.83 36.82 -4.65
CA PRO F 151 -25.44 36.65 -5.10
C PRO F 151 -24.63 37.95 -4.96
N GLU F 152 -23.37 37.97 -5.44
CA GLU F 152 -22.58 39.21 -5.41
C GLU F 152 -23.18 40.21 -6.44
N PRO F 153 -23.21 41.56 -6.25
CA PRO F 153 -22.52 42.40 -5.26
C PRO F 153 -23.34 43.17 -4.23
N VAL F 154 -22.64 43.70 -3.22
CA VAL F 154 -23.18 44.52 -2.15
C VAL F 154 -22.42 45.86 -2.19
N THR F 155 -23.10 46.97 -1.94
CA THR F 155 -22.42 48.27 -1.93
C THR F 155 -22.53 48.94 -0.59
N VAL F 156 -21.39 49.28 0.01
CA VAL F 156 -21.37 49.96 1.30
C VAL F 156 -20.88 51.40 1.14
N SER F 157 -21.59 52.32 1.77
CA SER F 157 -21.25 53.73 1.81
C SER F 157 -21.29 54.13 3.28
N TRP F 158 -20.72 55.29 3.64
CA TRP F 158 -20.75 55.72 5.04
C TRP F 158 -21.25 57.13 5.14
N ASN F 159 -22.21 57.35 6.08
CA ASN F 159 -22.89 58.63 6.33
C ASN F 159 -23.45 59.20 5.04
N SER F 160 -24.10 58.30 4.26
CA SER F 160 -24.72 58.55 2.96
C SER F 160 -23.74 59.17 1.96
N GLY F 161 -22.55 58.58 1.89
CA GLY F 161 -21.50 59.01 0.98
C GLY F 161 -20.68 60.20 1.41
N ALA F 162 -20.97 60.77 2.61
CA ALA F 162 -20.22 61.89 3.17
C ALA F 162 -18.85 61.46 3.72
N LEU F 163 -18.56 60.15 3.72
CA LEU F 163 -17.31 59.56 4.15
C LEU F 163 -16.70 58.72 3.06
N THR F 164 -15.45 59.05 2.72
CA THR F 164 -14.69 58.40 1.67
C THR F 164 -13.29 58.08 2.18
N SER F 165 -12.63 59.08 2.84
CA SER F 165 -11.29 58.89 3.42
C SER F 165 -11.33 58.03 4.70
N GLY F 166 -10.47 57.02 4.69
CA GLY F 166 -10.36 56.06 5.77
C GLY F 166 -11.29 54.87 5.63
N VAL F 167 -12.17 54.88 4.58
CA VAL F 167 -13.12 53.79 4.30
C VAL F 167 -12.45 52.70 3.48
N HIS F 168 -12.64 51.45 3.88
CA HIS F 168 -12.14 50.29 3.17
C HIS F 168 -13.16 49.16 3.18
N THR F 169 -13.89 49.02 2.07
CA THR F 169 -14.84 47.92 1.93
C THR F 169 -14.05 46.77 1.36
N PHE F 170 -13.92 45.72 2.16
CA PHE F 170 -13.17 44.53 1.83
C PHE F 170 -13.86 43.61 0.84
N PRO F 171 -13.10 42.89 -0.01
CA PRO F 171 -13.73 41.91 -0.91
C PRO F 171 -14.36 40.78 -0.10
N ALA F 172 -15.51 40.31 -0.59
CA ALA F 172 -16.32 39.28 0.05
C ALA F 172 -15.72 37.92 0.07
N VAL F 173 -16.00 37.18 1.15
CA VAL F 173 -15.58 35.80 1.36
C VAL F 173 -16.70 34.93 0.86
N LEU F 174 -16.39 33.84 0.16
CA LEU F 174 -17.43 32.92 -0.27
C LEU F 174 -17.39 31.73 0.69
N GLN F 175 -18.25 31.80 1.73
CA GLN F 175 -18.35 30.81 2.79
C GLN F 175 -18.78 29.46 2.21
N SER F 176 -18.51 28.37 2.96
CA SER F 176 -18.85 27.00 2.60
C SER F 176 -20.36 26.85 2.31
N SER F 177 -21.22 27.63 3.02
CA SER F 177 -22.69 27.66 2.86
C SER F 177 -23.18 28.14 1.46
N GLY F 178 -22.25 28.59 0.61
CA GLY F 178 -22.52 29.12 -0.73
C GLY F 178 -22.86 30.60 -0.70
N LEU F 179 -22.92 31.18 0.51
CA LEU F 179 -23.26 32.59 0.79
C LEU F 179 -22.03 33.46 0.97
N TYR F 180 -22.15 34.69 0.47
CA TYR F 180 -21.10 35.68 0.57
C TYR F 180 -21.23 36.48 1.88
N SER F 181 -20.12 37.07 2.35
CA SER F 181 -20.02 37.91 3.54
C SER F 181 -18.86 38.88 3.34
N LEU F 182 -19.08 40.15 3.64
CA LEU F 182 -18.01 41.14 3.55
C LEU F 182 -18.03 42.08 4.73
N SER F 183 -16.98 42.88 4.86
CA SER F 183 -16.87 43.87 5.90
C SER F 183 -16.37 45.20 5.35
N SER F 184 -16.91 46.30 5.88
CA SER F 184 -16.44 47.63 5.52
C SER F 184 -15.99 48.32 6.79
N VAL F 185 -14.77 48.88 6.79
CA VAL F 185 -14.23 49.60 7.95
C VAL F 185 -13.89 51.02 7.64
N VAL F 186 -14.06 51.88 8.64
CA VAL F 186 -13.67 53.28 8.53
C VAL F 186 -12.86 53.68 9.78
N THR F 187 -11.73 54.39 9.56
CA THR F 187 -10.86 54.84 10.65
C THR F 187 -11.22 56.29 10.92
N VAL F 188 -11.73 56.53 12.14
CA VAL F 188 -12.25 57.83 12.57
C VAL F 188 -11.58 58.36 13.84
N PRO F 189 -11.69 59.67 14.17
CA PRO F 189 -11.08 60.16 15.42
C PRO F 189 -11.74 59.56 16.64
N SER F 190 -10.91 59.19 17.64
CA SER F 190 -11.40 58.61 18.90
C SER F 190 -12.20 59.64 19.70
N SER F 191 -11.80 60.92 19.61
CA SER F 191 -12.45 62.03 20.30
C SER F 191 -13.92 62.23 19.85
N SER F 192 -14.17 62.08 18.54
CA SER F 192 -15.48 62.27 17.92
C SER F 192 -16.53 61.25 18.34
N LEU F 193 -16.11 60.01 18.64
CA LEU F 193 -16.91 58.81 18.93
C LEU F 193 -18.32 59.01 19.58
N GLY F 194 -18.40 59.69 20.72
CA GLY F 194 -19.65 59.91 21.44
C GLY F 194 -20.54 61.05 20.95
N THR F 195 -19.96 61.99 20.20
CA THR F 195 -20.65 63.16 19.66
C THR F 195 -21.09 63.00 18.19
N GLN F 196 -20.31 62.24 17.37
CA GLN F 196 -20.60 62.01 15.96
C GLN F 196 -21.31 60.71 15.70
N THR F 197 -22.14 60.70 14.64
CA THR F 197 -22.92 59.53 14.25
C THR F 197 -22.35 58.90 13.00
N TYR F 198 -22.08 57.58 13.09
CA TYR F 198 -21.55 56.78 11.99
C TYR F 198 -22.56 55.75 11.56
N ILE F 199 -23.06 55.88 10.30
CA ILE F 199 -24.09 55.03 9.70
C ILE F 199 -23.54 54.40 8.42
N CYS F 200 -23.56 53.05 8.31
CA CYS F 200 -23.13 52.42 7.07
C CYS F 200 -24.35 52.08 6.24
N ASN F 201 -24.31 52.39 4.94
CA ASN F 201 -25.43 52.21 4.02
C ASN F 201 -25.16 51.06 3.06
N VAL F 202 -25.68 49.89 3.43
CA VAL F 202 -25.54 48.63 2.70
C VAL F 202 -26.67 48.49 1.67
N ASN F 203 -26.30 48.16 0.43
CA ASN F 203 -27.27 47.99 -0.65
C ASN F 203 -27.01 46.72 -1.44
N HIS F 204 -28.00 45.84 -1.48
CA HIS F 204 -27.93 44.59 -2.20
C HIS F 204 -29.06 44.58 -3.22
N LYS F 205 -28.80 45.20 -4.40
CA LYS F 205 -29.78 45.34 -5.50
C LYS F 205 -30.44 43.99 -5.96
N PRO F 206 -29.71 42.85 -6.13
CA PRO F 206 -30.40 41.60 -6.55
C PRO F 206 -31.59 41.16 -5.69
N SER F 207 -31.57 41.50 -4.38
CA SER F 207 -32.62 41.14 -3.43
C SER F 207 -33.39 42.36 -2.91
N ASN F 208 -33.14 43.53 -3.50
CA ASN F 208 -33.73 44.82 -3.14
C ASN F 208 -33.64 45.10 -1.61
N THR F 209 -32.43 44.92 -1.07
CA THR F 209 -32.11 45.15 0.34
C THR F 209 -31.36 46.47 0.54
N LYS F 210 -31.95 47.38 1.32
CA LYS F 210 -31.34 48.65 1.70
C LYS F 210 -31.33 48.67 3.21
N VAL F 211 -30.13 48.66 3.81
CA VAL F 211 -29.94 48.64 5.26
C VAL F 211 -29.03 49.78 5.68
N ASP F 212 -29.42 50.50 6.75
CA ASP F 212 -28.63 51.57 7.36
C ASP F 212 -28.44 51.21 8.85
N LYS F 213 -27.18 50.96 9.28
CA LYS F 213 -26.89 50.63 10.68
C LYS F 213 -26.02 51.70 11.33
N LYS F 214 -26.44 52.17 12.51
CA LYS F 214 -25.70 53.14 13.33
C LYS F 214 -24.65 52.33 14.13
N VAL F 215 -23.36 52.53 13.80
CA VAL F 215 -22.27 51.88 14.50
C VAL F 215 -21.96 52.77 15.71
N GLU F 216 -22.20 52.22 16.90
CA GLU F 216 -22.01 52.93 18.16
C GLU F 216 -21.03 52.18 19.05
N PRO F 217 -20.29 52.87 19.97
CA PRO F 217 -19.38 52.14 20.86
C PRO F 217 -20.17 51.38 21.93
N LYS F 218 -19.68 50.18 22.34
CA LYS F 218 -20.33 49.33 23.35
C LYS F 218 -20.28 49.95 24.75
N SER F 219 -21.21 49.56 25.66
CA SER F 219 -21.26 50.03 27.05
C SER F 219 -20.03 49.55 27.89
N CYS F 220 -19.67 48.26 27.75
CA CYS F 220 -18.54 47.63 28.45
C CYS F 220 -17.81 46.63 27.54
N GLU G 1 36.38 37.98 18.82
CA GLU G 1 35.93 37.25 17.63
C GLU G 1 34.41 37.24 17.49
N VAL G 2 33.65 36.88 18.55
CA VAL G 2 32.18 36.92 18.48
C VAL G 2 31.77 38.37 18.65
N GLN G 3 31.07 38.92 17.65
CA GLN G 3 30.62 40.30 17.69
C GLN G 3 29.16 40.48 17.40
N LEU G 4 28.49 41.29 18.24
CA LEU G 4 27.09 41.68 18.09
C LEU G 4 27.07 43.21 18.17
N VAL G 5 26.60 43.89 17.10
CA VAL G 5 26.60 45.35 17.05
C VAL G 5 25.21 45.92 16.75
N GLU G 6 24.63 46.48 17.82
CA GLU G 6 23.31 47.10 17.86
C GLU G 6 23.40 48.46 17.22
N SER G 7 22.42 48.76 16.37
CA SER G 7 22.28 50.02 15.64
C SER G 7 20.80 50.40 15.62
N GLY G 8 20.52 51.66 15.29
CA GLY G 8 19.17 52.17 15.15
C GLY G 8 18.47 52.84 16.32
N GLY G 9 19.14 53.02 17.46
CA GLY G 9 18.57 53.70 18.63
C GLY G 9 18.74 55.19 18.58
N GLY G 10 17.91 55.91 19.33
CA GLY G 10 17.97 57.35 19.43
C GLY G 10 16.76 57.92 20.13
N LEU G 11 16.22 59.04 19.61
CA LEU G 11 15.02 59.69 20.15
C LEU G 11 13.75 59.41 19.32
N VAL G 12 12.69 58.92 19.96
CA VAL G 12 11.38 58.68 19.33
C VAL G 12 10.34 59.39 20.11
N GLN G 13 9.39 60.07 19.42
CA GLN G 13 8.29 60.71 20.12
C GLN G 13 7.40 59.60 20.74
N PRO G 14 6.72 59.85 21.88
CA PRO G 14 5.88 58.77 22.43
C PRO G 14 4.76 58.46 21.41
N GLY G 15 4.51 57.16 21.20
CA GLY G 15 3.53 56.67 20.23
C GLY G 15 4.17 56.33 18.89
N GLY G 16 5.40 56.81 18.72
CA GLY G 16 6.20 56.63 17.53
C GLY G 16 6.68 55.21 17.34
N SER G 17 7.57 55.07 16.34
CA SER G 17 8.15 53.82 15.90
C SER G 17 9.66 53.88 15.66
N LEU G 18 10.34 52.74 15.91
CA LEU G 18 11.77 52.62 15.78
C LEU G 18 12.14 51.21 15.48
N ARG G 19 13.12 51.01 14.60
CA ARG G 19 13.57 49.67 14.23
C ARG G 19 15.03 49.52 14.63
N LEU G 20 15.34 48.46 15.39
CA LEU G 20 16.73 48.22 15.82
C LEU G 20 17.29 47.05 15.03
N SER G 21 18.60 47.09 14.76
CA SER G 21 19.30 46.06 14.00
C SER G 21 20.47 45.59 14.81
N CYS G 22 20.84 44.33 14.60
CA CYS G 22 21.97 43.75 15.30
C CYS G 22 22.74 42.92 14.32
N ALA G 23 24.01 43.32 14.03
CA ALA G 23 24.87 42.61 13.09
C ALA G 23 25.67 41.53 13.82
N ALA G 24 25.43 40.27 13.44
CA ALA G 24 26.11 39.15 14.05
C ALA G 24 27.25 38.60 13.19
N SER G 25 28.38 38.34 13.85
CA SER G 25 29.60 37.78 13.27
C SER G 25 30.33 36.94 14.34
N GLY G 26 31.28 36.12 13.90
CA GLY G 26 32.07 35.29 14.80
C GLY G 26 31.48 33.96 15.21
N PHE G 27 30.24 33.66 14.75
CA PHE G 27 29.54 32.40 15.07
C PHE G 27 28.49 32.02 14.03
N THR G 28 28.01 30.78 14.11
CA THR G 28 26.98 30.35 13.18
C THR G 28 25.62 30.87 13.68
N PHE G 29 25.26 32.10 13.26
CA PHE G 29 24.02 32.78 13.62
C PHE G 29 22.80 31.93 13.24
N SER G 30 22.85 31.28 12.07
CA SER G 30 21.82 30.42 11.49
C SER G 30 21.37 29.31 12.42
N SER G 31 22.20 28.91 13.41
CA SER G 31 21.90 27.77 14.29
C SER G 31 21.70 28.10 15.77
N TYR G 32 21.43 29.39 16.11
CA TYR G 32 21.16 29.81 17.48
C TYR G 32 19.95 30.69 17.56
N ALA G 33 19.17 30.54 18.65
CA ALA G 33 18.02 31.42 18.89
C ALA G 33 18.61 32.77 19.31
N MET G 34 17.88 33.86 19.14
CA MET G 34 18.41 35.18 19.46
C MET G 34 17.39 35.95 20.24
N SER G 35 17.83 36.93 21.05
CA SER G 35 16.86 37.75 21.76
C SER G 35 17.37 39.15 22.01
N TRP G 36 16.45 40.03 22.47
CA TRP G 36 16.69 41.39 22.89
C TRP G 36 16.43 41.46 24.37
N VAL G 37 17.31 42.14 25.11
CA VAL G 37 17.23 42.33 26.58
C VAL G 37 17.43 43.82 26.79
N ARG G 38 16.55 44.49 27.54
CA ARG G 38 16.69 45.93 27.76
C ARG G 38 17.03 46.27 29.21
N GLN G 39 17.64 47.46 29.41
CA GLN G 39 18.02 47.98 30.73
C GLN G 39 17.71 49.48 30.86
N ALA G 40 16.66 49.82 31.62
CA ALA G 40 16.27 51.21 31.85
C ALA G 40 17.42 51.86 32.64
N PRO G 41 17.77 53.13 32.36
CA PRO G 41 18.91 53.74 33.08
C PRO G 41 18.79 53.70 34.60
N GLY G 42 19.82 53.16 35.22
CA GLY G 42 19.93 52.99 36.67
C GLY G 42 19.08 51.85 37.20
N LYS G 43 18.48 51.07 36.29
CA LYS G 43 17.63 49.96 36.64
C LYS G 43 18.29 48.61 36.22
N GLY G 44 17.54 47.54 36.39
CA GLY G 44 17.98 46.19 36.09
C GLY G 44 17.63 45.72 34.70
N LEU G 45 17.92 44.43 34.47
CA LEU G 45 17.72 43.75 33.19
C LEU G 45 16.30 43.19 33.05
N GLU G 46 15.72 43.35 31.86
CA GLU G 46 14.39 42.90 31.51
C GLU G 46 14.41 42.28 30.13
N TRP G 47 14.06 40.98 30.03
CA TRP G 47 14.03 40.33 28.72
C TRP G 47 12.87 40.91 27.90
N VAL G 48 13.10 41.23 26.62
CA VAL G 48 12.12 41.85 25.74
C VAL G 48 11.43 40.81 24.83
N SER G 49 12.19 40.12 23.97
CA SER G 49 11.68 39.14 23.02
C SER G 49 12.77 38.20 22.52
N ALA G 50 12.38 37.06 21.92
CA ALA G 50 13.29 36.07 21.33
C ALA G 50 12.69 35.48 20.08
N ILE G 51 13.54 34.87 19.24
CA ILE G 51 13.20 34.27 17.95
C ILE G 51 13.85 32.89 17.84
N SER G 52 13.11 31.91 17.30
CA SER G 52 13.59 30.55 17.10
C SER G 52 14.75 30.52 16.10
N VAL G 53 15.51 29.42 16.10
CA VAL G 53 16.64 29.20 15.20
C VAL G 53 16.19 29.43 13.74
N SER G 54 15.06 28.80 13.34
CA SER G 54 14.45 28.92 12.01
C SER G 54 13.93 30.34 11.71
N GLY G 55 13.50 31.06 12.74
CA GLY G 55 12.91 32.39 12.61
C GLY G 55 11.39 32.36 12.64
N GLY G 56 10.84 31.16 12.45
CA GLY G 56 9.41 30.91 12.40
C GLY G 56 8.60 31.15 13.65
N SER G 57 9.20 30.92 14.85
CA SER G 57 8.49 31.12 16.12
C SER G 57 9.12 32.25 16.93
N THR G 58 8.29 33.19 17.44
CA THR G 58 8.73 34.34 18.24
C THR G 58 8.08 34.30 19.63
N TYR G 59 8.79 34.85 20.64
CA TYR G 59 8.44 34.84 22.06
C TYR G 59 8.64 36.24 22.62
N TYR G 60 7.68 36.77 23.44
CA TYR G 60 7.72 38.16 23.95
C TYR G 60 7.33 38.29 25.42
N ALA G 61 7.87 39.36 26.05
CA ALA G 61 7.56 39.75 27.43
C ALA G 61 6.19 40.43 27.40
N ASP G 62 5.37 40.28 28.47
CA ASP G 62 4.04 40.87 28.50
C ASP G 62 4.02 42.39 28.27
N SER G 63 5.03 43.10 28.79
CA SER G 63 5.23 44.56 28.65
C SER G 63 5.31 45.06 27.20
N VAL G 64 5.85 44.24 26.29
CA VAL G 64 6.01 44.61 24.88
C VAL G 64 5.08 43.86 23.91
N LYS G 65 4.42 42.75 24.34
CA LYS G 65 3.57 41.95 23.45
C LYS G 65 2.57 42.78 22.69
N GLY G 66 2.58 42.62 21.36
CA GLY G 66 1.67 43.34 20.46
C GLY G 66 2.22 44.61 19.85
N ARG G 67 3.21 45.24 20.53
CA ARG G 67 3.84 46.47 20.08
C ARG G 67 5.19 46.24 19.41
N PHE G 68 5.95 45.23 19.86
CA PHE G 68 7.28 44.92 19.32
C PHE G 68 7.28 43.63 18.52
N THR G 69 8.10 43.58 17.45
CA THR G 69 8.22 42.40 16.59
C THR G 69 9.68 42.09 16.28
N ILE G 70 10.14 40.95 16.79
CA ILE G 70 11.48 40.45 16.54
C ILE G 70 11.48 39.66 15.21
N SER G 71 12.56 39.81 14.41
CA SER G 71 12.73 39.17 13.10
C SER G 71 14.20 38.90 12.84
N ARG G 72 14.51 37.87 12.02
CA ARG G 72 15.91 37.55 11.65
C ARG G 72 16.09 37.33 10.16
N ASP G 73 17.26 37.73 9.64
CA ASP G 73 17.67 37.55 8.26
C ASP G 73 18.96 36.72 8.28
N ASN G 74 18.81 35.38 8.30
CA ASN G 74 19.94 34.46 8.38
C ASN G 74 20.95 34.65 7.24
N SER G 75 20.49 35.15 6.08
CA SER G 75 21.32 35.44 4.90
C SER G 75 22.19 36.69 5.09
N LYS G 76 21.71 37.66 5.90
CA LYS G 76 22.45 38.91 6.18
C LYS G 76 23.05 38.88 7.60
N ASN G 77 22.84 37.74 8.34
CA ASN G 77 23.30 37.52 9.73
C ASN G 77 22.92 38.75 10.61
N THR G 78 21.64 39.16 10.50
CA THR G 78 21.09 40.32 11.17
C THR G 78 19.80 39.98 11.94
N LEU G 79 19.65 40.62 13.12
CA LEU G 79 18.50 40.48 13.99
C LEU G 79 17.83 41.84 14.04
N TYR G 80 16.50 41.88 13.99
CA TYR G 80 15.77 43.14 14.03
C TYR G 80 14.72 43.17 15.13
N LEU G 81 14.40 44.37 15.63
CA LEU G 81 13.34 44.59 16.60
C LEU G 81 12.56 45.82 16.15
N GLN G 82 11.34 45.59 15.63
CA GLN G 82 10.47 46.67 15.20
C GLN G 82 9.63 47.07 16.43
N MET G 83 9.90 48.26 16.96
CA MET G 83 9.19 48.81 18.11
C MET G 83 8.17 49.83 17.63
N ASN G 84 6.88 49.54 17.84
CA ASN G 84 5.81 50.46 17.48
C ASN G 84 5.09 50.87 18.76
N SER G 85 4.28 51.93 18.68
CA SER G 85 3.48 52.44 19.80
C SER G 85 4.29 52.56 21.09
N LEU G 86 5.48 53.20 20.99
CA LEU G 86 6.43 53.38 22.08
C LEU G 86 5.95 54.27 23.21
N ARG G 87 6.47 54.02 24.42
CA ARG G 87 6.13 54.77 25.65
C ARG G 87 7.41 55.07 26.43
N ALA G 88 7.36 56.07 27.33
CA ALA G 88 8.50 56.48 28.19
C ALA G 88 9.13 55.30 28.92
N GLU G 89 8.30 54.32 29.34
CA GLU G 89 8.71 53.08 30.03
C GLU G 89 9.70 52.28 29.18
N ASP G 90 9.58 52.38 27.84
CA ASP G 90 10.45 51.68 26.92
C ASP G 90 11.83 52.35 26.81
N THR G 91 12.04 53.53 27.46
CA THR G 91 13.37 54.18 27.46
C THR G 91 14.34 53.25 28.17
N ALA G 92 15.32 52.71 27.42
CA ALA G 92 16.31 51.76 27.93
C ALA G 92 17.44 51.55 26.95
N VAL G 93 18.47 50.80 27.39
CA VAL G 93 19.59 50.39 26.55
C VAL G 93 19.16 49.03 26.05
N TYR G 94 19.06 48.87 24.74
CA TYR G 94 18.62 47.61 24.15
C TYR G 94 19.79 46.76 23.72
N TYR G 95 20.00 45.66 24.41
CA TYR G 95 21.07 44.73 24.11
C TYR G 95 20.53 43.64 23.23
N CYS G 96 21.34 43.23 22.31
CA CYS G 96 21.06 42.14 21.40
C CYS G 96 21.90 40.98 21.93
N ALA G 97 21.31 39.82 22.13
CA ALA G 97 22.06 38.70 22.68
C ALA G 97 21.80 37.36 22.00
N LYS G 98 22.76 36.45 22.15
CA LYS G 98 22.68 35.09 21.68
C LYS G 98 21.97 34.31 22.78
N ALA G 99 20.67 34.08 22.61
CA ALA G 99 19.80 33.39 23.56
C ALA G 99 19.92 31.93 23.24
N ASN G 100 20.27 31.07 24.16
CA ASN G 100 20.47 29.69 23.70
C ASN G 100 19.20 28.90 23.85
N TRP G 101 18.90 28.48 25.06
CA TRP G 101 17.65 27.90 25.41
C TRP G 101 17.12 28.68 26.60
N GLY G 102 17.44 29.98 26.63
CA GLY G 102 17.03 30.92 27.68
C GLY G 102 18.14 31.68 28.38
N PHE G 103 19.39 31.48 27.98
CA PHE G 103 20.51 32.18 28.60
C PHE G 103 21.34 32.89 27.54
N PHE G 104 21.95 34.00 27.93
CA PHE G 104 22.67 34.87 26.99
C PHE G 104 24.16 34.89 27.22
N ASP G 105 24.88 34.09 26.40
CA ASP G 105 26.34 33.97 26.49
C ASP G 105 27.08 35.14 25.86
N TYR G 106 26.61 35.62 24.69
CA TYR G 106 27.19 36.76 24.01
C TYR G 106 26.21 37.91 23.92
N TRP G 107 26.67 39.12 24.23
CA TRP G 107 25.86 40.33 24.21
C TRP G 107 26.63 41.41 23.46
N GLY G 108 25.93 42.31 22.80
CA GLY G 108 26.62 43.44 22.19
C GLY G 108 26.67 44.57 23.17
N GLN G 109 27.39 45.67 22.87
CA GLN G 109 27.34 46.86 23.72
C GLN G 109 26.09 47.56 23.16
N GLY G 110 25.05 47.62 23.96
CA GLY G 110 23.73 48.09 23.55
C GLY G 110 23.58 49.44 22.88
N THR G 111 22.36 49.69 22.35
CA THR G 111 21.94 50.93 21.72
C THR G 111 20.92 51.64 22.61
N LEU G 112 21.08 52.95 22.82
CA LEU G 112 20.12 53.63 23.70
C LEU G 112 18.92 54.13 22.93
N VAL G 113 17.72 53.82 23.45
CA VAL G 113 16.43 54.27 22.92
C VAL G 113 15.85 55.18 24.01
N THR G 114 15.53 56.41 23.66
CA THR G 114 15.03 57.40 24.62
C THR G 114 13.68 57.89 24.12
N VAL G 115 12.58 57.47 24.77
CA VAL G 115 11.23 57.88 24.34
C VAL G 115 10.86 59.20 25.00
N SER G 116 10.93 60.30 24.24
CA SER G 116 10.68 61.65 24.75
C SER G 116 9.84 62.54 23.86
N SER G 117 9.11 63.46 24.51
CA SER G 117 8.31 64.47 23.83
C SER G 117 9.26 65.58 23.39
N ALA G 118 10.42 65.68 24.07
CA ALA G 118 11.43 66.71 23.81
C ALA G 118 12.16 66.56 22.49
N SER G 119 12.44 67.71 21.87
CA SER G 119 13.20 67.83 20.65
C SER G 119 14.67 67.46 20.91
N THR G 120 15.32 66.82 19.92
CA THR G 120 16.74 66.49 20.03
C THR G 120 17.59 67.79 19.85
N LYS G 121 18.72 67.89 20.56
CA LYS G 121 19.61 69.08 20.52
C LYS G 121 21.11 68.70 20.58
N GLY G 122 21.89 69.22 19.63
CA GLY G 122 23.32 68.97 19.55
C GLY G 122 24.09 69.80 20.57
N PRO G 123 25.26 69.31 21.03
CA PRO G 123 26.00 70.06 22.04
C PRO G 123 26.87 71.18 21.51
N SER G 124 27.20 72.13 22.41
CA SER G 124 28.13 73.22 22.17
C SER G 124 29.41 72.72 22.82
N VAL G 125 30.52 72.62 22.07
CA VAL G 125 31.78 72.11 22.60
C VAL G 125 32.76 73.26 22.83
N PHE G 126 33.27 73.37 24.07
CA PHE G 126 34.24 74.39 24.49
C PHE G 126 35.52 73.74 25.03
N PRO G 127 36.71 74.33 24.74
CA PRO G 127 37.95 73.74 25.24
C PRO G 127 38.23 74.13 26.68
N LEU G 128 38.61 73.15 27.51
CA LEU G 128 38.97 73.41 28.89
C LEU G 128 40.49 73.41 28.89
N ALA G 129 41.07 74.62 28.70
CA ALA G 129 42.50 74.85 28.52
C ALA G 129 43.37 74.56 29.76
N PRO G 130 44.67 74.21 29.58
CA PRO G 130 45.56 74.02 30.74
C PRO G 130 46.25 75.33 31.20
N THR G 139 51.19 65.84 35.01
CA THR G 139 51.46 67.15 35.60
C THR G 139 50.78 68.32 34.80
N ALA G 140 49.65 68.05 34.12
CA ALA G 140 48.86 69.06 33.37
C ALA G 140 47.53 68.47 32.91
N ALA G 141 46.41 69.09 33.29
CA ALA G 141 45.08 68.61 32.91
C ALA G 141 44.39 69.61 31.98
N LEU G 142 43.86 69.09 30.88
CA LEU G 142 43.08 69.81 29.86
C LEU G 142 41.87 68.95 29.47
N GLY G 143 40.84 69.57 28.91
CA GLY G 143 39.62 68.85 28.54
C GLY G 143 38.64 69.52 27.59
N CYS G 144 37.41 68.99 27.57
CA CYS G 144 36.33 69.48 26.71
C CYS G 144 35.03 69.59 27.44
N LEU G 145 34.38 70.75 27.34
CA LEU G 145 33.07 70.92 27.93
C LEU G 145 32.06 70.66 26.80
N VAL G 146 31.19 69.65 26.99
CA VAL G 146 30.17 69.27 26.03
C VAL G 146 28.86 69.73 26.68
N LYS G 147 28.52 71.02 26.51
CA LYS G 147 27.34 71.53 27.23
C LYS G 147 26.08 71.56 26.35
N ASP G 148 24.92 71.46 27.03
CA ASP G 148 23.52 71.43 26.59
C ASP G 148 23.25 70.57 25.36
N TYR G 149 22.92 69.31 25.60
CA TYR G 149 22.61 68.35 24.53
C TYR G 149 21.47 67.43 24.99
N PHE G 150 20.69 66.88 24.03
CA PHE G 150 19.59 65.96 24.30
C PHE G 150 19.28 65.05 23.09
N PRO G 151 19.03 63.73 23.29
CA PRO G 151 19.11 62.96 24.55
C PRO G 151 20.49 62.34 24.69
N GLU G 152 20.74 61.56 25.75
CA GLU G 152 22.02 60.84 25.88
C GLU G 152 22.13 59.77 24.74
N PRO G 153 23.32 59.32 24.29
CA PRO G 153 24.67 59.59 24.77
C PRO G 153 25.57 60.43 23.85
N VAL G 154 26.70 60.87 24.41
CA VAL G 154 27.72 61.62 23.69
C VAL G 154 29.01 60.80 23.83
N THR G 155 29.83 60.75 22.78
CA THR G 155 31.08 60.00 22.87
C THR G 155 32.26 60.91 22.64
N VAL G 156 33.17 60.92 23.59
CA VAL G 156 34.38 61.71 23.45
C VAL G 156 35.59 60.79 23.27
N SER G 157 36.44 61.14 22.31
CA SER G 157 37.69 60.45 22.04
C SER G 157 38.75 61.53 21.98
N TRP G 158 40.03 61.16 22.05
CA TRP G 158 41.09 62.17 21.99
C TRP G 158 42.12 61.79 20.95
N ASN G 159 42.47 62.77 20.08
CA ASN G 159 43.40 62.62 18.97
C ASN G 159 43.01 61.41 18.10
N SER G 160 41.70 61.33 17.81
CA SER G 160 41.05 60.27 17.03
C SER G 160 41.31 58.87 17.60
N GLY G 161 41.19 58.75 18.93
CA GLY G 161 41.37 57.50 19.65
C GLY G 161 42.80 57.07 19.91
N ALA G 162 43.78 57.80 19.35
CA ALA G 162 45.22 57.55 19.51
C ALA G 162 45.66 57.81 20.95
N LEU G 163 44.98 58.77 21.62
CA LEU G 163 45.23 59.15 23.02
C LEU G 163 44.16 58.51 23.89
N THR G 164 44.62 57.58 24.76
CA THR G 164 43.75 56.78 25.64
C THR G 164 44.19 56.84 27.07
N SER G 165 45.52 56.92 27.30
CA SER G 165 46.10 57.00 28.63
C SER G 165 45.80 58.34 29.28
N GLY G 166 45.23 58.32 30.47
CA GLY G 166 44.93 59.52 31.25
C GLY G 166 43.61 60.20 30.92
N VAL G 167 42.83 59.59 30.02
CA VAL G 167 41.53 60.11 29.61
C VAL G 167 40.44 59.69 30.60
N HIS G 168 39.58 60.64 30.97
CA HIS G 168 38.44 60.38 31.84
C HIS G 168 37.22 61.17 31.39
N THR G 169 36.32 60.50 30.68
CA THR G 169 35.07 61.10 30.25
C THR G 169 34.09 60.89 31.38
N PHE G 170 33.70 61.98 32.01
CA PHE G 170 32.81 61.99 33.15
C PHE G 170 31.35 61.75 32.78
N PRO G 171 30.56 61.11 33.68
CA PRO G 171 29.12 60.95 33.41
C PRO G 171 28.43 62.31 33.42
N ALA G 172 27.44 62.44 32.53
CA ALA G 172 26.71 63.68 32.31
C ALA G 172 25.83 64.11 33.46
N VAL G 173 25.68 65.44 33.60
CA VAL G 173 24.81 66.07 34.57
C VAL G 173 23.49 66.35 33.85
N LEU G 174 22.36 66.11 34.50
CA LEU G 174 21.08 66.42 33.88
C LEU G 174 20.62 67.73 34.51
N GLN G 175 20.92 68.84 33.82
CA GLN G 175 20.59 70.20 34.25
C GLN G 175 19.08 70.40 34.37
N SER G 176 18.64 71.40 35.14
CA SER G 176 17.22 71.71 35.34
C SER G 176 16.48 71.95 34.01
N SER G 177 17.19 72.50 32.98
CA SER G 177 16.69 72.79 31.62
C SER G 177 16.25 71.54 30.82
N GLY G 178 16.50 70.35 31.38
CA GLY G 178 16.18 69.08 30.74
C GLY G 178 17.29 68.57 29.85
N LEU G 179 18.34 69.40 29.70
CA LEU G 179 19.51 69.17 28.87
C LEU G 179 20.69 68.60 29.63
N TYR G 180 21.40 67.69 28.96
CA TYR G 180 22.59 67.06 29.51
C TYR G 180 23.85 67.89 29.21
N SER G 181 24.91 67.71 30.02
CA SER G 181 26.22 68.34 29.90
C SER G 181 27.26 67.41 30.52
N LEU G 182 28.38 67.19 29.83
CA LEU G 182 29.47 66.36 30.35
C LEU G 182 30.82 66.96 30.04
N SER G 183 31.86 66.41 30.68
CA SER G 183 33.23 66.84 30.49
C SER G 183 34.16 65.66 30.34
N SER G 184 35.17 65.80 29.48
CA SER G 184 36.19 64.79 29.31
C SER G 184 37.53 65.45 29.58
N VAL G 185 38.35 64.86 30.45
CA VAL G 185 39.68 65.38 30.76
C VAL G 185 40.76 64.39 30.46
N VAL G 186 41.91 64.91 30.08
CA VAL G 186 43.07 64.09 29.85
C VAL G 186 44.26 64.72 30.60
N THR G 187 45.01 63.90 31.36
CA THR G 187 46.18 64.36 32.11
C THR G 187 47.41 64.03 31.27
N VAL G 188 48.11 65.07 30.83
CA VAL G 188 49.24 64.93 29.91
C VAL G 188 50.53 65.56 30.47
N PRO G 189 51.73 65.23 29.93
CA PRO G 189 52.97 65.85 30.42
C PRO G 189 52.93 67.35 30.22
N SER G 190 53.31 68.09 31.28
CA SER G 190 53.38 69.54 31.37
C SER G 190 54.39 70.08 30.35
N SER G 191 55.50 69.33 30.13
CA SER G 191 56.59 69.65 29.20
C SER G 191 56.15 69.60 27.72
N SER G 192 55.24 68.63 27.40
CA SER G 192 54.67 68.28 26.09
C SER G 192 53.78 69.38 25.46
N LEU G 193 53.23 70.28 26.27
CA LEU G 193 52.40 71.38 25.77
C LEU G 193 53.22 72.29 24.84
N GLY G 194 52.65 72.60 23.70
CA GLY G 194 53.34 73.43 22.72
C GLY G 194 53.97 72.57 21.65
N THR G 195 54.37 71.32 22.01
CA THR G 195 54.95 70.34 21.08
C THR G 195 53.90 69.31 20.67
N GLN G 196 52.95 69.02 21.59
CA GLN G 196 51.87 68.04 21.39
C GLN G 196 50.52 68.67 21.05
N THR G 197 49.78 68.06 20.11
CA THR G 197 48.49 68.59 19.70
C THR G 197 47.40 67.80 20.38
N TYR G 198 46.48 68.50 21.05
CA TYR G 198 45.36 67.83 21.69
C TYR G 198 44.06 68.33 21.12
N ILE G 199 43.30 67.39 20.52
CA ILE G 199 42.00 67.64 19.91
C ILE G 199 41.07 66.58 20.45
N CYS G 200 39.84 66.98 20.83
CA CYS G 200 38.82 66.07 21.36
C CYS G 200 37.73 65.85 20.32
N ASN G 201 37.30 64.60 20.15
CA ASN G 201 36.31 64.25 19.12
C ASN G 201 35.00 63.87 19.75
N VAL G 202 34.09 64.85 19.79
CA VAL G 202 32.76 64.74 20.37
C VAL G 202 31.78 64.27 19.32
N ASN G 203 31.00 63.22 19.66
CA ASN G 203 30.04 62.67 18.73
C ASN G 203 28.69 62.47 19.42
N HIS G 204 27.67 63.17 18.93
CA HIS G 204 26.30 63.10 19.41
C HIS G 204 25.41 62.49 18.27
N LYS G 205 25.44 61.13 18.13
CA LYS G 205 24.69 60.41 17.09
C LYS G 205 23.18 60.78 17.05
N PRO G 206 22.43 60.92 18.19
CA PRO G 206 21.00 61.27 18.08
C PRO G 206 20.69 62.53 17.27
N SER G 207 21.62 63.53 17.26
CA SER G 207 21.47 64.79 16.53
C SER G 207 22.45 64.95 15.34
N ASN G 208 23.23 63.88 15.02
CA ASN G 208 24.24 63.83 13.94
C ASN G 208 25.36 64.86 14.11
N THR G 209 25.71 65.19 15.37
CA THR G 209 26.71 66.21 15.70
C THR G 209 28.11 65.61 15.85
N LYS G 210 29.04 66.05 15.01
CA LYS G 210 30.44 65.63 15.04
C LYS G 210 31.24 66.90 15.19
N VAL G 211 31.91 67.05 16.33
CA VAL G 211 32.71 68.23 16.65
C VAL G 211 34.13 67.80 17.08
N ASP G 212 35.14 68.49 16.51
CA ASP G 212 36.55 68.27 16.81
C ASP G 212 37.08 69.63 17.27
N LYS G 213 37.38 69.81 18.58
CA LYS G 213 37.91 71.09 19.06
C LYS G 213 39.34 70.99 19.56
N LYS G 214 40.20 71.87 19.03
CA LYS G 214 41.61 71.96 19.40
C LYS G 214 41.64 72.60 20.79
N VAL G 215 42.20 71.89 21.76
CA VAL G 215 42.32 72.38 23.12
C VAL G 215 43.76 72.84 23.29
N GLU G 216 43.95 74.16 23.18
CA GLU G 216 45.26 74.79 23.21
C GLU G 216 45.46 75.55 24.51
N PRO G 217 46.71 75.81 24.97
CA PRO G 217 46.88 76.61 26.19
C PRO G 217 46.55 78.10 25.94
N LYS G 218 46.09 78.79 27.01
CA LYS G 218 45.75 80.21 27.00
C LYS G 218 46.99 81.10 26.80
N GLU H 1 -34.97 -12.78 19.63
CA GLU H 1 -35.47 -11.44 20.02
C GLU H 1 -34.38 -10.33 19.80
N VAL H 2 -33.65 -10.48 18.66
CA VAL H 2 -32.69 -9.56 17.99
C VAL H 2 -33.27 -9.55 16.57
N GLN H 3 -33.60 -8.35 16.06
CA GLN H 3 -34.24 -8.22 14.76
C GLN H 3 -33.67 -7.09 13.90
N LEU H 4 -33.43 -7.38 12.61
CA LEU H 4 -32.97 -6.41 11.61
C LEU H 4 -33.93 -6.56 10.43
N VAL H 5 -34.65 -5.47 10.07
CA VAL H 5 -35.65 -5.54 8.99
C VAL H 5 -35.40 -4.51 7.91
N GLU H 6 -34.94 -5.02 6.77
CA GLU H 6 -34.62 -4.29 5.56
C GLU H 6 -35.92 -3.96 4.85
N SER H 7 -36.03 -2.71 4.42
CA SER H 7 -37.16 -2.18 3.70
C SER H 7 -36.63 -1.29 2.56
N GLY H 8 -37.50 -0.96 1.62
CA GLY H 8 -37.19 -0.21 0.41
C GLY H 8 -37.31 -1.30 -0.63
N GLY H 9 -36.31 -1.41 -1.47
CA GLY H 9 -36.11 -2.48 -2.43
C GLY H 9 -37.19 -2.69 -3.46
N GLY H 10 -36.78 -2.74 -4.72
CA GLY H 10 -37.71 -2.92 -5.82
C GLY H 10 -37.07 -2.91 -7.19
N LEU H 11 -37.85 -2.51 -8.20
CA LEU H 11 -37.40 -2.46 -9.58
C LEU H 11 -37.06 -1.03 -9.92
N VAL H 12 -35.86 -0.84 -10.49
CA VAL H 12 -35.37 0.48 -10.91
C VAL H 12 -34.69 0.39 -12.24
N GLN H 13 -35.03 1.30 -13.15
CA GLN H 13 -34.40 1.36 -14.46
C GLN H 13 -32.91 1.77 -14.22
N PRO H 14 -31.94 1.34 -15.06
CA PRO H 14 -30.53 1.72 -14.84
C PRO H 14 -30.36 3.24 -14.84
N GLY H 15 -29.57 3.74 -13.88
CA GLY H 15 -29.31 5.17 -13.68
C GLY H 15 -30.17 5.78 -12.59
N GLY H 16 -31.24 5.07 -12.23
CA GLY H 16 -32.21 5.46 -11.20
C GLY H 16 -31.65 5.41 -9.80
N SER H 17 -32.44 5.92 -8.85
CA SER H 17 -32.05 5.96 -7.44
C SER H 17 -32.93 5.07 -6.57
N LEU H 18 -32.48 4.79 -5.33
CA LEU H 18 -33.23 3.99 -4.36
C LEU H 18 -32.63 4.12 -2.97
N ARG H 19 -33.48 4.20 -1.95
CA ARG H 19 -33.02 4.31 -0.58
C ARG H 19 -33.50 3.10 0.23
N LEU H 20 -32.56 2.43 0.93
CA LEU H 20 -32.88 1.28 1.77
C LEU H 20 -32.82 1.66 3.25
N SER H 21 -33.71 1.07 4.07
CA SER H 21 -33.76 1.30 5.51
C SER H 21 -33.66 -0.02 6.24
N CYS H 22 -33.10 0.02 7.44
CA CYS H 22 -32.96 -1.18 8.24
C CYS H 22 -33.31 -0.83 9.67
N ALA H 23 -34.41 -1.45 10.20
CA ALA H 23 -34.87 -1.20 11.56
C ALA H 23 -34.24 -2.19 12.53
N ALA H 24 -33.43 -1.67 13.46
CA ALA H 24 -32.73 -2.48 14.44
C ALA H 24 -33.43 -2.48 15.80
N SER H 25 -33.65 -3.70 16.35
CA SER H 25 -34.31 -4.01 17.65
C SER H 25 -33.62 -5.22 18.30
N GLY H 26 -33.60 -5.28 19.63
CA GLY H 26 -33.01 -6.41 20.36
C GLY H 26 -31.57 -6.24 20.83
N PHE H 27 -30.94 -5.08 20.53
CA PHE H 27 -29.56 -4.79 20.95
C PHE H 27 -29.27 -3.29 21.03
N THR H 28 -28.14 -2.94 21.63
CA THR H 28 -27.71 -1.56 21.72
C THR H 28 -27.07 -1.16 20.39
N PHE H 29 -27.90 -0.72 19.42
CA PHE H 29 -27.51 -0.29 18.09
C PHE H 29 -26.48 0.85 18.16
N SER H 30 -26.66 1.78 19.12
CA SER H 30 -25.83 2.94 19.40
C SER H 30 -24.34 2.61 19.59
N SER H 31 -24.03 1.35 19.97
CA SER H 31 -22.66 0.97 20.30
C SER H 31 -22.02 -0.08 19.36
N TYR H 32 -22.60 -0.28 18.15
CA TYR H 32 -22.02 -1.22 17.19
C TYR H 32 -21.92 -0.60 15.81
N ALA H 33 -20.83 -0.92 15.06
CA ALA H 33 -20.70 -0.47 13.67
C ALA H 33 -21.73 -1.29 12.86
N MET H 34 -22.15 -0.79 11.72
CA MET H 34 -23.17 -1.50 10.94
C MET H 34 -22.75 -1.52 9.50
N SER H 35 -23.25 -2.50 8.72
CA SER H 35 -22.93 -2.52 7.29
C SER H 35 -24.02 -3.16 6.46
N TRP H 36 -23.91 -3.01 5.13
CA TRP H 36 -24.81 -3.57 4.12
C TRP H 36 -23.98 -4.56 3.28
N VAL H 37 -24.46 -5.82 3.16
CA VAL H 37 -23.82 -6.88 2.38
C VAL H 37 -24.80 -7.33 1.32
N ARG H 38 -24.35 -7.36 0.05
CA ARG H 38 -25.24 -7.76 -1.03
C ARG H 38 -24.89 -9.13 -1.61
N GLN H 39 -25.89 -9.77 -2.24
CA GLN H 39 -25.74 -11.07 -2.88
C GLN H 39 -26.50 -11.13 -4.20
N ALA H 40 -25.76 -11.10 -5.34
CA ALA H 40 -26.36 -11.18 -6.67
C ALA H 40 -27.00 -12.56 -6.77
N PRO H 41 -28.18 -12.68 -7.43
CA PRO H 41 -28.86 -13.99 -7.45
C PRO H 41 -28.02 -15.14 -8.01
N GLY H 42 -27.91 -16.20 -7.20
CA GLY H 42 -27.14 -17.40 -7.49
C GLY H 42 -25.64 -17.21 -7.36
N LYS H 43 -25.24 -16.03 -6.84
CA LYS H 43 -23.84 -15.66 -6.67
C LYS H 43 -23.48 -15.57 -5.17
N GLY H 44 -22.25 -15.15 -4.89
CA GLY H 44 -21.71 -15.04 -3.55
C GLY H 44 -21.96 -13.71 -2.88
N LEU H 45 -21.40 -13.59 -1.67
CA LEU H 45 -21.51 -12.41 -0.81
C LEU H 45 -20.46 -11.34 -1.13
N GLU H 46 -20.89 -10.07 -1.15
CA GLU H 46 -20.04 -8.92 -1.42
C GLU H 46 -20.36 -7.81 -0.44
N TRP H 47 -19.39 -7.39 0.36
CA TRP H 47 -19.59 -6.28 1.27
C TRP H 47 -19.74 -4.98 0.46
N VAL H 48 -20.75 -4.16 0.80
CA VAL H 48 -21.06 -2.92 0.10
C VAL H 48 -20.48 -1.70 0.81
N SER H 49 -20.92 -1.45 2.05
CA SER H 49 -20.51 -0.29 2.84
C SER H 49 -20.67 -0.55 4.33
N ALA H 50 -20.05 0.32 5.16
CA ALA H 50 -20.07 0.29 6.62
C ALA H 50 -20.02 1.69 7.20
N ILE H 51 -20.49 1.82 8.46
CA ILE H 51 -20.55 3.07 9.21
C ILE H 51 -20.02 2.87 10.62
N SER H 52 -19.22 3.85 11.13
CA SER H 52 -18.65 3.80 12.46
C SER H 52 -19.76 3.82 13.51
N VAL H 53 -19.42 3.44 14.77
CA VAL H 53 -20.33 3.42 15.91
C VAL H 53 -21.00 4.80 16.04
N SER H 54 -20.18 5.89 16.01
CA SER H 54 -20.64 7.27 16.09
C SER H 54 -21.46 7.74 14.86
N GLY H 55 -21.17 7.16 13.70
CA GLY H 55 -21.81 7.52 12.45
C GLY H 55 -20.94 8.47 11.62
N GLY H 56 -19.95 9.08 12.29
CA GLY H 56 -18.99 10.05 11.76
C GLY H 56 -18.13 9.60 10.61
N SER H 57 -17.66 8.34 10.63
CA SER H 57 -16.84 7.81 9.55
C SER H 57 -17.54 6.67 8.79
N THR H 58 -17.45 6.73 7.43
CA THR H 58 -18.05 5.75 6.53
C THR H 58 -16.99 5.09 5.68
N TYR H 59 -17.26 3.83 5.25
CA TYR H 59 -16.33 2.96 4.49
C TYR H 59 -17.08 2.24 3.37
N TYR H 60 -16.50 2.18 2.15
CA TYR H 60 -17.18 1.60 0.97
C TYR H 60 -16.32 0.68 0.11
N ALA H 61 -16.99 -0.26 -0.59
CA ALA H 61 -16.35 -1.15 -1.57
C ALA H 61 -16.10 -0.34 -2.83
N ASP H 62 -15.02 -0.63 -3.59
CA ASP H 62 -14.70 0.17 -4.79
C ASP H 62 -15.82 0.19 -5.83
N SER H 63 -16.57 -0.95 -5.95
CA SER H 63 -17.71 -1.11 -6.86
C SER H 63 -18.84 -0.11 -6.65
N VAL H 64 -19.06 0.36 -5.41
CA VAL H 64 -20.13 1.31 -5.07
C VAL H 64 -19.63 2.73 -4.70
N LYS H 65 -18.32 2.92 -4.42
CA LYS H 65 -17.79 4.21 -4.01
C LYS H 65 -18.22 5.35 -4.93
N GLY H 66 -18.77 6.39 -4.33
CA GLY H 66 -19.25 7.58 -5.01
C GLY H 66 -20.73 7.58 -5.37
N ARG H 67 -21.31 6.37 -5.52
CA ARG H 67 -22.71 6.20 -5.89
C ARG H 67 -23.61 5.90 -4.72
N PHE H 68 -23.11 5.17 -3.73
CA PHE H 68 -23.88 4.79 -2.53
C PHE H 68 -23.43 5.55 -1.28
N THR H 69 -24.38 5.83 -0.37
CA THR H 69 -24.10 6.50 0.90
C THR H 69 -24.82 5.83 2.08
N ILE H 70 -24.03 5.27 3.00
CA ILE H 70 -24.53 4.66 4.23
C ILE H 70 -24.67 5.76 5.31
N SER H 71 -25.73 5.71 6.11
CA SER H 71 -26.03 6.67 7.18
C SER H 71 -26.78 5.99 8.32
N ARG H 72 -26.69 6.54 9.53
CA ARG H 72 -27.38 5.95 10.69
C ARG H 72 -28.11 7.01 11.52
N ASP H 73 -29.22 6.61 12.15
CA ASP H 73 -30.02 7.46 13.04
C ASP H 73 -30.15 6.70 14.36
N ASN H 74 -29.15 6.87 15.25
CA ASN H 74 -29.10 6.18 16.54
C ASN H 74 -30.33 6.44 17.39
N SER H 75 -30.99 7.61 17.20
CA SER H 75 -32.22 7.97 17.91
C SER H 75 -33.45 7.17 17.42
N LYS H 76 -33.45 6.76 16.14
CA LYS H 76 -34.55 5.99 15.54
C LYS H 76 -34.15 4.51 15.37
N ASN H 77 -32.90 4.15 15.81
CA ASN H 77 -32.31 2.80 15.69
C ASN H 77 -32.48 2.25 14.25
N THR H 78 -32.13 3.11 13.27
CA THR H 78 -32.26 2.84 11.84
C THR H 78 -30.95 3.06 11.08
N LEU H 79 -30.71 2.19 10.07
CA LEU H 79 -29.56 2.25 9.19
C LEU H 79 -30.10 2.51 7.78
N TYR H 80 -29.45 3.40 7.02
CA TYR H 80 -29.89 3.72 5.67
C TYR H 80 -28.82 3.49 4.63
N LEU H 81 -29.24 3.21 3.38
CA LEU H 81 -28.35 3.07 2.22
C LEU H 81 -28.89 3.78 0.96
N GLN H 82 -28.39 5.00 0.68
CA GLN H 82 -28.84 5.76 -0.48
C GLN H 82 -28.05 5.32 -1.71
N MET H 83 -28.71 4.65 -2.64
CA MET H 83 -28.11 4.16 -3.88
C MET H 83 -28.49 5.06 -5.03
N ASN H 84 -27.52 5.74 -5.63
CA ASN H 84 -27.75 6.61 -6.79
C ASN H 84 -26.99 6.03 -7.97
N SER H 85 -27.33 6.48 -9.19
CA SER H 85 -26.68 6.07 -10.44
C SER H 85 -26.48 4.53 -10.55
N LEU H 86 -27.57 3.79 -10.27
CA LEU H 86 -27.61 2.32 -10.26
C LEU H 86 -27.34 1.66 -11.60
N ARG H 87 -26.83 0.42 -11.55
CA ARG H 87 -26.49 -0.39 -12.73
C ARG H 87 -26.95 -1.81 -12.52
N ALA H 88 -27.10 -2.58 -13.62
CA ALA H 88 -27.52 -3.98 -13.61
C ALA H 88 -26.70 -4.84 -12.61
N GLU H 89 -25.38 -4.54 -12.49
CA GLU H 89 -24.44 -5.21 -11.57
C GLU H 89 -24.91 -5.08 -10.13
N ASP H 90 -25.62 -3.97 -9.81
CA ASP H 90 -26.13 -3.73 -8.47
C ASP H 90 -27.37 -4.58 -8.14
N THR H 91 -27.92 -5.34 -9.14
CA THR H 91 -29.05 -6.24 -8.89
C THR H 91 -28.59 -7.31 -7.92
N ALA H 92 -29.15 -7.29 -6.70
CA ALA H 92 -28.80 -8.21 -5.62
C ALA H 92 -29.80 -8.14 -4.48
N VAL H 93 -29.64 -9.06 -3.51
CA VAL H 93 -30.40 -9.05 -2.27
C VAL H 93 -29.52 -8.26 -1.30
N TYR H 94 -30.03 -7.16 -0.76
CA TYR H 94 -29.26 -6.31 0.14
C TYR H 94 -29.56 -6.63 1.58
N TYR H 95 -28.58 -7.21 2.26
CA TYR H 95 -28.68 -7.54 3.67
C TYR H 95 -28.12 -6.41 4.50
N CYS H 96 -28.74 -6.18 5.62
CA CYS H 96 -28.31 -5.23 6.62
C CYS H 96 -27.73 -6.08 7.74
N ALA H 97 -26.53 -5.75 8.20
CA ALA H 97 -25.90 -6.55 9.24
C ALA H 97 -25.18 -5.76 10.32
N LYS H 98 -25.01 -6.39 11.48
CA LYS H 98 -24.27 -5.86 12.62
C LYS H 98 -22.81 -6.22 12.36
N ALA H 99 -22.05 -5.27 11.82
CA ALA H 99 -20.63 -5.40 11.48
C ALA H 99 -19.84 -5.10 12.73
N ASN H 100 -18.98 -5.98 13.19
CA ASN H 100 -18.37 -5.61 14.47
C ASN H 100 -17.09 -4.87 14.22
N TRP H 101 -16.04 -5.60 13.93
CA TRP H 101 -14.80 -5.03 13.49
C TRP H 101 -14.44 -5.72 12.18
N GLY H 102 -15.48 -6.08 11.42
CA GLY H 102 -15.37 -6.72 10.12
C GLY H 102 -16.15 -8.01 9.94
N PHE H 103 -16.87 -8.45 10.98
CA PHE H 103 -17.64 -9.68 10.89
C PHE H 103 -19.09 -9.45 11.26
N PHE H 104 -19.99 -10.21 10.65
CA PHE H 104 -21.42 -9.99 10.77
C PHE H 104 -22.12 -11.10 11.52
N ASP H 105 -22.39 -10.84 12.82
CA ASP H 105 -23.05 -11.80 13.71
C ASP H 105 -24.56 -11.87 13.50
N TYR H 106 -25.21 -10.72 13.33
CA TYR H 106 -26.65 -10.65 13.09
C TYR H 106 -26.94 -10.05 11.72
N TRP H 107 -27.87 -10.68 10.98
CA TRP H 107 -28.28 -10.25 9.64
C TRP H 107 -29.79 -10.22 9.57
N GLY H 108 -30.36 -9.35 8.75
CA GLY H 108 -31.80 -9.40 8.51
C GLY H 108 -32.07 -10.29 7.31
N GLN H 109 -33.35 -10.59 7.01
CA GLN H 109 -33.68 -11.31 5.78
C GLN H 109 -33.77 -10.16 4.79
N GLY H 110 -32.85 -10.16 3.83
CA GLY H 110 -32.65 -9.06 2.89
C GLY H 110 -33.82 -8.55 2.07
N THR H 111 -33.58 -7.41 1.39
CA THR H 111 -34.51 -6.75 0.45
C THR H 111 -33.97 -6.89 -0.99
N LEU H 112 -34.82 -7.23 -1.95
CA LEU H 112 -34.33 -7.37 -3.32
C LEU H 112 -34.37 -6.07 -4.07
N VAL H 113 -33.24 -5.74 -4.71
CA VAL H 113 -33.10 -4.57 -5.58
C VAL H 113 -32.83 -5.13 -6.98
N THR H 114 -33.73 -4.82 -7.93
CA THR H 114 -33.60 -5.28 -9.31
C THR H 114 -33.44 -4.09 -10.25
N VAL H 115 -32.31 -4.04 -10.97
CA VAL H 115 -31.99 -2.95 -11.90
C VAL H 115 -31.96 -3.46 -13.35
N SER H 116 -32.83 -2.93 -14.24
CA SER H 116 -32.87 -3.28 -15.69
C SER H 116 -33.77 -2.34 -16.47
N SER H 117 -33.56 -2.25 -17.79
CA SER H 117 -34.44 -1.43 -18.65
C SER H 117 -35.48 -2.38 -19.28
N ALA H 118 -35.45 -3.65 -18.83
CA ALA H 118 -36.29 -4.74 -19.26
C ALA H 118 -37.80 -4.47 -19.13
N SER H 119 -38.40 -4.16 -20.29
CA SER H 119 -39.83 -3.95 -20.54
C SER H 119 -40.27 -5.25 -21.21
N THR H 120 -41.41 -5.83 -20.76
CA THR H 120 -42.02 -7.09 -21.25
C THR H 120 -41.69 -7.43 -22.75
N LYS H 121 -40.99 -8.57 -22.98
CA LYS H 121 -40.56 -9.07 -24.29
C LYS H 121 -40.78 -10.60 -24.42
N GLY H 122 -41.21 -11.01 -25.61
CA GLY H 122 -41.47 -12.40 -25.98
C GLY H 122 -40.22 -13.10 -26.48
N PRO H 123 -40.14 -14.43 -26.31
CA PRO H 123 -38.92 -15.14 -26.73
C PRO H 123 -38.84 -15.50 -28.21
N SER H 124 -37.60 -15.75 -28.67
CA SER H 124 -37.26 -16.23 -30.01
C SER H 124 -37.01 -17.73 -29.78
N VAL H 125 -37.76 -18.60 -30.45
CA VAL H 125 -37.63 -20.05 -30.27
C VAL H 125 -36.90 -20.69 -31.45
N PHE H 126 -35.81 -21.42 -31.15
CA PHE H 126 -35.00 -22.11 -32.15
C PHE H 126 -34.93 -23.62 -31.87
N PRO H 127 -34.92 -24.48 -32.92
CA PRO H 127 -34.83 -25.91 -32.67
C PRO H 127 -33.41 -26.38 -32.41
N LEU H 128 -33.26 -27.23 -31.38
CA LEU H 128 -31.98 -27.85 -31.06
C LEU H 128 -32.08 -29.25 -31.64
N ALA H 129 -31.65 -29.40 -32.91
CA ALA H 129 -31.75 -30.61 -33.73
C ALA H 129 -30.98 -31.81 -33.20
N PRO H 130 -31.49 -33.05 -33.43
CA PRO H 130 -30.78 -34.24 -32.93
C PRO H 130 -29.58 -34.74 -33.79
N SER H 131 -28.45 -35.13 -33.11
CA SER H 131 -27.17 -35.69 -33.63
C SER H 131 -27.27 -36.57 -34.90
N THR H 139 -30.64 -44.21 -28.40
CA THR H 139 -31.39 -42.97 -28.15
C THR H 139 -30.67 -41.69 -28.62
N ALA H 140 -31.48 -40.60 -28.84
CA ALA H 140 -31.07 -39.28 -29.30
C ALA H 140 -31.71 -38.16 -28.49
N ALA H 141 -30.99 -37.04 -28.31
CA ALA H 141 -31.47 -35.86 -27.59
C ALA H 141 -31.66 -34.69 -28.55
N LEU H 142 -32.86 -34.08 -28.49
CA LEU H 142 -33.29 -32.90 -29.25
C LEU H 142 -34.00 -31.94 -28.30
N GLY H 143 -34.10 -30.67 -28.70
CA GLY H 143 -34.72 -29.67 -27.83
C GLY H 143 -35.09 -28.34 -28.44
N CYS H 144 -35.31 -27.33 -27.57
CA CYS H 144 -35.71 -25.99 -27.95
C CYS H 144 -34.96 -24.92 -27.21
N LEU H 145 -34.42 -23.95 -27.94
CA LEU H 145 -33.77 -22.83 -27.32
C LEU H 145 -34.79 -21.72 -27.26
N VAL H 146 -35.12 -21.26 -26.05
CA VAL H 146 -36.09 -20.18 -25.81
C VAL H 146 -35.25 -18.97 -25.41
N LYS H 147 -34.73 -18.21 -26.42
CA LYS H 147 -33.83 -17.06 -26.23
C LYS H 147 -34.52 -15.69 -26.07
N ASP H 148 -33.92 -14.86 -25.16
CA ASP H 148 -34.23 -13.47 -24.80
C ASP H 148 -35.71 -13.19 -24.57
N TYR H 149 -36.14 -13.31 -23.32
CA TYR H 149 -37.51 -13.05 -22.93
C TYR H 149 -37.54 -12.40 -21.54
N PHE H 150 -38.59 -11.58 -21.27
CA PHE H 150 -38.75 -10.91 -19.98
C PHE H 150 -40.19 -10.62 -19.65
N PRO H 151 -40.63 -10.88 -18.40
CA PRO H 151 -39.92 -11.52 -17.28
C PRO H 151 -40.19 -13.02 -17.23
N GLU H 152 -39.82 -13.68 -16.13
CA GLU H 152 -40.16 -15.09 -16.00
C GLU H 152 -41.68 -15.20 -15.69
N PRO H 153 -42.40 -16.30 -16.04
CA PRO H 153 -41.95 -17.59 -16.56
C PRO H 153 -42.36 -17.91 -18.01
N VAL H 154 -41.72 -18.96 -18.55
CA VAL H 154 -42.00 -19.54 -19.86
C VAL H 154 -42.38 -20.98 -19.62
N THR H 155 -43.37 -21.51 -20.36
CA THR H 155 -43.75 -22.90 -20.20
C THR H 155 -43.53 -23.66 -21.49
N VAL H 156 -42.74 -24.74 -21.40
CA VAL H 156 -42.48 -25.60 -22.54
C VAL H 156 -43.21 -26.95 -22.35
N SER H 157 -43.90 -27.38 -23.41
CA SER H 157 -44.57 -28.66 -23.48
C SER H 157 -44.10 -29.30 -24.77
N TRP H 158 -44.31 -30.61 -24.93
CA TRP H 158 -43.87 -31.29 -26.15
C TRP H 158 -45.02 -32.09 -26.72
N ASN H 159 -45.26 -31.92 -28.04
CA ASN H 159 -46.35 -32.54 -28.81
C ASN H 159 -47.69 -32.30 -28.08
N SER H 160 -47.90 -31.01 -27.66
CA SER H 160 -48.92 -30.49 -26.76
C SER H 160 -48.55 -31.11 -25.39
N GLY H 161 -49.42 -31.81 -24.70
CA GLY H 161 -48.95 -32.43 -23.47
C GLY H 161 -48.67 -33.92 -23.64
N ALA H 162 -48.74 -34.43 -24.89
CA ALA H 162 -48.67 -35.85 -25.19
C ALA H 162 -47.34 -36.48 -24.88
N LEU H 163 -46.24 -35.74 -25.07
CA LEU H 163 -44.88 -36.20 -24.78
C LEU H 163 -44.40 -35.61 -23.45
N THR H 164 -44.16 -36.49 -22.47
CA THR H 164 -43.78 -36.16 -21.09
C THR H 164 -42.56 -36.92 -20.63
N SER H 165 -42.43 -38.19 -21.07
CA SER H 165 -41.29 -39.03 -20.69
C SER H 165 -40.00 -38.55 -21.36
N GLY H 166 -38.97 -38.33 -20.56
CA GLY H 166 -37.66 -37.91 -21.04
C GLY H 166 -37.48 -36.41 -21.24
N VAL H 167 -38.53 -35.64 -20.89
CA VAL H 167 -38.52 -34.17 -21.02
C VAL H 167 -37.82 -33.53 -19.82
N HIS H 168 -36.95 -32.56 -20.07
CA HIS H 168 -36.27 -31.80 -19.04
C HIS H 168 -36.17 -30.33 -19.43
N THR H 169 -37.08 -29.51 -18.90
CA THR H 169 -37.05 -28.08 -19.12
C THR H 169 -36.15 -27.51 -18.05
N PHE H 170 -35.00 -26.99 -18.49
CA PHE H 170 -33.98 -26.43 -17.63
C PHE H 170 -34.34 -25.06 -17.06
N PRO H 171 -33.89 -24.74 -15.83
CA PRO H 171 -34.11 -23.38 -15.29
C PRO H 171 -33.35 -22.35 -16.12
N ALA H 172 -33.96 -21.18 -16.27
CA ALA H 172 -33.47 -20.09 -17.11
C ALA H 172 -32.21 -19.43 -16.61
N VAL H 173 -31.42 -18.94 -17.55
CA VAL H 173 -30.20 -18.16 -17.30
C VAL H 173 -30.61 -16.69 -17.37
N LEU H 174 -30.12 -15.87 -16.44
CA LEU H 174 -30.41 -14.43 -16.51
C LEU H 174 -29.18 -13.77 -17.10
N GLN H 175 -29.22 -13.55 -18.44
CA GLN H 175 -28.13 -12.95 -19.22
C GLN H 175 -27.85 -11.52 -18.76
N SER H 176 -26.64 -11.02 -19.06
CA SER H 176 -26.19 -9.66 -18.73
C SER H 176 -27.15 -8.59 -19.27
N SER H 177 -27.81 -8.85 -20.43
CA SER H 177 -28.79 -7.96 -21.07
C SER H 177 -30.09 -7.72 -20.25
N GLY H 178 -30.25 -8.42 -19.11
CA GLY H 178 -31.42 -8.36 -18.25
C GLY H 178 -32.52 -9.32 -18.68
N LEU H 179 -32.29 -10.02 -19.81
CA LEU H 179 -33.20 -10.97 -20.43
C LEU H 179 -32.92 -12.41 -20.07
N TYR H 180 -33.99 -13.20 -19.91
CA TYR H 180 -33.90 -14.60 -19.60
C TYR H 180 -33.81 -15.46 -20.88
N SER H 181 -33.26 -16.69 -20.74
CA SER H 181 -33.11 -17.69 -21.79
C SER H 181 -33.09 -19.08 -21.16
N LEU H 182 -33.85 -20.02 -21.71
CA LEU H 182 -33.89 -21.39 -21.20
C LEU H 182 -33.88 -22.41 -22.33
N SER H 183 -33.69 -23.68 -21.98
CA SER H 183 -33.70 -24.78 -22.92
C SER H 183 -34.50 -25.95 -22.38
N SER H 184 -35.23 -26.63 -23.28
CA SER H 184 -35.96 -27.82 -22.92
C SER H 184 -35.46 -28.95 -23.83
N VAL H 185 -35.07 -30.09 -23.24
CA VAL H 185 -34.64 -31.27 -24.00
C VAL H 185 -35.49 -32.46 -23.78
N VAL H 186 -35.63 -33.27 -24.80
CA VAL H 186 -36.34 -34.53 -24.69
C VAL H 186 -35.45 -35.63 -25.30
N THR H 187 -35.29 -36.76 -24.57
CA THR H 187 -34.52 -37.92 -25.01
C THR H 187 -35.50 -38.92 -25.63
N VAL H 188 -35.36 -39.15 -26.92
CA VAL H 188 -36.30 -39.96 -27.69
C VAL H 188 -35.60 -41.13 -28.42
N PRO H 189 -36.34 -42.16 -28.90
CA PRO H 189 -35.69 -43.24 -29.65
C PRO H 189 -35.11 -42.73 -30.97
N SER H 190 -33.90 -43.20 -31.30
CA SER H 190 -33.19 -42.82 -32.54
C SER H 190 -33.96 -43.32 -33.77
N SER H 191 -34.58 -44.51 -33.63
CA SER H 191 -35.37 -45.17 -34.68
C SER H 191 -36.58 -44.35 -35.09
N SER H 192 -37.28 -43.72 -34.12
CA SER H 192 -38.48 -42.93 -34.34
C SER H 192 -38.29 -41.65 -35.15
N LEU H 193 -37.10 -41.04 -35.06
CA LEU H 193 -36.69 -39.74 -35.60
C LEU H 193 -37.34 -39.28 -36.94
N GLY H 194 -37.28 -40.10 -37.98
CA GLY H 194 -37.81 -39.76 -39.30
C GLY H 194 -39.29 -39.99 -39.54
N THR H 195 -39.93 -40.81 -38.69
CA THR H 195 -41.36 -41.16 -38.77
C THR H 195 -42.22 -40.28 -37.85
N GLN H 196 -41.63 -39.87 -36.71
CA GLN H 196 -42.24 -39.03 -35.69
C GLN H 196 -42.07 -37.52 -35.96
N THR H 197 -42.92 -36.71 -35.31
CA THR H 197 -42.94 -35.25 -35.41
C THR H 197 -42.78 -34.69 -33.98
N TYR H 198 -41.62 -34.07 -33.67
CA TYR H 198 -41.42 -33.51 -32.34
C TYR H 198 -41.55 -32.00 -32.39
N ILE H 199 -42.55 -31.47 -31.67
CA ILE H 199 -42.91 -30.05 -31.61
C ILE H 199 -42.86 -29.55 -30.17
N CYS H 200 -42.18 -28.44 -29.94
CA CYS H 200 -42.17 -27.91 -28.60
C CYS H 200 -43.08 -26.72 -28.55
N ASN H 201 -43.90 -26.63 -27.52
CA ASN H 201 -44.90 -25.58 -27.37
C ASN H 201 -44.51 -24.62 -26.25
N VAL H 202 -43.90 -23.50 -26.65
CA VAL H 202 -43.41 -22.44 -25.78
C VAL H 202 -44.52 -21.41 -25.53
N ASN H 203 -44.76 -21.10 -24.25
CA ASN H 203 -45.79 -20.14 -23.88
C ASN H 203 -45.29 -19.13 -22.88
N HIS H 204 -45.37 -17.87 -23.30
CA HIS H 204 -44.99 -16.75 -22.51
C HIS H 204 -46.23 -15.89 -22.33
N LYS H 205 -46.96 -16.14 -21.23
CA LYS H 205 -48.18 -15.41 -20.89
C LYS H 205 -47.92 -13.88 -20.66
N PRO H 206 -46.82 -13.42 -19.95
CA PRO H 206 -46.62 -11.96 -19.78
C PRO H 206 -46.62 -11.13 -21.08
N SER H 207 -46.21 -11.73 -22.22
CA SER H 207 -46.17 -11.05 -23.52
C SER H 207 -47.10 -11.65 -24.56
N ASN H 208 -47.99 -12.58 -24.14
CA ASN H 208 -48.96 -13.29 -24.98
C ASN H 208 -48.33 -14.03 -26.19
N THR H 209 -47.15 -14.60 -25.94
CA THR H 209 -46.39 -15.33 -26.94
C THR H 209 -46.68 -16.84 -26.88
N LYS H 210 -47.20 -17.38 -27.98
CA LYS H 210 -47.43 -18.81 -28.13
C LYS H 210 -46.66 -19.21 -29.39
N VAL H 211 -45.61 -20.02 -29.22
CA VAL H 211 -44.74 -20.48 -30.31
C VAL H 211 -44.66 -22.01 -30.32
N ASP H 212 -44.75 -22.60 -31.51
CA ASP H 212 -44.64 -24.04 -31.73
C ASP H 212 -43.50 -24.25 -32.76
N LYS H 213 -42.34 -24.78 -32.31
CA LYS H 213 -41.23 -25.08 -33.22
C LYS H 213 -41.16 -26.58 -33.47
N LYS H 214 -41.03 -26.96 -34.75
CA LYS H 214 -40.87 -28.34 -35.13
C LYS H 214 -39.38 -28.57 -35.08
N VAL H 215 -38.99 -29.59 -34.33
CA VAL H 215 -37.60 -29.96 -34.20
C VAL H 215 -37.42 -31.14 -35.15
N GLU H 216 -36.58 -30.94 -36.17
CA GLU H 216 -36.30 -31.93 -37.19
C GLU H 216 -34.82 -32.23 -37.24
N PRO H 217 -34.42 -33.46 -37.66
CA PRO H 217 -32.96 -33.74 -37.76
C PRO H 217 -32.33 -33.01 -38.94
N LYS H 218 -31.04 -32.63 -38.82
CA LYS H 218 -30.31 -31.90 -39.87
C LYS H 218 -30.00 -32.78 -41.08
N SER H 219 -29.80 -32.13 -42.25
CA SER H 219 -29.46 -32.80 -43.50
C SER H 219 -27.94 -32.81 -43.72
N CYS H 220 -27.29 -31.63 -43.64
CA CYS H 220 -25.84 -31.49 -43.86
C CYS H 220 -25.23 -30.41 -42.96
N ALA I 3 5.66 -43.49 -34.95
CA ALA I 3 6.68 -42.42 -35.01
C ALA I 3 8.11 -42.86 -34.58
N LEU I 4 8.26 -44.00 -33.82
CA LEU I 4 9.55 -44.53 -33.36
C LEU I 4 9.81 -45.90 -33.91
N THR I 5 10.93 -46.08 -34.64
CA THR I 5 11.30 -47.36 -35.26
C THR I 5 12.59 -47.98 -34.71
N GLN I 6 12.42 -49.18 -34.19
CA GLN I 6 13.46 -50.01 -33.61
C GLN I 6 13.66 -51.27 -34.46
N PRO I 7 14.88 -51.88 -34.50
CA PRO I 7 15.05 -53.16 -35.21
C PRO I 7 14.22 -54.26 -34.53
N ARG I 8 13.65 -55.23 -35.30
CA ARG I 8 12.83 -56.29 -34.70
C ARG I 8 13.65 -57.17 -33.74
N SER I 9 14.90 -57.48 -34.11
CA SER I 9 15.79 -58.27 -33.28
C SER I 9 17.24 -57.88 -33.46
N VAL I 10 17.97 -57.93 -32.33
CA VAL I 10 19.42 -57.77 -32.25
C VAL I 10 19.89 -59.01 -31.47
N SER I 11 20.97 -59.62 -31.91
CA SER I 11 21.52 -60.80 -31.26
C SER I 11 23.04 -60.65 -31.09
N GLY I 12 23.56 -61.21 -29.99
CA GLY I 12 24.98 -61.17 -29.66
C GLY I 12 25.40 -62.31 -28.77
N SER I 13 26.70 -62.59 -28.76
CA SER I 13 27.25 -63.63 -27.89
C SER I 13 27.44 -63.06 -26.47
N PRO I 14 27.51 -63.89 -25.40
CA PRO I 14 27.77 -63.34 -24.06
C PRO I 14 29.11 -62.63 -24.00
N GLY I 15 29.11 -61.47 -23.34
CA GLY I 15 30.31 -60.66 -23.25
C GLY I 15 30.42 -59.59 -24.32
N GLN I 16 29.66 -59.73 -25.43
CA GLN I 16 29.61 -58.78 -26.54
C GLN I 16 28.96 -57.47 -26.10
N SER I 17 29.35 -56.35 -26.71
CA SER I 17 28.67 -55.06 -26.50
C SER I 17 27.63 -55.06 -27.62
N VAL I 18 26.36 -54.84 -27.27
CA VAL I 18 25.30 -54.83 -28.26
C VAL I 18 24.50 -53.51 -28.20
N THR I 19 23.92 -53.05 -29.34
CA THR I 19 23.25 -51.76 -29.31
C THR I 19 21.95 -51.72 -30.15
N ILE I 20 20.86 -51.25 -29.48
CA ILE I 20 19.52 -51.09 -30.04
C ILE I 20 19.32 -49.62 -30.43
N SER I 21 18.95 -49.36 -31.69
CA SER I 21 18.67 -48.02 -32.21
C SER I 21 17.17 -47.70 -32.14
N CYS I 22 16.85 -46.42 -32.04
CA CYS I 22 15.49 -45.93 -31.94
C CYS I 22 15.42 -44.65 -32.76
N THR I 23 14.85 -44.75 -33.96
CA THR I 23 14.72 -43.68 -34.93
C THR I 23 13.35 -42.97 -34.89
N GLY I 24 13.40 -41.68 -34.63
CA GLY I 24 12.23 -40.82 -34.62
C GLY I 24 12.45 -39.59 -35.47
N THR I 25 11.53 -38.61 -35.37
CA THR I 25 11.62 -37.35 -36.10
C THR I 25 12.39 -36.32 -35.23
N SER I 26 12.76 -35.15 -35.82
CA SER I 26 13.49 -34.08 -35.14
C SER I 26 12.69 -33.41 -34.01
N SER I 27 11.36 -33.74 -33.92
CA SER I 27 10.36 -33.26 -32.95
C SER I 27 10.03 -34.32 -31.85
N ASP I 28 10.60 -35.53 -32.02
CA ASP I 28 10.45 -36.70 -31.16
C ASP I 28 11.75 -36.89 -30.34
N VAL I 29 12.83 -37.28 -31.03
CA VAL I 29 14.13 -37.60 -30.46
C VAL I 29 15.14 -36.49 -30.72
N GLY I 30 14.91 -35.73 -31.80
CA GLY I 30 15.78 -34.67 -32.29
C GLY I 30 16.13 -33.52 -31.36
N GLY I 31 15.22 -32.56 -31.28
CA GLY I 31 15.35 -31.34 -30.48
C GLY I 31 14.92 -31.41 -29.03
N TYR I 32 14.92 -32.66 -28.46
CA TYR I 32 14.54 -32.96 -27.08
C TYR I 32 15.34 -34.08 -26.43
N ASN I 33 15.55 -33.95 -25.12
CA ASN I 33 16.30 -34.93 -24.33
C ASN I 33 15.38 -35.90 -23.58
N TYR I 34 14.18 -36.12 -24.11
CA TYR I 34 13.10 -36.89 -23.52
C TYR I 34 12.92 -38.28 -24.17
N VAL I 35 13.92 -39.15 -23.93
CA VAL I 35 13.93 -40.54 -24.42
C VAL I 35 14.11 -41.52 -23.25
N SER I 36 13.21 -42.52 -23.15
CA SER I 36 13.29 -43.56 -22.14
C SER I 36 13.44 -44.93 -22.82
N TRP I 37 13.89 -45.94 -22.05
CA TRP I 37 14.11 -47.30 -22.52
C TRP I 37 13.62 -48.22 -21.44
N TYR I 38 12.81 -49.22 -21.83
CA TYR I 38 12.22 -50.22 -20.94
C TYR I 38 12.59 -51.63 -21.37
N GLN I 39 12.82 -52.50 -20.39
CA GLN I 39 13.15 -53.92 -20.56
C GLN I 39 11.93 -54.72 -20.14
N GLN I 40 11.58 -55.76 -20.87
CA GLN I 40 10.44 -56.59 -20.50
C GLN I 40 10.73 -58.08 -20.68
N HIS I 41 10.70 -58.81 -19.54
CA HIS I 41 10.88 -60.24 -19.57
C HIS I 41 9.47 -60.88 -19.67
N PRO I 42 9.39 -62.13 -20.21
CA PRO I 42 8.11 -62.86 -20.39
C PRO I 42 6.81 -62.36 -19.69
N GLY I 43 6.47 -62.91 -18.53
CA GLY I 43 5.22 -62.55 -17.86
C GLY I 43 5.35 -61.41 -16.89
N LYS I 44 6.24 -60.46 -17.19
CA LYS I 44 6.49 -59.32 -16.31
C LYS I 44 6.13 -57.98 -16.93
N ALA I 45 5.90 -56.99 -16.06
CA ALA I 45 5.64 -55.61 -16.44
C ALA I 45 6.98 -55.01 -16.88
N PRO I 46 6.99 -54.01 -17.80
CA PRO I 46 8.27 -53.42 -18.22
C PRO I 46 9.05 -52.75 -17.08
N LYS I 47 10.38 -52.63 -17.23
CA LYS I 47 11.31 -52.07 -16.27
C LYS I 47 11.98 -50.86 -16.87
N LEU I 48 11.95 -49.72 -16.16
CA LEU I 48 12.63 -48.53 -16.67
C LEU I 48 14.14 -48.75 -16.55
N MET I 49 14.83 -48.76 -17.70
CA MET I 49 16.28 -48.97 -17.77
C MET I 49 17.04 -47.65 -17.89
N ILE I 50 16.55 -46.74 -18.74
CA ILE I 50 17.14 -45.43 -18.96
C ILE I 50 16.02 -44.42 -19.18
N TYR I 51 16.18 -43.21 -18.65
CA TYR I 51 15.24 -42.11 -18.86
C TYR I 51 16.06 -40.88 -19.17
N ASP I 52 15.43 -39.84 -19.72
CA ASP I 52 16.10 -38.59 -20.10
C ASP I 52 17.41 -38.85 -20.88
N VAL I 53 17.31 -39.70 -21.91
CA VAL I 53 18.38 -40.12 -22.86
C VAL I 53 19.44 -41.04 -22.22
N SER I 54 20.11 -40.56 -21.16
CA SER I 54 21.23 -41.27 -20.53
C SER I 54 21.07 -41.61 -19.05
N LYS I 55 20.19 -40.87 -18.32
CA LYS I 55 19.97 -41.04 -16.87
C LYS I 55 19.53 -42.47 -16.56
N ARG I 56 20.27 -43.11 -15.65
CA ARG I 56 20.00 -44.50 -15.27
C ARG I 56 19.41 -44.61 -13.85
N PRO I 57 18.21 -45.21 -13.69
CA PRO I 57 17.64 -45.36 -12.34
C PRO I 57 18.46 -46.35 -11.49
N SER I 58 18.36 -46.19 -10.16
CA SER I 58 19.06 -47.06 -9.22
C SER I 58 18.50 -48.48 -9.40
N GLY I 59 19.38 -49.49 -9.41
CA GLY I 59 18.97 -50.88 -9.58
C GLY I 59 19.11 -51.41 -11.00
N VAL I 60 19.51 -50.52 -11.92
CA VAL I 60 19.77 -50.86 -13.30
C VAL I 60 21.30 -51.00 -13.42
N PRO I 61 21.78 -52.18 -13.91
CA PRO I 61 23.24 -52.39 -14.01
C PRO I 61 23.97 -51.37 -14.87
N ASP I 62 25.22 -51.04 -14.48
CA ASP I 62 26.10 -50.08 -15.16
C ASP I 62 26.24 -50.38 -16.64
N ARG I 63 26.12 -51.67 -17.02
CA ARG I 63 26.29 -52.13 -18.39
C ARG I 63 25.18 -51.64 -19.38
N PHE I 64 24.12 -51.00 -18.87
CA PHE I 64 23.11 -50.38 -19.71
C PHE I 64 23.41 -48.89 -19.77
N SER I 65 23.69 -48.41 -20.97
CA SER I 65 24.04 -47.03 -21.23
C SER I 65 23.08 -46.48 -22.30
N GLY I 66 22.67 -45.20 -22.18
CA GLY I 66 21.80 -44.56 -23.15
C GLY I 66 22.46 -43.35 -23.78
N SER I 67 22.29 -43.21 -25.09
CA SER I 67 22.85 -42.09 -25.86
C SER I 67 21.85 -41.70 -26.96
N LYS I 68 22.15 -40.60 -27.68
CA LYS I 68 21.33 -40.06 -28.77
C LYS I 68 22.27 -39.28 -29.70
N SER I 69 22.07 -39.44 -31.02
CA SER I 69 22.79 -38.71 -32.05
C SER I 69 21.76 -38.34 -33.10
N GLY I 70 21.58 -37.03 -33.29
CA GLY I 70 20.58 -36.52 -34.20
C GLY I 70 19.20 -36.89 -33.72
N ASN I 71 18.53 -37.77 -34.49
CA ASN I 71 17.20 -38.32 -34.25
C ASN I 71 17.24 -39.84 -33.82
N THR I 72 18.46 -40.42 -33.62
CA THR I 72 18.58 -41.85 -33.29
C THR I 72 19.18 -42.13 -31.89
N ALA I 73 18.25 -42.42 -30.94
CA ALA I 73 18.60 -42.77 -29.57
C ALA I 73 19.09 -44.21 -29.57
N SER I 74 20.10 -44.53 -28.76
CA SER I 74 20.66 -45.87 -28.72
C SER I 74 20.89 -46.36 -27.31
N LEU I 75 20.43 -47.58 -27.06
CA LEU I 75 20.64 -48.27 -25.80
C LEU I 75 21.73 -49.27 -26.08
N THR I 76 22.83 -49.18 -25.34
CA THR I 76 23.92 -50.08 -25.55
C THR I 76 24.12 -50.90 -24.27
N ILE I 77 23.98 -52.23 -24.42
CA ILE I 77 24.17 -53.28 -23.42
C ILE I 77 25.61 -53.78 -23.59
N SER I 78 26.54 -53.24 -22.76
CA SER I 78 27.95 -53.60 -22.75
C SER I 78 28.11 -54.91 -21.99
N GLY I 79 28.86 -55.87 -22.55
CA GLY I 79 29.06 -57.19 -21.94
C GLY I 79 27.77 -57.91 -21.62
N LEU I 80 27.12 -58.47 -22.65
CA LEU I 80 25.85 -59.19 -22.56
C LEU I 80 25.89 -60.34 -21.58
N GLN I 81 24.74 -60.62 -20.96
CA GLN I 81 24.51 -61.73 -20.05
C GLN I 81 23.24 -62.45 -20.46
N ALA I 82 23.10 -63.73 -20.10
CA ALA I 82 21.93 -64.55 -20.45
C ALA I 82 20.59 -63.88 -20.06
N GLU I 83 20.58 -63.24 -18.86
CA GLU I 83 19.49 -62.46 -18.24
C GLU I 83 18.94 -61.44 -19.21
N ASP I 84 19.85 -60.81 -19.95
CA ASP I 84 19.58 -59.69 -20.86
C ASP I 84 18.67 -60.08 -22.03
N GLU I 85 18.28 -61.39 -22.12
CA GLU I 85 17.35 -61.89 -23.14
C GLU I 85 15.96 -61.43 -22.74
N ALA I 86 15.55 -60.32 -23.38
CA ALA I 86 14.26 -59.68 -23.16
C ALA I 86 13.82 -58.83 -24.35
N ASP I 87 12.62 -58.25 -24.25
CA ASP I 87 12.08 -57.32 -25.23
C ASP I 87 12.42 -55.94 -24.73
N TYR I 88 12.94 -55.08 -25.61
CA TYR I 88 13.33 -53.72 -25.24
C TYR I 88 12.56 -52.69 -26.04
N TYR I 89 11.87 -51.76 -25.35
CA TYR I 89 11.08 -50.71 -26.01
C TYR I 89 11.68 -49.35 -25.71
N CYS I 90 11.82 -48.50 -26.69
CA CYS I 90 12.27 -47.13 -26.48
C CYS I 90 11.01 -46.27 -26.45
N SER I 91 11.08 -45.11 -25.81
CA SER I 91 9.94 -44.21 -25.72
C SER I 91 10.39 -42.77 -25.82
N SER I 92 9.55 -41.94 -26.43
CA SER I 92 9.78 -40.51 -26.54
C SER I 92 8.61 -39.85 -25.84
N TYR I 93 8.90 -38.85 -25.01
CA TYR I 93 7.87 -38.17 -24.24
C TYR I 93 8.03 -36.63 -24.30
N ALA I 94 8.23 -36.09 -25.51
CA ALA I 94 8.40 -34.65 -25.68
C ALA I 94 7.06 -33.97 -25.91
N ASP I 95 6.30 -34.43 -26.92
CA ASP I 95 4.98 -33.86 -27.25
C ASP I 95 3.85 -34.80 -26.80
N SER I 96 4.07 -36.13 -26.90
CA SER I 96 3.17 -37.17 -26.44
C SER I 96 4.00 -38.36 -26.00
N VAL I 97 3.36 -39.39 -25.42
CA VAL I 97 4.07 -40.61 -25.01
C VAL I 97 4.00 -41.61 -26.16
N VAL I 98 5.12 -41.78 -26.89
CA VAL I 98 5.17 -42.74 -28.00
C VAL I 98 6.15 -43.86 -27.65
N PHE I 99 5.90 -45.08 -28.18
CA PHE I 99 6.77 -46.23 -27.96
C PHE I 99 7.23 -46.85 -29.28
N GLY I 100 8.42 -47.40 -29.27
CA GLY I 100 8.96 -48.10 -30.41
C GLY I 100 8.32 -49.48 -30.48
N GLY I 101 8.54 -50.17 -31.61
CA GLY I 101 8.00 -51.50 -31.86
C GLY I 101 8.55 -52.61 -30.96
N GLY I 102 9.69 -52.35 -30.35
CA GLY I 102 10.36 -53.31 -29.49
C GLY I 102 11.44 -54.04 -30.21
N THR I 103 12.44 -54.55 -29.46
CA THR I 103 13.57 -55.30 -30.00
C THR I 103 13.81 -56.53 -29.14
N LYS I 104 13.85 -57.73 -29.80
CA LYS I 104 14.11 -58.96 -29.08
C LYS I 104 15.60 -59.17 -29.05
N VAL I 105 16.19 -59.04 -27.85
CA VAL I 105 17.62 -59.24 -27.66
C VAL I 105 17.80 -60.73 -27.39
N THR I 106 18.60 -61.40 -28.27
CA THR I 106 18.89 -62.84 -28.20
C THR I 106 20.35 -63.08 -27.80
N VAL I 107 20.60 -63.69 -26.63
CA VAL I 107 21.97 -63.97 -26.21
C VAL I 107 22.34 -65.37 -26.79
N LEU I 108 23.22 -65.37 -27.81
CA LEU I 108 23.57 -66.51 -28.64
C LEU I 108 24.30 -67.72 -28.02
N GLY I 109 25.34 -67.51 -27.21
CA GLY I 109 26.21 -68.59 -26.69
C GLY I 109 25.61 -69.86 -26.10
N GLN I 110 24.41 -69.72 -25.53
CA GLN I 110 23.57 -70.65 -24.77
C GLN I 110 23.56 -72.10 -25.24
N PRO I 111 23.81 -73.01 -24.25
CA PRO I 111 23.86 -74.46 -24.55
C PRO I 111 22.50 -75.09 -24.73
N LYS I 112 22.45 -75.94 -25.77
CA LYS I 112 21.34 -76.76 -26.21
C LYS I 112 20.90 -77.65 -25.09
N ALA I 113 19.61 -77.66 -24.86
CA ALA I 113 18.95 -78.51 -23.88
C ALA I 113 17.88 -79.24 -24.65
N ALA I 114 17.89 -80.59 -24.60
CA ALA I 114 16.88 -81.40 -25.29
C ALA I 114 15.56 -81.36 -24.49
N PRO I 115 14.39 -81.34 -25.16
CA PRO I 115 13.12 -81.27 -24.40
C PRO I 115 12.82 -82.54 -23.59
N SER I 116 12.10 -82.35 -22.49
CA SER I 116 11.64 -83.40 -21.58
C SER I 116 10.14 -83.57 -21.86
N VAL I 117 9.76 -84.72 -22.40
CA VAL I 117 8.36 -84.98 -22.76
C VAL I 117 7.63 -85.82 -21.73
N THR I 118 6.37 -85.47 -21.43
CA THR I 118 5.50 -86.18 -20.50
C THR I 118 4.14 -86.30 -21.15
N LEU I 119 3.75 -87.54 -21.49
CA LEU I 119 2.49 -87.80 -22.16
C LEU I 119 1.47 -88.45 -21.22
N PHE I 120 0.31 -87.80 -21.09
CA PHE I 120 -0.77 -88.30 -20.24
C PHE I 120 -1.96 -88.77 -21.08
N PRO I 121 -2.47 -89.99 -20.83
CA PRO I 121 -3.65 -90.45 -21.57
C PRO I 121 -4.93 -89.79 -21.05
N PRO I 122 -6.12 -90.00 -21.68
CA PRO I 122 -7.34 -89.38 -21.16
C PRO I 122 -7.70 -89.96 -19.80
N SER I 123 -8.22 -89.13 -18.89
CA SER I 123 -8.63 -89.60 -17.57
C SER I 123 -9.92 -90.41 -17.67
N SER I 124 -10.12 -91.32 -16.71
CA SER I 124 -11.34 -92.12 -16.57
C SER I 124 -12.50 -91.16 -16.39
N GLU I 125 -12.24 -90.00 -15.73
CA GLU I 125 -13.22 -88.93 -15.53
C GLU I 125 -13.69 -88.35 -16.87
N GLU I 126 -12.73 -87.96 -17.74
CA GLU I 126 -13.01 -87.42 -19.08
C GLU I 126 -13.76 -88.41 -19.97
N LEU I 127 -13.38 -89.68 -19.92
CA LEU I 127 -14.02 -90.71 -20.73
C LEU I 127 -15.46 -90.96 -20.33
N GLN I 128 -15.76 -90.85 -19.01
CA GLN I 128 -17.11 -90.99 -18.45
C GLN I 128 -17.99 -89.83 -18.94
N ALA I 129 -17.36 -88.71 -19.34
CA ALA I 129 -18.00 -87.50 -19.88
C ALA I 129 -18.00 -87.50 -21.43
N ASN I 130 -17.86 -88.70 -22.03
CA ASN I 130 -17.84 -88.98 -23.48
C ASN I 130 -16.84 -88.15 -24.29
N LYS I 131 -15.71 -87.75 -23.66
CA LYS I 131 -14.65 -87.00 -24.32
C LYS I 131 -13.29 -87.61 -24.05
N ALA I 132 -12.23 -87.18 -24.78
CA ALA I 132 -10.87 -87.70 -24.63
C ALA I 132 -9.83 -86.67 -25.10
N THR I 133 -8.82 -86.41 -24.25
CA THR I 133 -7.73 -85.47 -24.53
C THR I 133 -6.40 -86.09 -24.13
N LEU I 134 -5.48 -86.19 -25.10
CA LEU I 134 -4.12 -86.68 -24.86
C LEU I 134 -3.29 -85.43 -24.62
N VAL I 135 -2.61 -85.36 -23.46
CA VAL I 135 -1.83 -84.19 -23.04
C VAL I 135 -0.33 -84.44 -23.14
N CYS I 136 0.33 -83.73 -24.07
CA CYS I 136 1.77 -83.82 -24.28
C CYS I 136 2.46 -82.57 -23.80
N LEU I 137 3.16 -82.69 -22.67
CA LEU I 137 3.84 -81.58 -22.04
C LEU I 137 5.34 -81.60 -22.30
N ILE I 138 5.82 -80.59 -23.04
CA ILE I 138 7.23 -80.42 -23.43
C ILE I 138 7.86 -79.31 -22.58
N SER I 139 9.02 -79.59 -21.98
CA SER I 139 9.66 -78.60 -21.11
C SER I 139 11.18 -78.66 -21.13
N ASP I 140 11.81 -77.48 -20.78
CA ASP I 140 13.24 -77.16 -20.67
C ASP I 140 14.04 -77.46 -21.93
N PHE I 141 13.79 -76.67 -22.96
CA PHE I 141 14.46 -76.85 -24.23
C PHE I 141 14.96 -75.56 -24.77
N TYR I 142 16.16 -75.61 -25.30
CA TYR I 142 16.78 -74.45 -25.90
C TYR I 142 17.61 -74.92 -27.09
N PRO I 143 17.43 -74.35 -28.29
CA PRO I 143 16.59 -73.19 -28.66
C PRO I 143 15.11 -73.43 -28.54
N GLY I 144 14.37 -72.34 -28.44
CA GLY I 144 12.93 -72.39 -28.27
C GLY I 144 12.12 -72.61 -29.51
N ALA I 145 12.29 -73.78 -30.09
CA ALA I 145 11.58 -74.20 -31.30
C ALA I 145 11.46 -75.70 -31.33
N VAL I 146 10.22 -76.20 -31.47
CA VAL I 146 9.90 -77.62 -31.54
C VAL I 146 8.85 -77.89 -32.59
N THR I 147 8.85 -79.14 -33.09
CA THR I 147 7.87 -79.64 -34.04
C THR I 147 7.18 -80.81 -33.36
N VAL I 148 5.85 -80.70 -33.12
CA VAL I 148 5.09 -81.79 -32.50
C VAL I 148 4.31 -82.52 -33.56
N ALA I 149 4.41 -83.86 -33.55
CA ALA I 149 3.73 -84.73 -34.51
C ALA I 149 3.05 -85.85 -33.76
N TRP I 150 1.73 -86.00 -33.95
CA TRP I 150 1.00 -87.07 -33.28
C TRP I 150 0.83 -88.25 -34.21
N LYS I 151 0.85 -89.46 -33.65
CA LYS I 151 0.67 -90.68 -34.41
C LYS I 151 -0.19 -91.71 -33.69
N ALA I 152 -1.27 -92.22 -34.35
CA ALA I 152 -2.16 -93.30 -33.87
C ALA I 152 -1.56 -94.60 -34.44
N ASP I 153 -1.01 -95.47 -33.56
CA ASP I 153 -0.27 -96.69 -33.94
C ASP I 153 0.91 -96.22 -34.84
N SER I 154 0.86 -96.52 -36.14
CA SER I 154 1.89 -96.01 -37.05
C SER I 154 1.43 -94.76 -37.85
N SER I 155 0.12 -94.69 -38.18
CA SER I 155 -0.55 -93.64 -38.96
C SER I 155 -0.48 -92.23 -38.34
N PRO I 156 -0.16 -91.15 -39.12
CA PRO I 156 -0.12 -89.79 -38.53
C PRO I 156 -1.49 -89.15 -38.35
N VAL I 157 -1.61 -88.32 -37.31
CA VAL I 157 -2.83 -87.61 -36.93
C VAL I 157 -2.64 -86.11 -37.05
N LYS I 158 -3.45 -85.49 -37.94
CA LYS I 158 -3.45 -84.04 -38.21
C LYS I 158 -4.59 -83.34 -37.42
N ALA I 159 -5.82 -83.94 -37.50
CA ALA I 159 -7.05 -83.46 -36.87
C ALA I 159 -7.09 -83.66 -35.36
N GLY I 160 -7.45 -82.59 -34.65
CA GLY I 160 -7.57 -82.64 -33.19
C GLY I 160 -6.36 -82.10 -32.46
N VAL I 161 -5.27 -81.81 -33.19
CA VAL I 161 -4.03 -81.30 -32.62
C VAL I 161 -4.13 -79.80 -32.40
N GLU I 162 -3.71 -79.35 -31.22
CA GLU I 162 -3.65 -77.94 -30.80
C GLU I 162 -2.34 -77.80 -30.02
N THR I 163 -1.36 -77.07 -30.57
CA THR I 163 -0.03 -76.89 -29.96
C THR I 163 0.27 -75.43 -29.65
N THR I 164 0.81 -75.15 -28.45
CA THR I 164 1.17 -73.80 -28.03
C THR I 164 2.49 -73.41 -28.69
N THR I 165 2.75 -72.10 -28.77
CA THR I 165 4.04 -71.57 -29.24
C THR I 165 4.97 -71.71 -28.02
N PRO I 166 6.28 -72.02 -28.17
CA PRO I 166 7.13 -72.17 -26.99
C PRO I 166 7.27 -70.86 -26.22
N SER I 167 7.01 -70.92 -24.92
CA SER I 167 7.11 -69.73 -24.10
C SER I 167 8.35 -69.81 -23.25
N LYS I 168 9.13 -68.73 -23.30
CA LYS I 168 10.38 -68.53 -22.59
C LYS I 168 10.08 -68.64 -21.09
N GLN I 169 10.66 -69.65 -20.43
CA GLN I 169 10.52 -69.81 -18.98
C GLN I 169 11.44 -68.76 -18.32
N SER I 170 11.43 -68.78 -16.97
CA SER I 170 12.26 -67.95 -16.08
C SER I 170 13.76 -68.15 -16.38
N ASN I 171 14.18 -69.43 -16.65
CA ASN I 171 15.55 -69.87 -16.89
C ASN I 171 15.99 -69.81 -18.34
N ASN I 172 15.44 -68.87 -19.14
CA ASN I 172 15.77 -68.69 -20.57
C ASN I 172 15.40 -69.90 -21.46
N LYS I 173 15.08 -71.08 -20.85
CA LYS I 173 14.68 -72.30 -21.56
C LYS I 173 13.22 -72.15 -21.99
N TYR I 174 12.69 -73.11 -22.72
CA TYR I 174 11.32 -72.97 -23.22
C TYR I 174 10.44 -74.14 -22.83
N ALA I 175 9.13 -73.89 -22.82
CA ALA I 175 8.12 -74.89 -22.53
C ALA I 175 6.94 -74.78 -23.51
N ALA I 176 6.48 -75.93 -24.02
CA ALA I 176 5.33 -75.99 -24.92
C ALA I 176 4.44 -77.16 -24.53
N SER I 177 3.21 -77.18 -25.03
CA SER I 177 2.24 -78.22 -24.74
C SER I 177 1.40 -78.44 -25.98
N SER I 178 1.11 -79.71 -26.32
CA SER I 178 0.21 -80.07 -27.42
C SER I 178 -0.88 -80.96 -26.87
N TYR I 179 -2.13 -80.67 -27.25
CA TYR I 179 -3.28 -81.46 -26.84
C TYR I 179 -3.90 -82.12 -28.06
N LEU I 180 -4.16 -83.45 -27.99
CA LEU I 180 -4.83 -84.17 -29.07
C LEU I 180 -6.24 -84.56 -28.63
N SER I 181 -7.23 -83.90 -29.22
CA SER I 181 -8.64 -84.13 -28.92
C SER I 181 -9.16 -85.31 -29.75
N LEU I 182 -9.66 -86.34 -29.06
CA LEU I 182 -10.20 -87.56 -29.65
C LEU I 182 -11.57 -87.86 -29.09
N THR I 183 -12.22 -88.91 -29.66
CA THR I 183 -13.48 -89.43 -29.15
C THR I 183 -13.08 -90.67 -28.34
N PRO I 184 -13.86 -91.09 -27.31
CA PRO I 184 -13.50 -92.32 -26.57
C PRO I 184 -13.36 -93.55 -27.48
N GLU I 185 -14.12 -93.56 -28.59
CA GLU I 185 -14.15 -94.62 -29.61
C GLU I 185 -12.83 -94.67 -30.35
N GLN I 186 -12.30 -93.50 -30.77
CA GLN I 186 -11.02 -93.36 -31.48
C GLN I 186 -9.87 -93.80 -30.57
N TRP I 187 -9.94 -93.44 -29.28
CA TRP I 187 -8.91 -93.77 -28.29
C TRP I 187 -8.80 -95.30 -28.07
N LYS I 188 -9.93 -95.96 -27.86
CA LYS I 188 -9.98 -97.40 -27.60
C LYS I 188 -9.74 -98.26 -28.85
N SER I 189 -9.94 -97.68 -30.06
CA SER I 189 -9.78 -98.42 -31.33
C SER I 189 -8.31 -98.69 -31.75
N HIS I 190 -7.35 -97.87 -31.26
CA HIS I 190 -5.95 -98.04 -31.61
C HIS I 190 -5.14 -98.70 -30.51
N LYS I 191 -4.07 -99.41 -30.90
CA LYS I 191 -3.17 -100.11 -29.97
C LYS I 191 -2.41 -99.11 -29.09
N SER I 192 -1.98 -97.97 -29.67
CA SER I 192 -1.25 -96.91 -28.96
C SER I 192 -1.30 -95.54 -29.66
N TYR I 193 -0.89 -94.48 -28.91
CA TYR I 193 -0.79 -93.12 -29.40
C TYR I 193 0.56 -92.53 -29.03
N SER I 194 1.23 -91.90 -29.99
CA SER I 194 2.55 -91.32 -29.76
C SER I 194 2.60 -89.82 -29.96
N CYS I 195 3.41 -89.14 -29.15
CA CYS I 195 3.67 -87.72 -29.25
C CYS I 195 5.14 -87.62 -29.62
N GLN I 196 5.42 -87.05 -30.81
CA GLN I 196 6.81 -86.96 -31.27
C GLN I 196 7.29 -85.53 -31.33
N VAL I 197 8.19 -85.14 -30.41
CA VAL I 197 8.71 -83.78 -30.46
C VAL I 197 10.11 -83.77 -31.10
N THR I 198 10.24 -83.02 -32.19
CA THR I 198 11.49 -82.85 -32.91
C THR I 198 12.06 -81.50 -32.53
N HIS I 199 13.30 -81.49 -32.05
CA HIS I 199 14.05 -80.32 -31.60
C HIS I 199 15.50 -80.50 -32.06
N GLU I 200 16.03 -79.48 -32.77
CA GLU I 200 17.40 -79.45 -33.31
C GLU I 200 17.73 -80.79 -33.92
N GLY I 201 16.89 -81.17 -34.88
CA GLY I 201 17.03 -82.41 -35.65
C GLY I 201 17.13 -83.70 -34.87
N SER I 202 16.41 -83.79 -33.73
CA SER I 202 16.38 -84.99 -32.90
C SER I 202 15.00 -85.16 -32.32
N THR I 203 14.43 -86.34 -32.57
CA THR I 203 13.07 -86.64 -32.16
C THR I 203 13.02 -87.48 -30.89
N VAL I 204 12.16 -87.03 -29.96
CA VAL I 204 11.85 -87.65 -28.66
C VAL I 204 10.39 -88.07 -28.77
N GLU I 205 10.13 -89.37 -28.52
CA GLU I 205 8.79 -89.94 -28.64
C GLU I 205 8.33 -90.46 -27.29
N LYS I 206 7.06 -90.20 -26.94
CA LYS I 206 6.42 -90.75 -25.75
C LYS I 206 5.14 -91.42 -26.21
N THR I 207 4.86 -92.63 -25.69
CA THR I 207 3.71 -93.43 -26.08
C THR I 207 2.80 -93.82 -24.92
N VAL I 208 1.47 -93.83 -25.18
CA VAL I 208 0.42 -94.24 -24.25
C VAL I 208 -0.51 -95.22 -24.94
N ALA I 209 -1.09 -96.18 -24.18
CA ALA I 209 -1.99 -97.18 -24.74
C ALA I 209 -3.26 -97.31 -23.90
N PRO I 210 -4.44 -97.46 -24.56
CA PRO I 210 -5.72 -97.56 -23.83
C PRO I 210 -5.80 -98.63 -22.72
N THR I 211 -4.88 -99.62 -22.74
CA THR I 211 -4.84 -100.70 -21.74
C THR I 211 -4.08 -100.33 -20.42
N SER J 2 1.20 11.58 -2.72
CA SER J 2 0.25 12.57 -2.21
C SER J 2 0.94 13.89 -1.77
N ALA J 3 0.15 15.01 -1.75
CA ALA J 3 0.50 16.40 -1.35
C ALA J 3 1.82 16.98 -1.90
N LEU J 4 1.74 18.09 -2.62
CA LEU J 4 2.94 18.80 -3.10
C LEU J 4 3.00 20.16 -2.40
N THR J 5 4.02 20.36 -1.55
CA THR J 5 4.12 21.63 -0.83
C THR J 5 5.05 22.59 -1.51
N GLN J 6 4.48 23.75 -1.87
CA GLN J 6 5.14 24.91 -2.49
C GLN J 6 5.11 26.10 -1.53
N PRO J 7 6.10 27.02 -1.56
CA PRO J 7 6.00 28.25 -0.72
C PRO J 7 4.84 29.14 -1.16
N ARG J 8 4.16 29.83 -0.21
CA ARG J 8 3.01 30.65 -0.62
C ARG J 8 3.41 31.79 -1.56
N SER J 9 4.57 32.41 -1.30
CA SER J 9 5.09 33.52 -2.10
C SER J 9 6.59 33.53 -2.15
N VAL J 10 7.12 33.85 -3.34
CA VAL J 10 8.52 34.11 -3.62
C VAL J 10 8.53 35.46 -4.36
N SER J 11 9.60 36.25 -4.16
CA SER J 11 9.70 37.57 -4.78
C SER J 11 11.11 37.93 -5.14
N GLY J 12 11.21 38.82 -6.09
CA GLY J 12 12.48 39.33 -6.57
C GLY J 12 12.32 40.62 -7.33
N SER J 13 13.41 41.36 -7.45
CA SER J 13 13.42 42.60 -8.21
C SER J 13 13.62 42.21 -9.68
N PRO J 14 13.24 43.09 -10.64
CA PRO J 14 13.48 42.76 -12.06
C PRO J 14 14.96 42.51 -12.37
N GLY J 15 15.23 41.44 -13.11
CA GLY J 15 16.59 41.06 -13.48
C GLY J 15 17.19 40.02 -12.56
N GLN J 16 16.61 39.84 -11.36
CA GLN J 16 17.09 38.86 -10.39
C GLN J 16 16.49 37.50 -10.70
N SER J 17 17.22 36.40 -10.37
CA SER J 17 16.69 35.05 -10.53
C SER J 17 15.94 34.65 -9.25
N VAL J 18 14.92 33.82 -9.39
CA VAL J 18 14.11 33.38 -8.27
C VAL J 18 13.79 31.88 -8.44
N THR J 19 13.67 31.12 -7.32
CA THR J 19 13.39 29.69 -7.41
C THR J 19 12.20 29.22 -6.55
N ILE J 20 11.23 28.54 -7.19
CA ILE J 20 10.07 27.93 -6.53
C ILE J 20 10.35 26.42 -6.28
N SER J 21 10.23 25.96 -5.02
CA SER J 21 10.42 24.57 -4.62
C SER J 21 9.07 23.84 -4.58
N CYS J 22 9.10 22.52 -4.81
CA CYS J 22 7.91 21.67 -4.84
C CYS J 22 8.33 20.35 -4.22
N THR J 23 8.03 20.16 -2.92
CA THR J 23 8.44 18.93 -2.24
C THR J 23 7.25 17.98 -2.09
N GLY J 24 7.41 16.79 -2.67
CA GLY J 24 6.44 15.70 -2.64
C GLY J 24 7.05 14.50 -1.94
N THR J 25 6.40 13.31 -2.08
CA THR J 25 6.87 12.05 -1.47
C THR J 25 7.79 11.29 -2.46
N SER J 26 8.34 10.13 -2.06
CA SER J 26 9.20 9.32 -2.94
C SER J 26 8.40 8.50 -4.00
N SER J 27 7.05 8.49 -3.86
CA SER J 27 6.07 7.80 -4.74
C SER J 27 5.44 8.77 -5.80
N ASP J 28 5.86 10.07 -5.81
CA ASP J 28 5.41 11.14 -6.72
C ASP J 28 6.62 11.91 -7.35
N VAL J 29 7.17 12.91 -6.61
CA VAL J 29 8.31 13.76 -7.02
C VAL J 29 9.64 12.97 -7.01
N GLY J 30 9.69 11.96 -6.13
CA GLY J 30 10.85 11.12 -5.86
C GLY J 30 11.38 10.22 -6.95
N GLY J 31 10.90 8.96 -6.95
CA GLY J 31 11.34 7.87 -7.83
C GLY J 31 10.90 7.91 -9.29
N TYR J 32 10.39 9.08 -9.77
CA TYR J 32 9.90 9.33 -11.12
C TYR J 32 10.20 10.74 -11.59
N ASN J 33 10.41 10.89 -12.90
CA ASN J 33 10.67 12.17 -13.53
C ASN J 33 9.41 12.80 -14.15
N TYR J 34 8.26 12.61 -13.49
CA TYR J 34 6.95 13.08 -13.89
C TYR J 34 6.49 14.30 -13.10
N VAL J 35 7.19 15.45 -13.33
CA VAL J 35 6.89 16.74 -12.70
C VAL J 35 6.65 17.82 -13.77
N SER J 36 5.52 18.54 -13.66
CA SER J 36 5.18 19.66 -14.55
C SER J 36 5.04 20.94 -13.75
N TRP J 37 5.11 22.10 -14.42
CA TRP J 37 5.00 23.44 -13.84
C TRP J 37 4.13 24.27 -14.76
N TYR J 38 3.12 24.94 -14.18
CA TYR J 38 2.18 25.81 -14.88
C TYR J 38 2.19 27.22 -14.33
N GLN J 39 2.01 28.20 -15.21
CA GLN J 39 1.96 29.63 -14.92
C GLN J 39 0.52 30.07 -15.12
N GLN J 40 -0.02 30.90 -14.22
CA GLN J 40 -1.39 31.38 -14.37
C GLN J 40 -1.55 32.85 -14.02
N HIS J 41 -1.98 33.63 -15.02
CA HIS J 41 -2.25 35.07 -14.87
C HIS J 41 -3.77 35.23 -14.57
N PRO J 42 -4.18 36.29 -13.83
CA PRO J 42 -5.57 36.48 -13.38
C PRO J 42 -6.74 35.70 -14.06
N GLY J 43 -7.39 36.26 -15.05
CA GLY J 43 -8.55 35.59 -15.64
C GLY J 43 -8.23 34.63 -16.76
N LYS J 44 -7.03 34.02 -16.71
CA LYS J 44 -6.57 33.12 -17.76
C LYS J 44 -6.39 31.68 -17.27
N ALA J 45 -6.42 30.76 -18.26
CA ALA J 45 -6.17 29.35 -18.05
C ALA J 45 -4.67 29.19 -17.82
N PRO J 46 -4.24 28.15 -17.07
CA PRO J 46 -2.80 27.96 -16.84
C PRO J 46 -2.02 27.68 -18.12
N LYS J 47 -0.70 27.92 -18.09
CA LYS J 47 0.21 27.72 -19.22
C LYS J 47 1.25 26.69 -18.83
N LEU J 48 1.46 25.65 -19.65
CA LEU J 48 2.50 24.67 -19.33
C LEU J 48 3.86 25.33 -19.57
N MET J 49 4.65 25.46 -18.51
CA MET J 49 5.99 26.07 -18.55
C MET J 49 7.09 25.01 -18.66
N ILE J 50 6.98 23.93 -17.87
CA ILE J 50 7.94 22.81 -17.86
C ILE J 50 7.19 21.51 -17.65
N TYR J 51 7.60 20.44 -18.33
CA TYR J 51 7.03 19.09 -18.15
C TYR J 51 8.19 18.12 -18.05
N ASP J 52 7.93 16.88 -17.57
CA ASP J 52 8.97 15.85 -17.39
C ASP J 52 10.24 16.41 -16.71
N VAL J 53 10.05 17.13 -15.59
CA VAL J 53 11.04 17.78 -14.71
C VAL J 53 11.72 19.03 -15.35
N SER J 54 12.37 18.84 -16.52
CA SER J 54 13.16 19.87 -17.17
C SER J 54 12.73 20.26 -18.59
N LYS J 55 12.00 19.38 -19.30
CA LYS J 55 11.55 19.58 -20.69
C LYS J 55 10.70 20.84 -20.82
N ARG J 56 11.12 21.75 -21.71
CA ARG J 56 10.46 23.04 -21.91
C ARG J 56 9.69 23.10 -23.24
N PRO J 57 8.35 23.36 -23.21
CA PRO J 57 7.60 23.47 -24.48
C PRO J 57 8.03 24.70 -25.27
N SER J 58 7.83 24.64 -26.59
CA SER J 58 8.13 25.75 -27.51
C SER J 58 7.25 26.95 -27.12
N GLY J 59 7.84 28.15 -27.15
CA GLY J 59 7.14 29.36 -26.76
C GLY J 59 7.23 29.70 -25.29
N VAL J 60 8.03 28.95 -24.53
CA VAL J 60 8.32 29.21 -23.12
C VAL J 60 9.76 29.77 -23.15
N PRO J 61 9.98 31.02 -22.62
CA PRO J 61 11.33 31.61 -22.63
C PRO J 61 12.39 30.77 -21.93
N ASP J 62 13.63 30.82 -22.47
CA ASP J 62 14.81 30.10 -21.97
C ASP J 62 15.05 30.32 -20.48
N ARG J 63 14.64 31.51 -19.96
CA ARG J 63 14.82 31.93 -18.57
C ARG J 63 14.04 31.07 -17.55
N PHE J 64 13.11 30.20 -18.01
CA PHE J 64 12.41 29.24 -17.15
C PHE J 64 13.10 27.89 -17.28
N SER J 65 13.57 27.37 -16.15
CA SER J 65 14.23 26.06 -16.13
C SER J 65 13.69 25.22 -15.00
N GLY J 66 13.60 23.92 -15.26
CA GLY J 66 13.13 22.98 -14.26
C GLY J 66 14.20 22.00 -13.86
N SER J 67 14.28 21.72 -12.57
CA SER J 67 15.22 20.74 -12.03
C SER J 67 14.54 19.96 -10.90
N LYS J 68 15.24 18.93 -10.38
CA LYS J 68 14.77 18.06 -9.30
C LYS J 68 16.00 17.52 -8.57
N SER J 69 15.96 17.56 -7.24
CA SER J 69 16.99 17.00 -6.36
C SER J 69 16.26 16.29 -5.24
N GLY J 70 16.46 14.98 -5.18
CA GLY J 70 15.78 14.14 -4.21
C GLY J 70 14.29 14.17 -4.44
N ASN J 71 13.54 14.52 -3.38
CA ASN J 71 12.07 14.63 -3.39
C ASN J 71 11.63 16.10 -3.59
N THR J 72 12.52 16.96 -4.16
CA THR J 72 12.19 18.37 -4.41
C THR J 72 12.48 18.81 -5.84
N ALA J 73 11.41 19.19 -6.56
CA ALA J 73 11.48 19.76 -7.90
C ALA J 73 11.54 21.29 -7.74
N SER J 74 12.29 21.97 -8.62
CA SER J 74 12.44 23.41 -8.54
C SER J 74 12.33 24.08 -9.88
N LEU J 75 11.55 25.16 -9.94
CA LEU J 75 11.40 25.97 -11.12
C LEU J 75 12.22 27.22 -10.86
N THR J 76 13.17 27.52 -11.76
CA THR J 76 14.02 28.72 -11.65
C THR J 76 13.75 29.70 -12.78
N ILE J 77 13.33 30.91 -12.39
CA ILE J 77 13.06 32.05 -13.30
C ILE J 77 14.29 32.95 -13.23
N SER J 78 15.22 32.80 -14.17
CA SER J 78 16.45 33.61 -14.25
C SER J 78 16.10 34.94 -14.91
N GLY J 79 16.59 36.05 -14.35
CA GLY J 79 16.31 37.39 -14.87
C GLY J 79 14.83 37.70 -15.00
N LEU J 80 14.18 37.97 -13.86
CA LEU J 80 12.77 38.29 -13.76
C LEU J 80 12.33 39.46 -14.61
N GLN J 81 11.09 39.38 -15.09
CA GLN J 81 10.43 40.42 -15.85
C GLN J 81 9.05 40.68 -15.25
N ALA J 82 8.49 41.87 -15.47
CA ALA J 82 7.17 42.25 -14.91
C ALA J 82 6.06 41.22 -15.21
N GLU J 83 6.06 40.66 -16.45
CA GLU J 83 5.10 39.67 -16.95
C GLU J 83 5.21 38.33 -16.26
N ASP J 84 6.27 38.14 -15.47
CA ASP J 84 6.48 36.92 -14.71
C ASP J 84 5.68 36.94 -13.40
N GLU J 85 5.03 38.08 -13.05
CA GLU J 85 4.18 38.20 -11.86
C GLU J 85 2.89 37.44 -12.13
N ALA J 86 2.85 36.17 -11.66
CA ALA J 86 1.75 35.23 -11.83
C ALA J 86 1.76 34.17 -10.70
N ASP J 87 0.74 33.28 -10.72
CA ASP J 87 0.61 32.16 -9.80
C ASP J 87 1.27 30.98 -10.48
N TYR J 88 2.13 30.25 -9.76
CA TYR J 88 2.82 29.10 -10.32
C TYR J 88 2.48 27.84 -9.57
N TYR J 89 1.98 26.80 -10.27
CA TYR J 89 1.63 25.53 -9.68
C TYR J 89 2.53 24.43 -10.23
N CYS J 90 3.03 23.55 -9.34
CA CYS J 90 3.79 22.39 -9.77
C CYS J 90 2.84 21.24 -9.77
N SER J 91 3.12 20.20 -10.55
CA SER J 91 2.26 19.03 -10.64
C SER J 91 3.08 17.76 -10.72
N SER J 92 2.57 16.69 -10.14
CA SER J 92 3.19 15.37 -10.20
C SER J 92 2.15 14.47 -10.85
N TYR J 93 2.57 13.65 -11.81
CA TYR J 93 1.66 12.79 -12.53
C TYR J 93 2.20 11.36 -12.65
N ALA J 94 2.69 10.81 -11.51
CA ALA J 94 3.24 9.46 -11.49
C ALA J 94 2.17 8.42 -11.19
N ASP J 95 1.44 8.59 -10.07
CA ASP J 95 0.36 7.67 -9.71
C ASP J 95 -1.02 8.29 -9.97
N SER J 96 -1.15 9.59 -9.74
CA SER J 96 -2.35 10.39 -10.00
C SER J 96 -1.90 11.78 -10.37
N VAL J 97 -2.84 12.66 -10.78
CA VAL J 97 -2.52 14.04 -11.12
C VAL J 97 -2.70 14.89 -9.88
N VAL J 98 -1.58 15.28 -9.24
CA VAL J 98 -1.61 16.13 -8.04
C VAL J 98 -1.01 17.49 -8.36
N PHE J 99 -1.48 18.54 -7.68
CA PHE J 99 -1.00 19.91 -7.86
C PHE J 99 -0.58 20.48 -6.55
N GLY J 100 0.43 21.34 -6.61
CA GLY J 100 0.91 22.06 -5.44
C GLY J 100 -0.06 23.17 -5.10
N GLY J 101 0.14 23.78 -3.93
CA GLY J 101 -0.71 24.86 -3.46
C GLY J 101 -0.63 26.15 -4.25
N GLY J 102 0.44 26.31 -5.02
CA GLY J 102 0.68 27.48 -5.83
C GLY J 102 1.64 28.43 -5.14
N THR J 103 2.32 29.27 -5.94
CA THR J 103 3.24 30.27 -5.45
C THR J 103 2.99 31.58 -6.19
N LYS J 104 2.80 32.65 -5.43
CA LYS J 104 2.64 33.96 -6.00
C LYS J 104 4.07 34.46 -6.21
N VAL J 105 4.44 34.72 -7.48
CA VAL J 105 5.73 35.31 -7.81
C VAL J 105 5.44 36.80 -7.94
N THR J 106 6.11 37.63 -7.13
CA THR J 106 5.88 39.08 -7.10
C THR J 106 7.13 39.76 -7.58
N VAL J 107 7.04 40.45 -8.73
CA VAL J 107 8.19 41.20 -9.28
C VAL J 107 8.15 42.58 -8.62
N LEU J 108 9.03 42.73 -7.59
CA LEU J 108 9.12 43.85 -6.67
C LEU J 108 9.23 45.24 -7.34
N GLY J 109 8.10 45.95 -7.35
CA GLY J 109 7.97 47.29 -7.91
C GLY J 109 7.75 48.37 -6.85
N GLN J 110 7.65 47.91 -5.61
CA GLN J 110 7.38 48.72 -4.43
C GLN J 110 8.11 48.07 -3.22
N PRO J 111 8.54 48.84 -2.20
CA PRO J 111 9.15 48.20 -1.03
C PRO J 111 8.15 47.38 -0.21
N LYS J 112 8.62 46.32 0.46
CA LYS J 112 7.79 45.42 1.27
C LYS J 112 7.11 46.17 2.39
N ALA J 113 5.82 45.87 2.61
CA ALA J 113 5.03 46.51 3.65
C ALA J 113 4.36 45.45 4.47
N ALA J 114 4.48 45.55 5.79
CA ALA J 114 3.87 44.62 6.74
C ALA J 114 2.37 44.90 6.86
N PRO J 115 1.55 43.84 7.03
CA PRO J 115 0.10 44.05 7.10
C PRO J 115 -0.35 44.76 8.38
N SER J 116 -1.50 45.46 8.26
CA SER J 116 -2.16 46.16 9.35
C SER J 116 -3.37 45.31 9.72
N VAL J 117 -3.36 44.72 10.92
CA VAL J 117 -4.46 43.84 11.34
C VAL J 117 -5.45 44.55 12.27
N THR J 118 -6.75 44.28 12.07
CA THR J 118 -7.85 44.81 12.88
C THR J 118 -8.79 43.64 13.20
N LEU J 119 -8.87 43.26 14.49
CA LEU J 119 -9.72 42.15 14.89
C LEU J 119 -10.93 42.61 15.67
N PHE J 120 -12.13 42.27 15.18
CA PHE J 120 -13.39 42.62 15.81
C PHE J 120 -14.07 41.41 16.44
N PRO J 121 -14.48 41.50 17.73
CA PRO J 121 -15.20 40.37 18.33
C PRO J 121 -16.65 40.29 17.83
N PRO J 122 -17.45 39.25 18.18
CA PRO J 122 -18.84 39.22 17.70
C PRO J 122 -19.64 40.36 18.29
N SER J 123 -20.58 40.91 17.52
CA SER J 123 -21.41 42.01 18.02
C SER J 123 -22.44 41.49 19.02
N SER J 124 -22.89 42.37 19.91
CA SER J 124 -23.93 42.07 20.90
C SER J 124 -25.21 41.68 20.13
N GLU J 125 -25.40 42.29 18.93
CA GLU J 125 -26.50 42.03 18.00
C GLU J 125 -26.44 40.58 17.52
N GLU J 126 -25.26 40.12 17.01
CA GLU J 126 -25.06 38.76 16.51
C GLU J 126 -25.24 37.71 17.60
N LEU J 127 -24.76 37.99 18.81
CA LEU J 127 -24.87 37.06 19.93
C LEU J 127 -26.32 36.87 20.38
N GLN J 128 -27.13 37.96 20.31
CA GLN J 128 -28.57 37.94 20.61
C GLN J 128 -29.33 37.08 19.57
N ALA J 129 -28.70 36.88 18.38
CA ALA J 129 -29.22 36.07 17.25
C ALA J 129 -28.59 34.68 17.25
N ASN J 130 -28.07 34.25 18.42
CA ASN J 130 -27.44 32.95 18.75
C ASN J 130 -26.34 32.55 17.79
N LYS J 131 -25.61 33.53 17.24
CA LYS J 131 -24.46 33.28 16.37
C LYS J 131 -23.26 34.10 16.80
N ALA J 132 -22.06 33.81 16.24
CA ALA J 132 -20.83 34.52 16.55
C ALA J 132 -19.84 34.43 15.39
N THR J 133 -19.30 35.61 14.98
CA THR J 133 -18.32 35.73 13.90
C THR J 133 -17.21 36.67 14.34
N LEU J 134 -15.97 36.17 14.34
CA LEU J 134 -14.78 36.96 14.65
C LEU J 134 -14.29 37.47 13.30
N VAL J 135 -14.12 38.79 13.16
CA VAL J 135 -13.72 39.41 11.89
C VAL J 135 -12.28 39.96 11.93
N CYS J 136 -11.40 39.31 11.15
CA CYS J 136 -9.98 39.69 11.05
C CYS J 136 -9.68 40.35 9.73
N LEU J 137 -9.50 41.68 9.76
CA LEU J 137 -9.24 42.48 8.56
C LEU J 137 -7.78 42.85 8.39
N ILE J 138 -7.16 42.32 7.33
CA ILE J 138 -5.75 42.52 6.98
C ILE J 138 -5.63 43.48 5.79
N SER J 139 -4.81 44.51 5.92
CA SER J 139 -4.67 45.49 4.84
C SER J 139 -3.28 46.08 4.74
N ASP J 140 -2.99 46.76 3.59
CA ASP J 140 -1.74 47.46 3.27
C ASP J 140 -0.48 46.56 3.38
N PHE J 141 -0.51 45.40 2.70
CA PHE J 141 0.62 44.49 2.66
C PHE J 141 1.10 44.18 1.25
N TYR J 142 2.43 44.16 1.08
CA TYR J 142 3.06 43.84 -0.19
C TYR J 142 4.31 43.03 0.15
N PRO J 143 4.60 41.88 -0.51
CA PRO J 143 3.86 41.22 -1.60
C PRO J 143 2.49 40.71 -1.16
N GLY J 144 1.62 40.47 -2.13
CA GLY J 144 0.25 40.03 -1.87
C GLY J 144 0.08 38.58 -1.49
N ALA J 145 0.53 38.22 -0.29
CA ALA J 145 0.43 36.86 0.22
C ALA J 145 0.56 36.84 1.75
N VAL J 146 -0.42 36.20 2.40
CA VAL J 146 -0.46 36.07 3.86
C VAL J 146 -0.93 34.70 4.28
N THR J 147 -0.60 34.33 5.52
CA THR J 147 -1.03 33.09 6.14
C THR J 147 -1.80 33.49 7.40
N VAL J 148 -3.10 33.16 7.47
CA VAL J 148 -3.89 33.47 8.65
C VAL J 148 -4.07 32.21 9.49
N ALA J 149 -3.83 32.33 10.80
CA ALA J 149 -3.96 31.23 11.74
C ALA J 149 -4.77 31.69 12.95
N TRP J 150 -5.87 30.98 13.26
CA TRP J 150 -6.69 31.34 14.42
C TRP J 150 -6.34 30.47 15.61
N LYS J 151 -6.51 30.99 16.82
CA LYS J 151 -6.15 30.33 18.07
C LYS J 151 -7.12 30.74 19.23
N ALA J 152 -7.71 29.75 19.93
CA ALA J 152 -8.59 29.94 21.11
C ALA J 152 -7.69 29.70 22.31
N ASP J 153 -7.35 30.78 23.06
CA ASP J 153 -6.39 30.78 24.17
C ASP J 153 -5.04 30.30 23.61
N SER J 154 -4.67 29.04 23.90
CA SER J 154 -3.44 28.39 23.43
C SER J 154 -3.71 27.51 22.19
N SER J 155 -4.82 26.72 22.24
CA SER J 155 -5.31 25.76 21.23
C SER J 155 -5.57 26.34 19.82
N PRO J 156 -5.12 25.69 18.70
CA PRO J 156 -5.41 26.22 17.36
C PRO J 156 -6.79 25.81 16.84
N VAL J 157 -7.38 26.70 16.02
CA VAL J 157 -8.70 26.53 15.42
C VAL J 157 -8.59 26.48 13.89
N LYS J 158 -8.96 25.36 13.28
CA LYS J 158 -8.95 25.11 11.84
C LYS J 158 -10.37 25.24 11.27
N ALA J 159 -11.38 24.68 11.99
CA ALA J 159 -12.80 24.68 11.62
C ALA J 159 -13.48 26.03 11.87
N GLY J 160 -14.24 26.49 10.88
CA GLY J 160 -14.95 27.75 11.00
C GLY J 160 -14.25 28.90 10.33
N VAL J 161 -13.00 28.67 9.92
CA VAL J 161 -12.17 29.68 9.26
C VAL J 161 -12.51 29.76 7.78
N GLU J 162 -12.71 30.98 7.28
CA GLU J 162 -12.95 31.31 5.88
C GLU J 162 -12.09 32.56 5.61
N THR J 163 -11.06 32.42 4.75
CA THR J 163 -10.14 33.51 4.42
C THR J 163 -10.19 33.87 2.93
N THR J 164 -10.23 35.17 2.61
CA THR J 164 -10.24 35.64 1.22
C THR J 164 -8.83 35.54 0.63
N THR J 165 -8.75 35.53 -0.72
CA THR J 165 -7.49 35.54 -1.45
C THR J 165 -7.08 37.01 -1.43
N PRO J 166 -5.77 37.36 -1.31
CA PRO J 166 -5.41 38.80 -1.26
C PRO J 166 -5.69 39.48 -2.59
N SER J 167 -6.39 40.61 -2.53
CA SER J 167 -6.72 41.36 -3.72
C SER J 167 -5.96 42.69 -3.73
N LYS J 168 -5.55 43.20 -4.92
CA LYS J 168 -4.85 44.51 -5.00
C LYS J 168 -5.76 45.61 -4.50
N GLN J 169 -5.23 46.57 -3.74
CA GLN J 169 -6.03 47.72 -3.29
C GLN J 169 -5.77 48.88 -4.27
N SER J 170 -6.42 50.05 -4.04
CA SER J 170 -6.23 51.24 -4.86
C SER J 170 -4.72 51.61 -5.00
N ASN J 171 -3.94 51.39 -3.90
CA ASN J 171 -2.53 51.74 -3.77
C ASN J 171 -1.57 50.63 -4.16
N ASN J 172 -2.00 49.69 -5.01
CA ASN J 172 -1.19 48.55 -5.51
C ASN J 172 -0.55 47.67 -4.40
N LYS J 173 -0.99 47.86 -3.14
CA LYS J 173 -0.65 47.03 -1.97
C LYS J 173 -1.82 46.04 -1.93
N TYR J 174 -1.83 45.04 -1.02
CA TYR J 174 -2.93 44.07 -1.02
C TYR J 174 -3.75 44.08 0.26
N ALA J 175 -4.93 43.46 0.23
CA ALA J 175 -5.87 43.37 1.35
C ALA J 175 -6.54 42.01 1.39
N ALA J 176 -6.70 41.46 2.60
CA ALA J 176 -7.40 40.20 2.81
C ALA J 176 -8.23 40.28 4.08
N SER J 177 -9.17 39.34 4.25
CA SER J 177 -10.04 39.26 5.41
C SER J 177 -10.29 37.82 5.76
N SER J 178 -10.31 37.51 7.06
CA SER J 178 -10.61 36.17 7.55
C SER J 178 -11.73 36.20 8.61
N TYR J 179 -12.71 35.29 8.46
CA TYR J 179 -13.83 35.23 9.37
C TYR J 179 -13.82 33.89 10.11
N LEU J 180 -13.93 33.92 11.45
CA LEU J 180 -14.01 32.68 12.24
C LEU J 180 -15.41 32.53 12.81
N SER J 181 -16.15 31.55 12.28
CA SER J 181 -17.52 31.25 12.70
C SER J 181 -17.51 30.35 13.95
N LEU J 182 -18.12 30.84 15.05
CA LEU J 182 -18.22 30.15 16.34
C LEU J 182 -19.66 30.13 16.81
N THR J 183 -19.89 29.43 17.93
CA THR J 183 -21.17 29.42 18.62
C THR J 183 -20.99 30.39 19.79
N PRO J 184 -22.07 31.06 20.31
CA PRO J 184 -21.88 31.96 21.46
C PRO J 184 -21.26 31.25 22.68
N GLU J 185 -21.51 29.93 22.81
CA GLU J 185 -21.01 29.05 23.85
C GLU J 185 -19.49 28.91 23.75
N GLN J 186 -18.97 28.65 22.51
CA GLN J 186 -17.55 28.52 22.22
C GLN J 186 -16.83 29.85 22.49
N TRP J 187 -17.46 31.00 22.13
CA TRP J 187 -16.89 32.32 22.33
C TRP J 187 -16.71 32.66 23.82
N LYS J 188 -17.76 32.43 24.63
CA LYS J 188 -17.74 32.73 26.06
C LYS J 188 -16.92 31.74 26.89
N SER J 189 -16.65 30.53 26.35
CA SER J 189 -15.91 29.49 27.07
C SER J 189 -14.38 29.70 27.16
N HIS J 190 -13.80 30.48 26.24
CA HIS J 190 -12.35 30.71 26.23
C HIS J 190 -11.99 32.08 26.76
N LYS J 191 -10.78 32.21 27.35
CA LYS J 191 -10.25 33.45 27.91
C LYS J 191 -10.03 34.51 26.82
N SER J 192 -9.50 34.09 25.63
CA SER J 192 -9.26 34.98 24.50
C SER J 192 -9.19 34.24 23.15
N TYR J 193 -9.26 35.02 22.05
CA TYR J 193 -9.14 34.53 20.69
C TYR J 193 -8.13 35.40 19.93
N SER J 194 -7.22 34.75 19.19
CA SER J 194 -6.20 35.46 18.43
C SER J 194 -6.25 35.19 16.95
N CYS J 195 -5.92 36.21 16.17
CA CYS J 195 -5.82 36.14 14.72
C CYS J 195 -4.34 36.39 14.41
N GLN J 196 -3.63 35.39 13.85
CA GLN J 196 -2.21 35.53 13.55
C GLN J 196 -1.95 35.61 12.07
N VAL J 197 -1.54 36.79 11.58
CA VAL J 197 -1.22 36.89 10.16
C VAL J 197 0.33 36.87 9.96
N THR J 198 0.79 35.88 9.19
CA THR J 198 2.19 35.70 8.86
C THR J 198 2.37 36.20 7.45
N HIS J 199 3.36 37.06 7.27
CA HIS J 199 3.64 37.72 6.01
C HIS J 199 5.12 37.88 5.92
N GLU J 200 5.75 37.27 4.87
CA GLU J 200 7.19 37.25 4.60
C GLU J 200 7.95 36.90 5.89
N GLY J 201 7.59 35.74 6.45
CA GLY J 201 8.14 35.20 7.70
C GLY J 201 8.15 36.12 8.92
N SER J 202 7.08 36.90 9.10
CA SER J 202 6.90 37.77 10.26
C SER J 202 5.44 37.78 10.63
N THR J 203 5.16 37.39 11.88
CA THR J 203 3.80 37.25 12.38
C THR J 203 3.36 38.44 13.22
N VAL J 204 2.12 38.90 12.92
CA VAL J 204 1.38 39.97 13.58
C VAL J 204 0.14 39.30 14.20
N GLU J 205 -0.07 39.50 15.49
CA GLU J 205 -1.18 38.90 16.23
C GLU J 205 -2.08 39.98 16.79
N LYS J 206 -3.40 39.76 16.69
CA LYS J 206 -4.39 40.63 17.30
C LYS J 206 -5.31 39.74 18.15
N THR J 207 -5.63 40.20 19.38
CA THR J 207 -6.41 39.41 20.34
C THR J 207 -7.67 40.13 20.83
N VAL J 208 -8.75 39.36 21.07
CA VAL J 208 -10.03 39.80 21.62
C VAL J 208 -10.47 38.84 22.73
N ALA J 209 -11.18 39.35 23.75
CA ALA J 209 -11.67 38.53 24.86
C ALA J 209 -13.16 38.79 25.13
N PRO J 210 -13.93 37.70 25.42
CA PRO J 210 -15.38 37.86 25.68
C PRO J 210 -15.79 38.88 26.74
N THR J 211 -14.86 39.25 27.65
CA THR J 211 -15.13 40.22 28.73
C THR J 211 -15.04 41.71 28.27
N GLN K 1 4.27 42.63 36.51
CA GLN K 1 5.67 43.00 36.32
C GLN K 1 6.69 42.04 37.12
N SER K 2 6.27 40.74 37.32
CA SER K 2 6.97 39.59 37.99
C SER K 2 8.51 39.56 37.90
N ALA K 3 9.17 39.17 39.01
CA ALA K 3 10.65 39.12 39.11
C ALA K 3 11.15 38.15 40.22
N LEU K 4 12.48 37.96 40.30
CA LEU K 4 13.15 37.12 41.29
C LEU K 4 13.64 37.97 42.49
N THR K 5 13.89 37.33 43.65
CA THR K 5 14.33 38.15 44.77
C THR K 5 15.75 37.82 45.21
N GLN K 6 16.61 38.80 45.03
CA GLN K 6 18.02 38.79 45.39
C GLN K 6 18.25 39.87 46.45
N PRO K 7 19.26 39.68 47.36
CA PRO K 7 19.58 40.77 48.31
C PRO K 7 20.13 42.00 47.57
N ARG K 8 19.85 43.23 48.05
CA ARG K 8 20.36 44.44 47.35
C ARG K 8 21.89 44.48 47.34
N SER K 9 22.54 44.08 48.46
CA SER K 9 23.99 44.06 48.56
C SER K 9 24.49 42.96 49.44
N VAL K 10 25.62 42.36 49.03
CA VAL K 10 26.41 41.39 49.79
C VAL K 10 27.84 41.92 49.79
N SER K 11 28.61 41.63 50.85
CA SER K 11 29.98 42.12 50.96
C SER K 11 30.93 41.13 51.63
N GLY K 12 32.20 41.17 51.21
CA GLY K 12 33.23 40.30 51.75
C GLY K 12 34.63 40.87 51.60
N SER K 13 35.53 40.55 52.57
CA SER K 13 36.93 41.00 52.56
C SER K 13 37.69 40.20 51.48
N PRO K 14 38.73 40.78 50.81
CA PRO K 14 39.45 40.01 49.78
C PRO K 14 39.95 38.67 50.31
N GLY K 15 39.74 37.62 49.53
CA GLY K 15 40.13 36.26 49.89
C GLY K 15 39.03 35.47 50.56
N GLN K 16 37.98 36.16 51.02
CA GLN K 16 36.82 35.51 51.66
C GLN K 16 35.83 35.09 50.60
N SER K 17 35.08 33.99 50.86
CA SER K 17 34.03 33.55 49.96
C SER K 17 32.72 34.30 50.30
N VAL K 18 31.95 34.70 49.26
CA VAL K 18 30.68 35.44 49.39
C VAL K 18 29.56 34.75 48.58
N THR K 19 28.32 34.73 49.09
CA THR K 19 27.26 34.02 48.39
C THR K 19 25.96 34.84 48.21
N ILE K 20 25.51 34.94 46.95
CA ILE K 20 24.30 35.66 46.52
C ILE K 20 23.17 34.65 46.37
N SER K 21 22.03 34.88 47.05
CA SER K 21 20.84 34.04 46.99
C SER K 21 19.84 34.57 45.95
N CYS K 22 19.04 33.68 45.38
CA CYS K 22 18.05 34.02 44.36
C CYS K 22 16.82 33.16 44.59
N THR K 23 15.74 33.74 45.15
CA THR K 23 14.47 33.02 45.33
C THR K 23 13.46 33.35 44.25
N GLY K 24 12.56 32.41 43.99
CA GLY K 24 11.52 32.54 42.98
C GLY K 24 11.73 31.72 41.72
N THR K 25 12.85 30.97 41.61
CA THR K 25 13.12 30.11 40.45
C THR K 25 12.25 28.86 40.53
N SER K 26 12.13 28.06 39.45
CA SER K 26 11.23 26.91 39.45
C SER K 26 11.66 25.82 40.43
N SER K 27 10.70 25.33 41.24
CA SER K 27 10.92 24.32 42.31
C SER K 27 10.59 22.89 41.88
N ASP K 28 9.94 22.74 40.71
CA ASP K 28 9.55 21.49 40.09
C ASP K 28 10.67 20.99 39.18
N VAL K 29 10.59 19.72 38.77
CA VAL K 29 11.52 19.15 37.83
C VAL K 29 11.30 19.87 36.46
N GLY K 30 12.35 20.04 35.67
CA GLY K 30 12.23 20.67 34.36
C GLY K 30 11.98 22.16 34.34
N GLY K 31 12.42 22.78 35.40
CA GLY K 31 12.37 24.21 35.63
C GLY K 31 13.49 24.47 36.59
N TYR K 32 13.90 23.38 37.27
CA TYR K 32 14.93 23.36 38.29
C TYR K 32 16.27 23.76 37.74
N ASN K 33 16.76 23.01 36.74
CA ASN K 33 18.06 23.27 36.16
C ASN K 33 18.14 24.54 35.35
N TYR K 34 17.03 25.28 35.19
CA TYR K 34 17.12 26.44 34.30
C TYR K 34 17.33 27.77 35.04
N VAL K 35 18.52 27.90 35.66
CA VAL K 35 18.95 29.12 36.37
C VAL K 35 20.30 29.62 35.81
N SER K 36 20.38 30.92 35.45
CA SER K 36 21.60 31.56 34.98
C SER K 36 21.99 32.70 35.90
N TRP K 37 23.26 33.14 35.84
CA TRP K 37 23.83 34.22 36.64
C TRP K 37 24.72 35.06 35.74
N TYR K 38 24.53 36.38 35.82
CA TYR K 38 25.27 37.36 35.02
C TYR K 38 25.97 38.37 35.92
N GLN K 39 27.17 38.81 35.50
CA GLN K 39 28.00 39.81 36.19
C GLN K 39 27.98 41.06 35.32
N GLN K 40 27.85 42.24 35.94
CA GLN K 40 27.83 43.48 35.19
C GLN K 40 28.65 44.58 35.88
N HIS K 41 29.70 45.04 35.19
CA HIS K 41 30.52 46.13 35.68
C HIS K 41 29.96 47.42 35.10
N PRO K 42 30.15 48.58 35.78
CA PRO K 42 29.60 49.84 35.25
C PRO K 42 30.09 50.17 33.87
N GLY K 43 29.14 50.56 33.05
CA GLY K 43 29.30 50.91 31.66
C GLY K 43 29.39 49.75 30.70
N LYS K 44 29.37 48.50 31.20
CA LYS K 44 29.52 47.31 30.38
C LYS K 44 28.29 46.43 30.29
N ALA K 45 28.22 45.61 29.23
CA ALA K 45 27.13 44.66 29.00
C ALA K 45 27.32 43.51 30.01
N PRO K 46 26.22 42.82 30.44
CA PRO K 46 26.39 41.71 31.38
C PRO K 46 27.20 40.54 30.80
N LYS K 47 27.79 39.72 31.69
CA LYS K 47 28.62 38.58 31.34
C LYS K 47 27.98 37.32 31.90
N LEU K 48 27.80 36.29 31.07
CA LEU K 48 27.23 35.05 31.59
C LEU K 48 28.30 34.37 32.43
N MET K 49 28.01 34.19 33.74
CA MET K 49 28.93 33.58 34.71
C MET K 49 28.59 32.11 34.93
N ILE K 50 27.30 31.79 35.09
CA ILE K 50 26.81 30.43 35.29
C ILE K 50 25.49 30.25 34.56
N TYR K 51 25.27 29.07 33.95
CA TYR K 51 24.02 28.72 33.29
C TYR K 51 23.65 27.31 33.74
N ASP K 52 22.40 26.88 33.50
CA ASP K 52 21.91 25.56 33.91
C ASP K 52 22.31 25.20 35.36
N VAL K 53 22.06 26.15 36.31
CA VAL K 53 22.32 26.11 37.76
C VAL K 53 23.81 26.16 38.12
N SER K 54 24.61 25.21 37.61
CA SER K 54 26.02 25.07 37.97
C SER K 54 27.02 25.18 36.81
N LYS K 55 26.58 24.92 35.55
CA LYS K 55 27.44 24.93 34.34
C LYS K 55 28.15 26.28 34.17
N ARG K 56 29.47 26.23 34.04
CA ARG K 56 30.28 27.45 33.92
C ARG K 56 30.87 27.61 32.51
N PRO K 57 30.60 28.75 31.83
CA PRO K 57 31.21 28.96 30.50
C PRO K 57 32.73 29.15 30.59
N SER K 58 33.44 28.80 29.50
CA SER K 58 34.90 28.97 29.46
C SER K 58 35.21 30.47 29.54
N GLY K 59 36.26 30.80 30.30
CA GLY K 59 36.67 32.19 30.52
C GLY K 59 36.13 32.79 31.81
N VAL K 60 35.30 32.01 32.52
CA VAL K 60 34.75 32.37 33.83
C VAL K 60 35.64 31.66 34.86
N PRO K 61 36.29 32.41 35.80
CA PRO K 61 37.18 31.78 36.79
C PRO K 61 36.51 30.70 37.63
N ASP K 62 37.30 29.66 37.98
CA ASP K 62 36.88 28.50 38.80
C ASP K 62 36.21 28.92 40.11
N ARG K 63 36.60 30.11 40.63
CA ARG K 63 36.12 30.64 41.89
C ARG K 63 34.62 31.03 41.89
N PHE K 64 33.96 31.03 40.72
CA PHE K 64 32.52 31.24 40.62
C PHE K 64 31.85 29.88 40.49
N SER K 65 30.94 29.58 41.40
CA SER K 65 30.19 28.33 41.37
C SER K 65 28.71 28.60 41.63
N GLY K 66 27.88 27.83 40.96
CA GLY K 66 26.44 27.94 41.08
C GLY K 66 25.83 26.71 41.70
N SER K 67 24.83 26.90 42.56
CA SER K 67 24.12 25.82 43.23
C SER K 67 22.64 26.19 43.38
N LYS K 68 21.82 25.24 43.91
CA LYS K 68 20.38 25.40 44.14
C LYS K 68 19.84 24.42 45.20
N SER K 69 18.82 24.87 45.96
CA SER K 69 18.07 24.10 46.96
C SER K 69 16.60 24.65 47.04
N GLY K 70 15.62 23.85 46.60
CA GLY K 70 14.23 24.30 46.56
C GLY K 70 13.95 25.34 45.49
N ASN K 71 13.69 26.60 45.91
CA ASN K 71 13.48 27.71 44.97
C ASN K 71 14.74 28.59 44.95
N THR K 72 15.61 28.41 45.96
CA THR K 72 16.77 29.25 46.17
C THR K 72 18.08 28.78 45.51
N ALA K 73 18.42 29.46 44.40
CA ALA K 73 19.66 29.29 43.65
C ALA K 73 20.71 30.22 44.29
N SER K 74 21.97 29.78 44.33
CA SER K 74 23.03 30.57 44.96
C SER K 74 24.32 30.60 44.15
N LEU K 75 24.92 31.81 44.05
CA LEU K 75 26.19 32.05 43.39
C LEU K 75 27.18 32.21 44.52
N THR K 76 28.27 31.43 44.50
CA THR K 76 29.27 31.46 45.57
C THR K 76 30.65 31.81 44.98
N ILE K 77 31.11 33.07 45.21
CA ILE K 77 32.38 33.63 44.77
C ILE K 77 33.40 33.28 45.85
N SER K 78 34.17 32.20 45.65
CA SER K 78 35.21 31.75 46.59
C SER K 78 36.47 32.60 46.38
N GLY K 79 37.08 33.06 47.46
CA GLY K 79 38.27 33.92 47.40
C GLY K 79 38.07 35.17 46.57
N LEU K 80 37.36 36.15 47.13
CA LEU K 80 37.05 37.42 46.49
C LEU K 80 38.28 38.20 46.02
N GLN K 81 38.11 38.93 44.93
CA GLN K 81 39.11 39.81 44.35
C GLN K 81 38.48 41.16 44.07
N ALA K 82 39.29 42.23 43.99
CA ALA K 82 38.81 43.59 43.75
C ALA K 82 37.91 43.72 42.50
N GLU K 83 38.26 43.01 41.41
CA GLU K 83 37.55 42.99 40.14
C GLU K 83 36.18 42.30 40.24
N ASP K 84 35.90 41.65 41.38
CA ASP K 84 34.63 41.00 41.62
C ASP K 84 33.58 42.00 42.09
N GLU K 85 33.97 43.26 42.37
CA GLU K 85 33.05 44.34 42.78
C GLU K 85 32.27 44.74 41.50
N ALA K 86 31.05 44.16 41.37
CA ALA K 86 30.11 44.33 40.26
C ALA K 86 28.66 44.09 40.69
N ASP K 87 27.71 44.28 39.75
CA ASP K 87 26.29 43.99 39.94
C ASP K 87 26.05 42.57 39.44
N TYR K 88 25.36 41.73 40.21
CA TYR K 88 25.10 40.36 39.82
C TYR K 88 23.61 40.08 39.72
N TYR K 89 23.15 39.60 38.55
CA TYR K 89 21.72 39.30 38.33
C TYR K 89 21.55 37.79 38.12
N CYS K 90 20.53 37.19 38.76
CA CYS K 90 20.20 35.79 38.53
C CYS K 90 19.05 35.78 37.56
N SER K 91 18.87 34.67 36.86
CA SER K 91 17.79 34.55 35.89
C SER K 91 17.21 33.14 35.88
N SER K 92 15.92 33.02 35.63
CA SER K 92 15.23 31.74 35.50
C SER K 92 14.67 31.73 34.09
N TYR K 93 14.81 30.62 33.37
CA TYR K 93 14.33 30.51 32.02
C TYR K 93 13.57 29.19 31.78
N ALA K 94 12.64 28.84 32.67
CA ALA K 94 11.87 27.62 32.49
C ALA K 94 10.60 27.87 31.70
N ASP K 95 9.76 28.80 32.15
CA ASP K 95 8.49 29.16 31.49
C ASP K 95 8.61 30.50 30.72
N SER K 96 9.38 31.45 31.26
CA SER K 96 9.69 32.74 30.66
C SER K 96 11.06 33.14 31.13
N VAL K 97 11.61 34.24 30.58
CA VAL K 97 12.91 34.75 30.98
C VAL K 97 12.69 35.80 32.06
N VAL K 98 12.95 35.45 33.32
CA VAL K 98 12.81 36.36 34.45
C VAL K 98 14.18 36.67 35.05
N PHE K 99 14.34 37.87 35.62
CA PHE K 99 15.59 38.31 36.23
C PHE K 99 15.34 38.77 37.65
N GLY K 100 16.37 38.60 38.46
CA GLY K 100 16.36 39.12 39.82
C GLY K 100 16.67 40.61 39.81
N GLY K 101 16.48 41.23 40.96
CA GLY K 101 16.69 42.66 41.13
C GLY K 101 18.14 43.12 41.05
N GLY K 102 19.07 42.17 41.20
CA GLY K 102 20.50 42.42 41.18
C GLY K 102 21.07 42.55 42.57
N THR K 103 22.38 42.27 42.69
CA THR K 103 23.13 42.36 43.97
C THR K 103 24.44 43.07 43.76
N LYS K 104 24.72 44.09 44.58
CA LYS K 104 25.97 44.82 44.49
C LYS K 104 26.95 44.14 45.42
N VAL K 105 27.97 43.54 44.83
CA VAL K 105 29.02 42.86 45.58
C VAL K 105 30.07 43.91 45.86
N THR K 106 30.37 44.14 47.16
CA THR K 106 31.33 45.16 47.61
C THR K 106 32.52 44.51 48.30
N VAL K 107 33.75 44.87 47.92
CA VAL K 107 34.95 44.28 48.54
C VAL K 107 35.39 45.16 49.76
N LEU K 108 35.34 44.56 50.95
CA LEU K 108 35.53 45.22 52.24
C LEU K 108 36.92 45.78 52.57
N GLY K 109 37.98 45.03 52.26
CA GLY K 109 39.32 45.51 52.56
C GLY K 109 39.77 46.56 51.55
N GLN K 110 39.19 47.80 51.64
CA GLN K 110 39.52 48.91 50.72
C GLN K 110 39.75 50.22 51.49
N PRO K 111 40.96 50.81 51.30
CA PRO K 111 41.33 52.01 52.06
C PRO K 111 40.75 53.31 51.53
N LYS K 112 40.50 54.26 52.46
CA LYS K 112 39.96 55.57 52.12
C LYS K 112 40.98 56.37 51.34
N ALA K 113 40.52 56.98 50.24
CA ALA K 113 41.32 57.78 49.33
C ALA K 113 40.61 59.11 49.17
N ALA K 114 41.36 60.19 49.31
CA ALA K 114 40.84 61.54 49.20
C ALA K 114 40.59 61.88 47.71
N PRO K 115 39.53 62.67 47.40
CA PRO K 115 39.26 63.02 46.00
C PRO K 115 40.32 63.93 45.39
N SER K 116 40.47 63.82 44.07
CA SER K 116 41.38 64.62 43.26
C SER K 116 40.50 65.63 42.53
N VAL K 117 40.60 66.91 42.91
CA VAL K 117 39.78 67.95 42.30
C VAL K 117 40.54 68.71 41.21
N THR K 118 39.81 69.05 40.11
CA THR K 118 40.32 69.82 38.97
C THR K 118 39.27 70.87 38.60
N LEU K 119 39.60 72.15 38.81
CA LEU K 119 38.66 73.23 38.53
C LEU K 119 39.06 74.02 37.28
N PHE K 120 38.14 74.08 36.31
CA PHE K 120 38.35 74.81 35.07
C PHE K 120 37.50 76.07 35.00
N PRO K 121 38.09 77.24 34.69
CA PRO K 121 37.28 78.45 34.54
C PRO K 121 36.52 78.45 33.19
N PRO K 122 35.61 79.44 32.93
CA PRO K 122 34.92 79.43 31.63
C PRO K 122 35.89 79.69 30.50
N SER K 123 35.66 79.04 29.35
CA SER K 123 36.52 79.23 28.20
C SER K 123 36.26 80.58 27.54
N SER K 124 37.28 81.11 26.83
CA SER K 124 37.18 82.35 26.07
C SER K 124 36.08 82.17 25.02
N GLU K 125 35.93 80.93 24.50
CA GLU K 125 34.91 80.51 23.54
C GLU K 125 33.51 80.70 24.13
N GLU K 126 33.26 80.17 25.36
CA GLU K 126 31.98 80.27 26.07
C GLU K 126 31.61 81.71 26.38
N LEU K 127 32.59 82.52 26.79
CA LEU K 127 32.36 83.92 27.14
C LEU K 127 31.97 84.76 25.93
N GLN K 128 32.54 84.42 24.74
CA GLN K 128 32.20 85.05 23.45
C GLN K 128 30.75 84.71 23.05
N ALA K 129 30.20 83.62 23.62
CA ALA K 129 28.83 83.15 23.41
C ALA K 129 27.90 83.62 24.57
N ASN K 130 28.31 84.70 25.28
CA ASN K 130 27.64 85.38 26.41
C ASN K 130 27.19 84.42 27.53
N LYS K 131 27.95 83.34 27.76
CA LYS K 131 27.66 82.38 28.83
C LYS K 131 28.95 82.07 29.61
N ALA K 132 28.82 81.40 30.77
CA ALA K 132 29.94 81.04 31.63
C ALA K 132 29.61 79.82 32.49
N THR K 133 30.50 78.81 32.47
CA THR K 133 30.34 77.58 33.24
C THR K 133 31.66 77.23 33.91
N LEU K 134 31.64 77.13 35.25
CA LEU K 134 32.79 76.71 36.04
C LEU K 134 32.66 75.19 36.18
N VAL K 135 33.69 74.43 35.76
CA VAL K 135 33.68 72.97 35.75
C VAL K 135 34.57 72.37 36.85
N CYS K 136 33.94 71.73 37.84
CA CYS K 136 34.64 71.09 38.95
C CYS K 136 34.59 69.57 38.83
N LEU K 137 35.72 68.97 38.47
CA LEU K 137 35.82 67.52 38.26
C LEU K 137 36.50 66.79 39.41
N ILE K 138 35.71 65.94 40.10
CA ILE K 138 36.13 65.15 41.26
C ILE K 138 36.32 63.68 40.88
N SER K 139 37.46 63.10 41.26
CA SER K 139 37.76 61.71 40.92
C SER K 139 38.65 60.97 41.94
N ASP K 140 38.69 59.62 41.88
CA ASP K 140 39.50 58.71 42.71
C ASP K 140 39.27 58.85 44.24
N PHE K 141 38.01 58.76 44.68
CA PHE K 141 37.68 58.84 46.10
C PHE K 141 36.97 57.61 46.61
N TYR K 142 37.30 57.19 47.85
CA TYR K 142 36.69 56.04 48.49
C TYR K 142 36.35 56.39 49.95
N PRO K 143 35.09 56.23 50.43
CA PRO K 143 33.90 55.70 49.75
C PRO K 143 33.19 56.68 48.81
N GLY K 144 32.25 56.19 48.01
CA GLY K 144 31.52 56.98 47.02
C GLY K 144 30.51 57.99 47.51
N ALA K 145 30.99 59.09 48.13
CA ALA K 145 30.13 60.15 48.63
C ALA K 145 30.90 61.44 48.85
N VAL K 146 30.40 62.54 48.26
CA VAL K 146 31.00 63.86 48.38
C VAL K 146 29.95 64.95 48.52
N THR K 147 30.37 66.07 49.09
CA THR K 147 29.57 67.27 49.28
C THR K 147 30.30 68.40 48.54
N VAL K 148 29.65 68.97 47.51
CA VAL K 148 30.25 70.08 46.76
C VAL K 148 29.61 71.39 47.18
N ALA K 149 30.45 72.39 47.51
CA ALA K 149 30.03 73.72 47.93
C ALA K 149 30.76 74.78 47.13
N TRP K 150 30.02 75.66 46.45
CA TRP K 150 30.66 76.71 45.66
C TRP K 150 30.70 78.00 46.44
N LYS K 151 31.75 78.81 46.24
CA LYS K 151 31.91 80.10 46.88
C LYS K 151 32.52 81.10 45.89
N ALA K 152 32.21 82.39 46.06
CA ALA K 152 32.74 83.49 45.27
C ALA K 152 33.25 84.49 46.29
N ASP K 153 34.59 84.70 46.34
CA ASP K 153 35.25 85.59 47.33
C ASP K 153 34.77 85.23 48.76
N SER K 154 34.80 83.90 49.07
CA SER K 154 34.37 83.28 50.34
C SER K 154 32.89 83.53 50.67
N SER K 155 32.01 83.36 49.67
CA SER K 155 30.56 83.57 49.85
C SER K 155 29.80 82.40 49.22
N PRO K 156 28.99 81.67 50.03
CA PRO K 156 28.28 80.48 49.49
C PRO K 156 27.25 80.72 48.39
N VAL K 157 27.58 80.26 47.17
CA VAL K 157 26.74 80.30 45.97
C VAL K 157 25.89 79.02 45.91
N LYS K 158 24.55 79.19 45.94
CA LYS K 158 23.57 78.10 45.89
C LYS K 158 22.99 77.95 44.47
N ALA K 159 22.64 79.09 43.84
CA ALA K 159 22.05 79.19 42.51
C ALA K 159 23.06 78.94 41.39
N GLY K 160 22.68 78.10 40.43
CA GLY K 160 23.51 77.77 39.28
C GLY K 160 24.29 76.49 39.43
N VAL K 161 24.25 75.89 40.61
CA VAL K 161 24.95 74.66 40.91
C VAL K 161 24.16 73.44 40.43
N GLU K 162 24.84 72.52 39.72
CA GLU K 162 24.31 71.24 39.22
C GLU K 162 25.41 70.21 39.49
N THR K 163 25.15 69.23 40.36
CA THR K 163 26.14 68.22 40.74
C THR K 163 25.66 66.80 40.41
N THR K 164 26.55 65.96 39.83
CA THR K 164 26.21 64.58 39.48
C THR K 164 26.25 63.70 40.73
N THR K 165 25.57 62.54 40.67
CA THR K 165 25.58 61.53 41.71
C THR K 165 26.93 60.81 41.56
N PRO K 166 27.50 60.20 42.64
CA PRO K 166 28.77 59.47 42.49
C PRO K 166 28.65 58.29 41.54
N SER K 167 29.73 58.03 40.78
CA SER K 167 29.77 56.98 39.76
C SER K 167 30.98 56.09 39.97
N LYS K 168 30.78 54.77 39.94
CA LYS K 168 31.86 53.82 40.14
C LYS K 168 32.85 53.88 38.98
N GLN K 169 34.13 54.14 39.27
CA GLN K 169 35.22 54.19 38.27
C GLN K 169 35.67 52.75 37.96
N SER K 170 36.53 52.59 36.91
CA SER K 170 37.09 51.29 36.53
C SER K 170 38.00 50.76 37.68
N ASN K 171 38.79 51.67 38.31
CA ASN K 171 39.72 51.38 39.40
C ASN K 171 39.03 51.24 40.77
N ASN K 172 37.71 50.90 40.75
CA ASN K 172 36.80 50.70 41.89
C ASN K 172 36.63 51.93 42.81
N LYS K 173 37.29 53.07 42.51
CA LYS K 173 37.10 54.31 43.29
C LYS K 173 35.87 55.05 42.71
N TYR K 174 35.53 56.24 43.18
CA TYR K 174 34.34 56.94 42.68
C TYR K 174 34.64 58.31 42.07
N ALA K 175 33.75 58.80 41.21
CA ALA K 175 33.92 60.09 40.55
C ALA K 175 32.62 60.86 40.43
N ALA K 176 32.73 62.18 40.47
CA ALA K 176 31.61 63.09 40.36
C ALA K 176 32.06 64.38 39.68
N SER K 177 31.09 65.20 39.26
CA SER K 177 31.36 66.49 38.63
C SER K 177 30.30 67.50 39.05
N SER K 178 30.71 68.76 39.26
CA SER K 178 29.80 69.85 39.59
C SER K 178 30.03 71.00 38.63
N TYR K 179 28.93 71.56 38.09
CA TYR K 179 29.00 72.70 37.17
C TYR K 179 28.29 73.93 37.77
N LEU K 180 28.97 75.10 37.79
CA LEU K 180 28.38 76.34 38.27
C LEU K 180 28.12 77.27 37.10
N SER K 181 26.84 77.44 36.77
CA SER K 181 26.41 78.31 35.67
C SER K 181 26.33 79.77 36.15
N LEU K 182 27.11 80.64 35.49
CA LEU K 182 27.18 82.07 35.79
C LEU K 182 26.96 82.87 34.52
N THR K 183 26.87 84.20 34.68
CA THR K 183 26.81 85.12 33.54
C THR K 183 28.25 85.66 33.39
N PRO K 184 28.69 86.09 32.18
CA PRO K 184 30.05 86.64 32.06
C PRO K 184 30.31 87.84 32.99
N GLU K 185 29.22 88.58 33.32
CA GLU K 185 29.20 89.73 34.20
C GLU K 185 29.53 89.30 35.64
N GLN K 186 28.86 88.23 36.12
CA GLN K 186 29.06 87.65 37.46
C GLN K 186 30.50 87.12 37.62
N TRP K 187 31.02 86.47 36.56
CA TRP K 187 32.37 85.90 36.55
C TRP K 187 33.46 86.98 36.69
N LYS K 188 33.37 88.04 35.87
CA LYS K 188 34.34 89.14 35.85
C LYS K 188 34.22 90.08 37.05
N SER K 189 33.05 90.10 37.73
CA SER K 189 32.80 90.98 38.88
C SER K 189 33.52 90.57 40.17
N HIS K 190 33.69 89.24 40.36
CA HIS K 190 34.37 88.70 41.54
C HIS K 190 35.88 88.56 41.33
N LYS K 191 36.59 88.45 42.46
CA LYS K 191 38.05 88.31 42.52
C LYS K 191 38.45 86.86 42.21
N SER K 192 37.76 85.88 42.83
CA SER K 192 38.01 84.44 42.70
C SER K 192 36.80 83.57 43.05
N TYR K 193 36.73 82.38 42.42
CA TYR K 193 35.68 81.38 42.61
C TYR K 193 36.28 80.07 43.08
N SER K 194 35.68 79.50 44.13
CA SER K 194 36.17 78.26 44.74
C SER K 194 35.17 77.11 44.67
N CYS K 195 35.72 75.90 44.48
CA CYS K 195 34.95 74.66 44.50
C CYS K 195 35.45 73.90 45.72
N GLN K 196 34.56 73.65 46.69
CA GLN K 196 34.95 72.95 47.90
C GLN K 196 34.33 71.56 48.00
N VAL K 197 35.15 70.51 47.81
CA VAL K 197 34.62 69.15 47.92
C VAL K 197 34.97 68.56 49.29
N THR K 198 33.93 68.19 50.03
CA THR K 198 34.06 67.61 51.36
C THR K 198 33.82 66.12 51.19
N HIS K 199 34.78 65.33 51.65
CA HIS K 199 34.76 63.87 51.61
C HIS K 199 35.30 63.37 52.95
N GLU K 200 34.49 62.54 53.63
CA GLU K 200 34.80 61.95 54.93
C GLU K 200 35.41 63.00 55.85
N GLY K 201 34.65 64.07 56.07
CA GLY K 201 35.00 65.19 56.92
C GLY K 201 36.31 65.90 56.63
N SER K 202 36.72 65.96 55.35
CA SER K 202 37.94 66.64 54.91
C SER K 202 37.66 67.36 53.61
N THR K 203 37.88 68.67 53.62
CA THR K 203 37.58 69.52 52.49
C THR K 203 38.82 69.86 51.70
N VAL K 204 38.67 69.72 50.36
CA VAL K 204 39.64 70.02 49.30
C VAL K 204 39.04 71.19 48.52
N GLU K 205 39.79 72.30 48.43
CA GLU K 205 39.36 73.51 47.76
C GLU K 205 40.25 73.79 46.57
N LYS K 206 39.62 74.14 45.44
CA LYS K 206 40.31 74.54 44.22
C LYS K 206 39.76 75.89 43.82
N THR K 207 40.66 76.84 43.45
CA THR K 207 40.27 78.21 43.13
C THR K 207 40.71 78.66 41.75
N VAL K 208 39.86 79.46 41.08
CA VAL K 208 40.11 80.09 39.77
C VAL K 208 39.77 81.59 39.84
N ALA K 209 40.48 82.41 39.05
CA ALA K 209 40.29 83.86 38.95
C ALA K 209 40.36 84.31 37.48
N PRO K 210 39.74 85.43 37.05
CA PRO K 210 39.91 85.83 35.62
C PRO K 210 41.25 86.52 35.34
N GLN L 1 -9.97 -6.11 -4.83
CA GLN L 1 -8.62 -6.35 -5.35
C GLN L 1 -8.04 -7.71 -4.89
N SER L 2 -7.88 -7.95 -3.57
CA SER L 2 -7.38 -9.26 -3.11
C SER L 2 -8.55 -10.28 -3.03
N ALA L 3 -8.27 -11.61 -3.19
CA ALA L 3 -9.31 -12.67 -3.16
C ALA L 3 -8.94 -13.86 -2.30
N LEU L 4 -9.96 -14.62 -1.87
CA LEU L 4 -9.85 -15.82 -1.04
C LEU L 4 -10.22 -17.07 -1.83
N THR L 5 -9.36 -18.10 -1.76
CA THR L 5 -9.55 -19.35 -2.52
C THR L 5 -10.25 -20.43 -1.71
N GLN L 6 -11.53 -20.75 -2.09
CA GLN L 6 -12.26 -21.86 -1.48
C GLN L 6 -12.57 -22.93 -2.52
N PRO L 7 -12.57 -24.23 -2.16
CA PRO L 7 -12.99 -25.28 -3.13
C PRO L 7 -14.47 -25.13 -3.49
N ARG L 8 -14.89 -25.44 -4.76
CA ARG L 8 -16.33 -25.29 -5.11
C ARG L 8 -17.26 -26.22 -4.30
N SER L 9 -16.81 -27.44 -4.04
CA SER L 9 -17.58 -28.42 -3.26
C SER L 9 -16.69 -29.34 -2.47
N VAL L 10 -17.15 -29.68 -1.24
CA VAL L 10 -16.59 -30.66 -0.33
C VAL L 10 -17.79 -31.53 0.09
N SER L 11 -17.55 -32.82 0.34
CA SER L 11 -18.64 -33.72 0.71
C SER L 11 -18.21 -34.77 1.68
N GLY L 12 -19.18 -35.29 2.39
CA GLY L 12 -19.00 -36.37 3.36
C GLY L 12 -20.30 -37.07 3.69
N SER L 13 -20.18 -38.29 4.20
CA SER L 13 -21.34 -39.06 4.64
C SER L 13 -21.68 -38.59 6.07
N PRO L 14 -22.93 -38.77 6.55
CA PRO L 14 -23.25 -38.35 7.93
C PRO L 14 -22.34 -39.02 8.97
N GLY L 15 -21.84 -38.22 9.91
CA GLY L 15 -20.97 -38.70 10.97
C GLY L 15 -19.50 -38.51 10.66
N GLN L 16 -19.16 -38.27 9.38
CA GLN L 16 -17.78 -38.06 8.95
C GLN L 16 -17.41 -36.61 9.15
N SER L 17 -16.13 -36.33 9.43
CA SER L 17 -15.64 -34.95 9.53
C SER L 17 -15.20 -34.48 8.15
N VAL L 18 -15.33 -33.20 7.88
CA VAL L 18 -15.00 -32.61 6.60
C VAL L 18 -14.33 -31.24 6.84
N THR L 19 -13.41 -30.79 5.95
CA THR L 19 -12.70 -29.51 6.12
C THR L 19 -12.71 -28.62 4.86
N ILE L 20 -13.15 -27.36 5.03
CA ILE L 20 -13.16 -26.34 3.97
C ILE L 20 -11.94 -25.44 4.13
N SER L 21 -11.10 -25.29 3.08
CA SER L 21 -9.92 -24.43 3.08
C SER L 21 -10.24 -23.04 2.52
N CYS L 22 -9.49 -22.03 2.96
CA CYS L 22 -9.67 -20.64 2.55
C CYS L 22 -8.27 -20.03 2.45
N THR L 23 -7.70 -20.05 1.25
CA THR L 23 -6.34 -19.63 1.06
C THR L 23 -6.24 -18.21 0.50
N GLY L 24 -5.52 -17.36 1.22
CA GLY L 24 -5.27 -15.98 0.84
C GLY L 24 -3.80 -15.64 0.87
N THR L 25 -3.50 -14.47 1.42
CA THR L 25 -2.13 -14.01 1.54
C THR L 25 -1.82 -13.52 2.95
N SER L 26 -0.59 -13.12 3.19
CA SER L 26 -0.10 -12.55 4.44
C SER L 26 -0.96 -11.33 4.82
N SER L 27 -1.42 -10.56 3.80
CA SER L 27 -2.27 -9.37 3.98
C SER L 27 -3.72 -9.74 4.34
N ASP L 28 -4.17 -10.97 4.03
CA ASP L 28 -5.52 -11.40 4.31
C ASP L 28 -5.58 -12.39 5.46
N VAL L 29 -5.09 -13.59 5.20
CA VAL L 29 -5.16 -14.71 6.12
C VAL L 29 -3.92 -14.80 7.01
N GLY L 30 -2.75 -15.01 6.41
CA GLY L 30 -1.49 -15.18 7.11
C GLY L 30 -1.16 -14.32 8.32
N GLY L 31 -1.11 -13.00 8.11
CA GLY L 31 -0.62 -12.02 9.06
C GLY L 31 -1.48 -11.60 10.24
N TYR L 32 -2.76 -11.97 10.21
CA TYR L 32 -3.71 -11.54 11.23
C TYR L 32 -4.75 -12.57 11.47
N ASN L 33 -5.29 -12.54 12.69
CA ASN L 33 -6.37 -13.43 13.10
C ASN L 33 -7.77 -12.83 12.79
N TYR L 34 -7.88 -12.18 11.59
CA TYR L 34 -9.13 -11.61 11.08
C TYR L 34 -9.79 -12.45 9.95
N VAL L 35 -10.22 -13.68 10.30
CA VAL L 35 -10.92 -14.60 9.41
C VAL L 35 -12.27 -15.03 10.02
N SER L 36 -13.36 -14.89 9.24
CA SER L 36 -14.70 -15.32 9.65
C SER L 36 -15.23 -16.38 8.69
N TRP L 37 -16.24 -17.15 9.12
CA TRP L 37 -16.87 -18.22 8.35
C TRP L 37 -18.36 -18.14 8.53
N TYR L 38 -19.11 -18.16 7.42
CA TYR L 38 -20.56 -18.06 7.40
C TYR L 38 -21.18 -19.23 6.69
N GLN L 39 -22.34 -19.67 7.20
CA GLN L 39 -23.14 -20.79 6.67
C GLN L 39 -24.38 -20.19 6.04
N GLN L 40 -24.78 -20.67 4.85
CA GLN L 40 -25.99 -20.16 4.20
C GLN L 40 -26.86 -21.25 3.59
N HIS L 41 -28.09 -21.37 4.12
CA HIS L 41 -29.07 -22.32 3.63
C HIS L 41 -29.95 -21.60 2.59
N PRO L 42 -30.50 -22.34 1.58
CA PRO L 42 -31.28 -21.75 0.48
C PRO L 42 -31.84 -20.30 0.59
N GLY L 43 -33.07 -20.11 1.08
CA GLY L 43 -33.65 -18.77 1.10
C GLY L 43 -33.36 -17.95 2.32
N LYS L 44 -32.23 -18.24 2.99
CA LYS L 44 -31.86 -17.57 4.24
C LYS L 44 -30.61 -16.70 4.15
N ALA L 45 -30.50 -15.75 5.10
CA ALA L 45 -29.36 -14.88 5.24
C ALA L 45 -28.24 -15.72 5.83
N PRO L 46 -26.96 -15.38 5.56
CA PRO L 46 -25.86 -16.17 6.14
C PRO L 46 -25.82 -16.12 7.67
N LYS L 47 -25.21 -17.15 8.30
CA LYS L 47 -25.06 -17.31 9.74
C LYS L 47 -23.58 -17.28 10.12
N LEU L 48 -23.20 -16.45 11.09
CA LEU L 48 -21.80 -16.43 11.52
C LEU L 48 -21.51 -17.71 12.31
N MET L 49 -20.60 -18.53 11.79
CA MET L 49 -20.20 -19.80 12.39
C MET L 49 -18.91 -19.67 13.21
N ILE L 50 -17.92 -18.94 12.69
CA ILE L 50 -16.63 -18.68 13.34
C ILE L 50 -16.16 -17.27 12.98
N TYR L 51 -15.56 -16.57 13.94
CA TYR L 51 -14.95 -15.25 13.71
C TYR L 51 -13.59 -15.25 14.38
N ASP L 52 -12.73 -14.28 14.04
CA ASP L 52 -11.37 -14.18 14.60
C ASP L 52 -10.62 -15.54 14.59
N VAL L 53 -10.66 -16.21 13.43
CA VAL L 53 -10.05 -17.52 13.08
C VAL L 53 -10.72 -18.72 13.77
N SER L 54 -10.80 -18.70 15.10
CA SER L 54 -11.28 -19.84 15.89
C SER L 54 -12.47 -19.55 16.82
N LYS L 55 -12.68 -18.28 17.19
CA LYS L 55 -13.76 -17.85 18.10
C LYS L 55 -15.15 -18.28 17.56
N ARG L 56 -15.90 -19.00 18.38
CA ARG L 56 -17.21 -19.52 17.99
C ARG L 56 -18.35 -18.78 18.71
N PRO L 57 -19.31 -18.16 17.98
CA PRO L 57 -20.43 -17.51 18.64
C PRO L 57 -21.34 -18.51 19.34
N SER L 58 -22.06 -18.04 20.38
CA SER L 58 -23.03 -18.84 21.11
C SER L 58 -24.14 -19.31 20.13
N GLY L 59 -24.52 -20.59 20.21
CA GLY L 59 -25.56 -21.15 19.37
C GLY L 59 -25.05 -21.87 18.13
N VAL L 60 -23.71 -21.85 17.97
CA VAL L 60 -23.03 -22.56 16.89
C VAL L 60 -22.52 -23.86 17.54
N PRO L 61 -22.92 -25.05 16.98
CA PRO L 61 -22.52 -26.33 17.59
C PRO L 61 -21.01 -26.52 17.67
N ASP L 62 -20.57 -27.22 18.75
CA ASP L 62 -19.16 -27.50 19.07
C ASP L 62 -18.43 -28.13 17.88
N ARG L 63 -19.17 -28.86 17.03
CA ARG L 63 -18.64 -29.62 15.89
C ARG L 63 -18.08 -28.72 14.77
N PHE L 64 -18.28 -27.41 14.85
CA PHE L 64 -17.67 -26.43 13.93
C PHE L 64 -16.47 -25.82 14.63
N SER L 65 -15.30 -25.95 14.00
CA SER L 65 -14.08 -25.37 14.55
C SER L 65 -13.32 -24.67 13.45
N GLY L 66 -12.70 -23.58 13.84
CA GLY L 66 -11.88 -22.81 12.92
C GLY L 66 -10.42 -22.83 13.27
N SER L 67 -9.57 -22.94 12.27
CA SER L 67 -8.13 -22.93 12.43
C SER L 67 -7.49 -22.18 11.26
N LYS L 68 -6.17 -22.01 11.32
CA LYS L 68 -5.37 -21.31 10.31
C LYS L 68 -3.93 -21.86 10.40
N SER L 69 -3.34 -22.14 9.25
CA SER L 69 -1.97 -22.61 9.14
C SER L 69 -1.41 -21.91 7.90
N GLY L 70 -0.41 -21.05 8.15
CA GLY L 70 0.19 -20.23 7.12
C GLY L 70 -0.88 -19.29 6.59
N ASN L 71 -1.07 -19.31 5.23
CA ASN L 71 -2.03 -18.50 4.47
C ASN L 71 -3.35 -19.24 4.21
N THR L 72 -3.56 -20.34 4.96
CA THR L 72 -4.79 -21.09 4.81
C THR L 72 -5.58 -21.19 6.12
N ALA L 73 -6.79 -20.63 6.13
CA ALA L 73 -7.75 -20.78 7.22
C ALA L 73 -8.64 -21.99 6.86
N SER L 74 -9.05 -22.77 7.87
CA SER L 74 -9.84 -23.94 7.62
C SER L 74 -10.98 -24.10 8.60
N LEU L 75 -12.16 -24.40 8.07
CA LEU L 75 -13.34 -24.68 8.87
C LEU L 75 -13.51 -26.18 8.85
N THR L 76 -13.55 -26.81 10.04
CA THR L 76 -13.75 -28.26 10.18
C THR L 76 -15.10 -28.58 10.82
N ILE L 77 -15.92 -29.31 10.08
CA ILE L 77 -17.22 -29.80 10.53
C ILE L 77 -17.02 -31.28 10.94
N SER L 78 -16.82 -31.53 12.24
CA SER L 78 -16.65 -32.87 12.81
C SER L 78 -18.02 -33.51 12.96
N GLY L 79 -18.17 -34.78 12.56
CA GLY L 79 -19.44 -35.49 12.63
C GLY L 79 -20.59 -34.77 11.94
N LEU L 80 -20.60 -34.83 10.61
CA LEU L 80 -21.61 -34.20 9.76
C LEU L 80 -23.03 -34.61 10.07
N GLN L 81 -23.96 -33.68 9.86
CA GLN L 81 -25.39 -33.89 10.02
C GLN L 81 -26.08 -33.36 8.79
N ALA L 82 -27.31 -33.86 8.50
CA ALA L 82 -28.07 -33.46 7.31
C ALA L 82 -28.23 -31.94 7.18
N GLU L 83 -28.47 -31.23 8.31
CA GLU L 83 -28.65 -29.79 8.40
C GLU L 83 -27.37 -29.01 8.09
N ASP L 84 -26.24 -29.70 7.98
CA ASP L 84 -24.97 -29.07 7.64
C ASP L 84 -24.82 -28.90 6.13
N GLU L 85 -25.70 -29.53 5.30
CA GLU L 85 -25.68 -29.35 3.83
C GLU L 85 -26.15 -27.89 3.55
N ALA L 86 -25.16 -26.99 3.32
CA ALA L 86 -25.32 -25.57 3.05
C ALA L 86 -24.12 -25.01 2.27
N ASP L 87 -24.16 -23.71 1.93
CA ASP L 87 -23.08 -23.01 1.25
C ASP L 87 -22.28 -22.37 2.34
N TYR L 88 -20.94 -22.50 2.28
CA TYR L 88 -20.06 -21.92 3.30
C TYR L 88 -19.11 -20.91 2.70
N TYR L 89 -19.13 -19.67 3.22
CA TYR L 89 -18.25 -18.59 2.73
C TYR L 89 -17.25 -18.20 3.84
N CYS L 90 -15.99 -18.05 3.49
CA CYS L 90 -15.02 -17.57 4.44
C CYS L 90 -14.85 -16.09 4.15
N SER L 91 -14.39 -15.34 5.13
CA SER L 91 -14.20 -13.91 4.96
C SER L 91 -12.94 -13.46 5.66
N SER L 92 -12.28 -12.46 5.09
CA SER L 92 -11.11 -11.84 5.65
C SER L 92 -11.48 -10.36 5.85
N TYR L 93 -11.17 -9.82 7.02
CA TYR L 93 -11.50 -8.43 7.32
C TYR L 93 -10.32 -7.67 7.93
N ALA L 94 -9.13 -7.83 7.30
CA ALA L 94 -7.92 -7.18 7.76
C ALA L 94 -7.76 -5.82 7.15
N ASP L 95 -7.80 -5.71 5.81
CA ASP L 95 -7.70 -4.42 5.10
C ASP L 95 -9.08 -3.97 4.60
N SER L 96 -9.87 -4.92 4.06
CA SER L 96 -11.23 -4.69 3.60
C SER L 96 -12.03 -5.94 3.89
N VAL L 97 -13.36 -5.92 3.64
CA VAL L 97 -14.20 -7.10 3.85
C VAL L 97 -14.24 -7.90 2.54
N VAL L 98 -13.50 -9.00 2.49
CA VAL L 98 -13.47 -9.86 1.31
C VAL L 98 -14.13 -11.20 1.64
N PHE L 99 -14.76 -11.83 0.63
CA PHE L 99 -15.42 -13.12 0.80
C PHE L 99 -14.91 -14.10 -0.21
N GLY L 100 -14.85 -15.36 0.21
CA GLY L 100 -14.44 -16.45 -0.65
C GLY L 100 -15.58 -16.78 -1.60
N GLY L 101 -15.26 -17.61 -2.61
CA GLY L 101 -16.22 -18.03 -3.62
C GLY L 101 -17.36 -18.89 -3.12
N GLY L 102 -17.19 -19.48 -1.94
CA GLY L 102 -18.18 -20.35 -1.33
C GLY L 102 -17.87 -21.80 -1.59
N THR L 103 -18.37 -22.68 -0.71
CA THR L 103 -18.21 -24.12 -0.82
C THR L 103 -19.56 -24.81 -0.55
N LYS L 104 -19.99 -25.71 -1.46
CA LYS L 104 -21.21 -26.46 -1.22
C LYS L 104 -20.83 -27.69 -0.47
N VAL L 105 -21.26 -27.78 0.80
CA VAL L 105 -21.05 -28.95 1.64
C VAL L 105 -22.23 -29.85 1.37
N THR L 106 -21.96 -31.06 0.88
CA THR L 106 -23.02 -31.99 0.50
C THR L 106 -22.94 -33.16 1.45
N VAL L 107 -23.96 -33.34 2.28
CA VAL L 107 -24.03 -34.49 3.18
C VAL L 107 -24.62 -35.66 2.34
N LEU L 108 -23.72 -36.54 1.90
CA LEU L 108 -23.94 -37.64 0.96
C LEU L 108 -25.11 -38.61 1.34
N GLY L 109 -26.18 -38.45 0.55
CA GLY L 109 -27.43 -39.18 0.68
C GLY L 109 -27.65 -40.23 -0.39
N GLN L 110 -26.98 -40.06 -1.54
CA GLN L 110 -27.00 -41.00 -2.67
C GLN L 110 -25.58 -41.19 -3.22
N PRO L 111 -25.25 -42.25 -3.99
CA PRO L 111 -23.88 -42.36 -4.51
C PRO L 111 -23.60 -41.26 -5.54
N LYS L 112 -22.32 -40.87 -5.68
CA LYS L 112 -21.91 -39.83 -6.63
C LYS L 112 -22.23 -40.25 -8.07
N ALA L 113 -22.78 -39.30 -8.84
CA ALA L 113 -23.15 -39.54 -10.22
C ALA L 113 -22.48 -38.48 -11.08
N ALA L 114 -21.76 -38.92 -12.14
CA ALA L 114 -21.03 -38.01 -13.03
C ALA L 114 -22.01 -37.34 -13.97
N PRO L 115 -21.77 -36.07 -14.36
CA PRO L 115 -22.73 -35.37 -15.22
C PRO L 115 -22.79 -35.91 -16.64
N SER L 116 -24.00 -35.79 -17.23
CA SER L 116 -24.30 -36.18 -18.59
C SER L 116 -24.34 -34.88 -19.40
N VAL L 117 -23.35 -34.69 -20.28
CA VAL L 117 -23.27 -33.47 -21.07
C VAL L 117 -23.84 -33.63 -22.48
N THR L 118 -24.58 -32.61 -22.93
CA THR L 118 -25.17 -32.56 -24.27
C THR L 118 -24.88 -31.18 -24.84
N LEU L 119 -24.04 -31.13 -25.89
CA LEU L 119 -23.66 -29.87 -26.51
C LEU L 119 -24.32 -29.67 -27.86
N PHE L 120 -25.07 -28.57 -28.01
CA PHE L 120 -25.76 -28.25 -29.26
C PHE L 120 -25.13 -27.05 -29.94
N PRO L 121 -24.79 -27.15 -31.24
CA PRO L 121 -24.26 -25.98 -31.96
C PRO L 121 -25.37 -24.96 -32.28
N PRO L 122 -25.07 -23.74 -32.82
CA PRO L 122 -26.14 -22.81 -33.13
C PRO L 122 -27.03 -23.36 -34.25
N SER L 123 -28.33 -23.04 -34.17
CA SER L 123 -29.27 -23.50 -35.19
C SER L 123 -29.11 -22.67 -36.45
N SER L 124 -29.49 -23.25 -37.59
CA SER L 124 -29.48 -22.58 -38.90
C SER L 124 -30.41 -21.36 -38.80
N GLU L 125 -31.49 -21.47 -37.99
CA GLU L 125 -32.46 -20.43 -37.70
C GLU L 125 -31.77 -19.25 -37.04
N GLU L 126 -31.02 -19.51 -35.95
CA GLU L 126 -30.30 -18.48 -35.19
C GLU L 126 -29.25 -17.76 -36.02
N LEU L 127 -28.52 -18.51 -36.86
CA LEU L 127 -27.47 -17.94 -37.70
C LEU L 127 -28.03 -16.99 -38.76
N GLN L 128 -29.24 -17.34 -39.30
CA GLN L 128 -29.97 -16.51 -40.26
C GLN L 128 -30.42 -15.18 -39.61
N ALA L 129 -30.52 -15.17 -38.26
CA ALA L 129 -30.89 -14.02 -37.44
C ALA L 129 -29.65 -13.30 -36.86
N ASN L 130 -28.49 -13.51 -37.53
CA ASN L 130 -27.15 -12.94 -37.24
C ASN L 130 -26.69 -13.14 -35.79
N LYS L 131 -27.11 -14.24 -35.16
CA LYS L 131 -26.68 -14.56 -33.80
C LYS L 131 -26.24 -16.01 -33.73
N ALA L 132 -25.60 -16.40 -32.62
CA ALA L 132 -25.12 -17.75 -32.40
C ALA L 132 -25.04 -18.02 -30.90
N THR L 133 -25.62 -19.16 -30.47
CA THR L 133 -25.60 -19.58 -29.08
C THR L 133 -25.27 -21.07 -29.03
N LEU L 134 -24.20 -21.40 -28.32
CA LEU L 134 -23.78 -22.77 -28.09
C LEU L 134 -24.45 -23.17 -26.78
N VAL L 135 -25.24 -24.26 -26.81
CA VAL L 135 -26.01 -24.71 -25.64
C VAL L 135 -25.42 -25.99 -25.01
N CYS L 136 -24.87 -25.84 -23.79
CA CYS L 136 -24.29 -26.95 -23.04
C CYS L 136 -25.18 -27.34 -21.88
N LEU L 137 -25.86 -28.49 -22.01
CA LEU L 137 -26.81 -28.99 -21.01
C LEU L 137 -26.23 -30.10 -20.17
N ILE L 138 -26.04 -29.82 -18.88
CA ILE L 138 -25.47 -30.73 -17.89
C ILE L 138 -26.58 -31.29 -16.97
N SER L 139 -26.62 -32.61 -16.83
CA SER L 139 -27.68 -33.21 -16.00
C SER L 139 -27.23 -34.50 -15.29
N ASP L 140 -28.01 -34.92 -14.27
CA ASP L 140 -27.81 -36.13 -13.45
C ASP L 140 -26.47 -36.18 -12.72
N PHE L 141 -26.15 -35.09 -12.04
CA PHE L 141 -24.92 -35.05 -11.29
C PHE L 141 -25.16 -34.82 -9.82
N TYR L 142 -24.41 -35.53 -9.00
CA TYR L 142 -24.46 -35.40 -7.57
C TYR L 142 -23.02 -35.61 -7.08
N PRO L 143 -22.45 -34.77 -6.19
CA PRO L 143 -23.00 -33.56 -5.54
C PRO L 143 -23.35 -32.43 -6.52
N GLY L 144 -24.20 -31.51 -6.08
CA GLY L 144 -24.68 -30.42 -6.92
C GLY L 144 -23.74 -29.27 -7.12
N ALA L 145 -22.63 -29.50 -7.83
CA ALA L 145 -21.62 -28.49 -8.10
C ALA L 145 -20.79 -28.88 -9.33
N VAL L 146 -20.67 -27.94 -10.28
CA VAL L 146 -19.89 -28.14 -11.50
C VAL L 146 -19.15 -26.89 -11.89
N THR L 147 -18.08 -27.07 -12.68
CA THR L 147 -17.27 -26.00 -13.22
C THR L 147 -17.33 -26.12 -14.73
N VAL L 148 -17.90 -25.12 -15.42
CA VAL L 148 -17.99 -25.15 -16.88
C VAL L 148 -16.94 -24.22 -17.45
N ALA L 149 -16.19 -24.72 -18.45
CA ALA L 149 -15.13 -23.97 -19.12
C ALA L 149 -15.27 -24.14 -20.62
N TRP L 150 -15.38 -23.02 -21.35
CA TRP L 150 -15.51 -23.07 -22.82
C TRP L 150 -14.20 -22.88 -23.50
N LYS L 151 -14.06 -23.44 -24.71
CA LYS L 151 -12.81 -23.50 -25.48
C LYS L 151 -13.10 -23.39 -26.98
N ALA L 152 -12.38 -22.50 -27.68
CA ALA L 152 -12.45 -22.35 -29.14
C ALA L 152 -11.16 -22.97 -29.64
N ASP L 153 -11.25 -24.17 -30.30
CA ASP L 153 -10.11 -24.99 -30.74
C ASP L 153 -9.32 -25.35 -29.47
N SER L 154 -8.16 -24.71 -29.26
CA SER L 154 -7.34 -24.94 -28.07
C SER L 154 -7.57 -23.83 -27.01
N SER L 155 -7.63 -22.55 -27.47
CA SER L 155 -7.79 -21.30 -26.71
C SER L 155 -9.04 -21.22 -25.81
N PRO L 156 -8.93 -20.81 -24.52
CA PRO L 156 -10.14 -20.67 -23.66
C PRO L 156 -10.92 -19.39 -23.89
N VAL L 157 -12.23 -19.48 -23.71
CA VAL L 157 -13.20 -18.40 -23.89
C VAL L 157 -13.88 -18.04 -22.56
N LYS L 158 -13.71 -16.78 -22.11
CA LYS L 158 -14.29 -16.22 -20.89
C LYS L 158 -15.55 -15.41 -21.21
N ALA L 159 -15.47 -14.56 -22.26
CA ALA L 159 -16.54 -13.68 -22.74
C ALA L 159 -17.65 -14.42 -23.47
N GLY L 160 -18.89 -14.11 -23.09
CA GLY L 160 -20.07 -14.69 -23.71
C GLY L 160 -20.65 -15.86 -22.95
N VAL L 161 -19.94 -16.32 -21.91
CA VAL L 161 -20.37 -17.44 -21.08
C VAL L 161 -21.36 -17.00 -20.02
N GLU L 162 -22.47 -17.75 -19.90
CA GLU L 162 -23.54 -17.54 -18.92
C GLU L 162 -23.90 -18.95 -18.43
N THR L 163 -23.67 -19.24 -17.15
CA THR L 163 -23.94 -20.54 -16.55
C THR L 163 -24.97 -20.45 -15.40
N THR L 164 -25.93 -21.39 -15.36
CA THR L 164 -26.93 -21.43 -14.29
C THR L 164 -26.34 -22.05 -13.04
N THR L 165 -26.98 -21.80 -11.88
CA THR L 165 -26.60 -22.42 -10.61
C THR L 165 -27.21 -23.83 -10.67
N PRO L 166 -26.58 -24.89 -10.14
CA PRO L 166 -27.20 -26.22 -10.24
C PRO L 166 -28.47 -26.29 -9.41
N SER L 167 -29.55 -26.79 -9.99
CA SER L 167 -30.81 -26.92 -9.28
C SER L 167 -31.15 -28.39 -9.06
N LYS L 168 -31.77 -28.72 -7.90
CA LYS L 168 -32.18 -30.11 -7.59
C LYS L 168 -33.19 -30.55 -8.63
N GLN L 169 -33.05 -31.76 -9.18
CA GLN L 169 -34.03 -32.27 -10.15
C GLN L 169 -34.93 -33.32 -9.46
N SER L 170 -35.97 -33.83 -10.16
CA SER L 170 -36.95 -34.74 -9.59
C SER L 170 -36.36 -35.83 -8.68
N ASN L 171 -35.22 -36.43 -9.13
CA ASN L 171 -34.51 -37.55 -8.51
C ASN L 171 -33.48 -37.15 -7.47
N ASN L 172 -33.67 -35.99 -6.82
CA ASN L 172 -32.76 -35.43 -5.80
C ASN L 172 -31.31 -35.15 -6.30
N LYS L 173 -31.03 -35.45 -7.61
CA LYS L 173 -29.73 -35.18 -8.29
C LYS L 173 -29.70 -33.70 -8.74
N TYR L 174 -28.67 -33.25 -9.49
CA TYR L 174 -28.64 -31.85 -9.93
C TYR L 174 -28.51 -31.67 -11.45
N ALA L 175 -28.95 -30.48 -11.95
CA ALA L 175 -28.90 -30.11 -13.37
C ALA L 175 -28.51 -28.66 -13.56
N ALA L 176 -27.65 -28.40 -14.55
CA ALA L 176 -27.20 -27.05 -14.89
C ALA L 176 -27.11 -26.89 -16.39
N SER L 177 -27.01 -25.63 -16.86
CA SER L 177 -26.89 -25.31 -18.28
C SER L 177 -25.96 -24.12 -18.47
N SER L 178 -25.11 -24.17 -19.52
CA SER L 178 -24.21 -23.08 -19.84
C SER L 178 -24.34 -22.66 -21.31
N TYR L 179 -24.55 -21.36 -21.55
CA TYR L 179 -24.74 -20.85 -22.90
C TYR L 179 -23.56 -19.96 -23.29
N LEU L 180 -22.98 -20.21 -24.49
CA LEU L 180 -21.89 -19.38 -25.00
C LEU L 180 -22.39 -18.56 -26.17
N SER L 181 -22.51 -17.24 -25.95
CA SER L 181 -22.99 -16.30 -26.96
C SER L 181 -21.82 -15.89 -27.87
N LEU L 182 -21.95 -16.18 -29.18
CA LEU L 182 -20.96 -15.85 -30.20
C LEU L 182 -21.61 -15.10 -31.33
N THR L 183 -20.78 -14.63 -32.28
CA THR L 183 -21.23 -14.01 -33.51
C THR L 183 -21.12 -15.13 -34.57
N PRO L 184 -21.92 -15.11 -35.66
CA PRO L 184 -21.77 -16.14 -36.70
C PRO L 184 -20.35 -16.20 -37.28
N GLU L 185 -19.65 -15.05 -37.28
CA GLU L 185 -18.27 -14.86 -37.76
C GLU L 185 -17.29 -15.64 -36.86
N GLN L 186 -17.45 -15.50 -35.53
CA GLN L 186 -16.62 -16.17 -34.53
C GLN L 186 -16.82 -17.69 -34.60
N TRP L 187 -18.07 -18.13 -34.82
CA TRP L 187 -18.43 -19.55 -34.90
C TRP L 187 -17.77 -20.23 -36.10
N LYS L 188 -17.87 -19.61 -37.29
CA LYS L 188 -17.33 -20.16 -38.52
C LYS L 188 -15.79 -20.03 -38.63
N SER L 189 -15.17 -19.14 -37.83
CA SER L 189 -13.72 -18.90 -37.88
C SER L 189 -12.86 -19.98 -37.20
N HIS L 190 -13.42 -20.74 -36.24
CA HIS L 190 -12.69 -21.78 -35.53
C HIS L 190 -13.03 -23.17 -36.02
N LYS L 191 -12.08 -24.11 -35.89
CA LYS L 191 -12.23 -25.50 -36.30
C LYS L 191 -13.29 -26.23 -35.46
N SER L 192 -13.32 -25.95 -34.14
CA SER L 192 -14.28 -26.54 -33.19
C SER L 192 -14.45 -25.73 -31.90
N TYR L 193 -15.49 -26.07 -31.13
CA TYR L 193 -15.79 -25.47 -29.84
C TYR L 193 -16.06 -26.57 -28.81
N SER L 194 -15.47 -26.44 -27.63
CA SER L 194 -15.65 -27.45 -26.57
C SER L 194 -16.27 -26.88 -25.32
N CYS L 195 -17.08 -27.72 -24.67
CA CYS L 195 -17.70 -27.42 -23.38
C CYS L 195 -17.09 -28.39 -22.40
N GLN L 196 -16.33 -27.88 -21.40
CA GLN L 196 -15.67 -28.74 -20.44
C GLN L 196 -16.30 -28.66 -19.07
N VAL L 197 -16.99 -29.72 -18.64
CA VAL L 197 -17.59 -29.70 -17.31
C VAL L 197 -16.75 -30.53 -16.33
N THR L 198 -16.30 -29.88 -15.28
CA THR L 198 -15.50 -30.51 -14.25
C THR L 198 -16.43 -30.72 -13.06
N HIS L 199 -16.51 -31.95 -12.58
CA HIS L 199 -17.33 -32.37 -11.44
C HIS L 199 -16.51 -33.36 -10.65
N GLU L 200 -16.34 -33.10 -9.34
CA GLU L 200 -15.59 -33.92 -8.39
C GLU L 200 -14.27 -34.38 -9.03
N GLY L 201 -13.49 -33.39 -9.45
CA GLY L 201 -12.18 -33.57 -10.09
C GLY L 201 -12.11 -34.50 -11.28
N SER L 202 -13.17 -34.49 -12.12
CA SER L 202 -13.25 -35.28 -13.36
C SER L 202 -13.87 -34.42 -14.42
N THR L 203 -13.12 -34.19 -15.51
CA THR L 203 -13.56 -33.36 -16.59
C THR L 203 -14.10 -34.20 -17.76
N VAL L 204 -15.31 -33.79 -18.22
CA VAL L 204 -16.07 -34.33 -19.34
C VAL L 204 -16.10 -33.22 -20.37
N GLU L 205 -15.68 -33.52 -21.59
CA GLU L 205 -15.64 -32.57 -22.69
C GLU L 205 -16.57 -33.03 -23.83
N LYS L 206 -17.34 -32.09 -24.36
CA LYS L 206 -18.20 -32.31 -25.52
C LYS L 206 -17.81 -31.28 -26.57
N THR L 207 -17.66 -31.72 -27.84
CA THR L 207 -17.20 -30.85 -28.91
C THR L 207 -18.17 -30.76 -30.10
N VAL L 208 -18.26 -29.56 -30.71
CA VAL L 208 -19.05 -29.26 -31.92
C VAL L 208 -18.21 -28.49 -32.93
N ALA L 209 -18.46 -28.69 -34.24
CA ALA L 209 -17.72 -28.01 -35.30
C ALA L 209 -18.65 -27.38 -36.33
N PRO L 210 -18.33 -26.14 -36.81
CA PRO L 210 -19.20 -25.46 -37.80
C PRO L 210 -19.56 -26.25 -39.08
N THR L 211 -18.83 -27.34 -39.39
CA THR L 211 -19.06 -28.18 -40.57
C THR L 211 -20.16 -29.28 -40.30
#